data_2OI8
# 
_entry.id   2OI8 
# 
_audit_conform.dict_name       mmcif_pdbx.dic 
_audit_conform.dict_version    5.397 
_audit_conform.dict_location   http://mmcif.pdb.org/dictionaries/ascii/mmcif_pdbx.dic 
# 
loop_
_database_2.database_id 
_database_2.database_code 
_database_2.pdbx_database_accession 
_database_2.pdbx_DOI 
PDB   2OI8         pdb_00002oi8 10.2210/pdb2oi8/pdb 
RCSB  RCSB041167   ?            ?                   
WWPDB D_1000041167 ?            ?                   
# 
loop_
_pdbx_audit_revision_history.ordinal 
_pdbx_audit_revision_history.data_content_type 
_pdbx_audit_revision_history.major_revision 
_pdbx_audit_revision_history.minor_revision 
_pdbx_audit_revision_history.revision_date 
1 'Structure model' 1 0 2007-02-13 
2 'Structure model' 1 1 2008-05-01 
3 'Structure model' 1 2 2011-07-13 
4 'Structure model' 1 3 2023-12-27 
5 'Structure model' 1 4 2024-10-09 
# 
_pdbx_audit_revision_details.ordinal             1 
_pdbx_audit_revision_details.revision_ordinal    1 
_pdbx_audit_revision_details.data_content_type   'Structure model' 
_pdbx_audit_revision_details.provider            repository 
_pdbx_audit_revision_details.type                'Initial release' 
_pdbx_audit_revision_details.description         ? 
_pdbx_audit_revision_details.details             ? 
# 
loop_
_pdbx_audit_revision_group.ordinal 
_pdbx_audit_revision_group.revision_ordinal 
_pdbx_audit_revision_group.data_content_type 
_pdbx_audit_revision_group.group 
1 2 'Structure model' 'Version format compliance' 
2 3 'Structure model' Advisory                    
3 3 'Structure model' 'Derived calculations'      
4 3 'Structure model' 'Version format compliance' 
5 4 'Structure model' 'Data collection'           
6 4 'Structure model' 'Database references'       
7 4 'Structure model' 'Derived calculations'      
8 5 'Structure model' 'Structure summary'         
# 
loop_
_pdbx_audit_revision_category.ordinal 
_pdbx_audit_revision_category.revision_ordinal 
_pdbx_audit_revision_category.data_content_type 
_pdbx_audit_revision_category.category 
1 4 'Structure model' chem_comp_atom            
2 4 'Structure model' chem_comp_bond            
3 4 'Structure model' database_2                
4 4 'Structure model' struct_conn               
5 4 'Structure model' struct_ref_seq_dif        
6 5 'Structure model' pdbx_entry_details        
7 5 'Structure model' pdbx_modification_feature 
# 
loop_
_pdbx_audit_revision_item.ordinal 
_pdbx_audit_revision_item.revision_ordinal 
_pdbx_audit_revision_item.data_content_type 
_pdbx_audit_revision_item.item 
1 4 'Structure model' '_database_2.pdbx_DOI'                
2 4 'Structure model' '_database_2.pdbx_database_accession' 
3 4 'Structure model' '_struct_conn.pdbx_leaving_atom_flag' 
4 4 'Structure model' '_struct_ref_seq_dif.details'         
# 
_pdbx_database_status.status_code                     REL 
_pdbx_database_status.entry_id                        2OI8 
_pdbx_database_status.recvd_initial_deposition_date   2007-01-10 
_pdbx_database_status.deposit_site                    RCSB 
_pdbx_database_status.process_site                    RCSB 
_pdbx_database_status.status_code_sf                  REL 
_pdbx_database_status.status_code_mr                  ? 
_pdbx_database_status.SG_entry                        Y 
_pdbx_database_status.pdb_format_compatible           Y 
_pdbx_database_status.status_code_cs                  ? 
_pdbx_database_status.status_code_nmr_data            ? 
_pdbx_database_status.methods_development_category    ? 
# 
_pdbx_database_related.db_name        TargetDB 
_pdbx_database_related.db_id          APC6291 
_pdbx_database_related.details        . 
_pdbx_database_related.content_type   unspecified 
# 
loop_
_audit_author.name 
_audit_author.pdbx_ordinal 
'Chang, C.'                                     1 
'Xu, X.'                                        2 
'Zheng, H.'                                     3 
'Savchenko, A.'                                 4 
'Edwards, A.M.'                                 5 
'Joachimiak, A.'                                6 
'Midwest Center for Structural Genomics (MCSG)' 7 
# 
_citation.id                        primary 
_citation.title                     'Crystal structure of tetR family protein SCO4313' 
_citation.journal_abbrev            'To be Published' 
_citation.journal_volume            ? 
_citation.page_first                ? 
_citation.page_last                 ? 
_citation.year                      ? 
_citation.journal_id_ASTM           ? 
_citation.country                   ? 
_citation.journal_id_ISSN           ? 
_citation.journal_id_CSD            0353 
_citation.book_publisher            ? 
_citation.pdbx_database_id_PubMed   ? 
_citation.pdbx_database_id_DOI      ? 
# 
loop_
_citation_author.citation_id 
_citation_author.name 
_citation_author.ordinal 
_citation_author.identifier_ORCID 
primary 'Chang, C.'      1 ? 
primary 'Xu, X.'         2 ? 
primary 'Zheng, H.'      3 ? 
primary 'Savchenko, A.'  4 ? 
primary 'Edwards, A.M.'  5 ? 
primary 'Joachimiak, A.' 6 ? 
# 
loop_
_entity.id 
_entity.type 
_entity.src_method 
_entity.pdbx_description 
_entity.formula_weight 
_entity.pdbx_number_of_molecules 
_entity.pdbx_ec 
_entity.pdbx_mutation 
_entity.pdbx_fragment 
_entity.details 
1 polymer man 'Putative regulatory protein SCO4313' 23673.783 1  ? ? ? ? 
2 water   nat water                                 18.015    43 ? ? ? ? 
# 
_entity_poly.entity_id                      1 
_entity_poly.type                           'polypeptide(L)' 
_entity_poly.nstd_linkage                   no 
_entity_poly.nstd_monomer                   yes 
_entity_poly.pdbx_seq_one_letter_code       
;(MSE)PEARTSTPRERYRTQVRAEIKDHAWEQIATAGASALSLNAIAKR(MSE)G(MSE)SGPALYRYFDGRDELITELI
RDAYRSQADSLRAAAASGADLAGLAHALRAWALDDPQRYFLIFGTPVPGYRAPDDITEIAAET(MSE)AVIVDACAALPP
SDGTDGAFDAHLDTHRQWAGDRPAPSSALHRALSFWSRLHGVLSLELAGQFTG(MSE)GFDSALLFEAELKDLLGP
;
_entity_poly.pdbx_seq_one_letter_code_can   
;MPEARTSTPRERYRTQVRAEIKDHAWEQIATAGASALSLNAIAKRMGMSGPALYRYFDGRDELITELIRDAYRSQADSLR
AAAASGADLAGLAHALRAWALDDPQRYFLIFGTPVPGYRAPDDITEIAAETMAVIVDACAALPPSDGTDGAFDAHLDTHR
QWAGDRPAPSSALHRALSFWSRLHGVLSLELAGQFTGMGFDSALLFEAELKDLLGP
;
_entity_poly.pdbx_strand_id                 A 
_entity_poly.pdbx_target_identifier         APC6291 
# 
_pdbx_entity_nonpoly.entity_id   2 
_pdbx_entity_nonpoly.name        water 
_pdbx_entity_nonpoly.comp_id     HOH 
# 
loop_
_entity_poly_seq.entity_id 
_entity_poly_seq.num 
_entity_poly_seq.mon_id 
_entity_poly_seq.hetero 
1 1   MSE n 
1 2   PRO n 
1 3   GLU n 
1 4   ALA n 
1 5   ARG n 
1 6   THR n 
1 7   SER n 
1 8   THR n 
1 9   PRO n 
1 10  ARG n 
1 11  GLU n 
1 12  ARG n 
1 13  TYR n 
1 14  ARG n 
1 15  THR n 
1 16  GLN n 
1 17  VAL n 
1 18  ARG n 
1 19  ALA n 
1 20  GLU n 
1 21  ILE n 
1 22  LYS n 
1 23  ASP n 
1 24  HIS n 
1 25  ALA n 
1 26  TRP n 
1 27  GLU n 
1 28  GLN n 
1 29  ILE n 
1 30  ALA n 
1 31  THR n 
1 32  ALA n 
1 33  GLY n 
1 34  ALA n 
1 35  SER n 
1 36  ALA n 
1 37  LEU n 
1 38  SER n 
1 39  LEU n 
1 40  ASN n 
1 41  ALA n 
1 42  ILE n 
1 43  ALA n 
1 44  LYS n 
1 45  ARG n 
1 46  MSE n 
1 47  GLY n 
1 48  MSE n 
1 49  SER n 
1 50  GLY n 
1 51  PRO n 
1 52  ALA n 
1 53  LEU n 
1 54  TYR n 
1 55  ARG n 
1 56  TYR n 
1 57  PHE n 
1 58  ASP n 
1 59  GLY n 
1 60  ARG n 
1 61  ASP n 
1 62  GLU n 
1 63  LEU n 
1 64  ILE n 
1 65  THR n 
1 66  GLU n 
1 67  LEU n 
1 68  ILE n 
1 69  ARG n 
1 70  ASP n 
1 71  ALA n 
1 72  TYR n 
1 73  ARG n 
1 74  SER n 
1 75  GLN n 
1 76  ALA n 
1 77  ASP n 
1 78  SER n 
1 79  LEU n 
1 80  ARG n 
1 81  ALA n 
1 82  ALA n 
1 83  ALA n 
1 84  ALA n 
1 85  SER n 
1 86  GLY n 
1 87  ALA n 
1 88  ASP n 
1 89  LEU n 
1 90  ALA n 
1 91  GLY n 
1 92  LEU n 
1 93  ALA n 
1 94  HIS n 
1 95  ALA n 
1 96  LEU n 
1 97  ARG n 
1 98  ALA n 
1 99  TRP n 
1 100 ALA n 
1 101 LEU n 
1 102 ASP n 
1 103 ASP n 
1 104 PRO n 
1 105 GLN n 
1 106 ARG n 
1 107 TYR n 
1 108 PHE n 
1 109 LEU n 
1 110 ILE n 
1 111 PHE n 
1 112 GLY n 
1 113 THR n 
1 114 PRO n 
1 115 VAL n 
1 116 PRO n 
1 117 GLY n 
1 118 TYR n 
1 119 ARG n 
1 120 ALA n 
1 121 PRO n 
1 122 ASP n 
1 123 ASP n 
1 124 ILE n 
1 125 THR n 
1 126 GLU n 
1 127 ILE n 
1 128 ALA n 
1 129 ALA n 
1 130 GLU n 
1 131 THR n 
1 132 MSE n 
1 133 ALA n 
1 134 VAL n 
1 135 ILE n 
1 136 VAL n 
1 137 ASP n 
1 138 ALA n 
1 139 CYS n 
1 140 ALA n 
1 141 ALA n 
1 142 LEU n 
1 143 PRO n 
1 144 PRO n 
1 145 SER n 
1 146 ASP n 
1 147 GLY n 
1 148 THR n 
1 149 ASP n 
1 150 GLY n 
1 151 ALA n 
1 152 PHE n 
1 153 ASP n 
1 154 ALA n 
1 155 HIS n 
1 156 LEU n 
1 157 ASP n 
1 158 THR n 
1 159 HIS n 
1 160 ARG n 
1 161 GLN n 
1 162 TRP n 
1 163 ALA n 
1 164 GLY n 
1 165 ASP n 
1 166 ARG n 
1 167 PRO n 
1 168 ALA n 
1 169 PRO n 
1 170 SER n 
1 171 SER n 
1 172 ALA n 
1 173 LEU n 
1 174 HIS n 
1 175 ARG n 
1 176 ALA n 
1 177 LEU n 
1 178 SER n 
1 179 PHE n 
1 180 TRP n 
1 181 SER n 
1 182 ARG n 
1 183 LEU n 
1 184 HIS n 
1 185 GLY n 
1 186 VAL n 
1 187 LEU n 
1 188 SER n 
1 189 LEU n 
1 190 GLU n 
1 191 LEU n 
1 192 ALA n 
1 193 GLY n 
1 194 GLN n 
1 195 PHE n 
1 196 THR n 
1 197 GLY n 
1 198 MSE n 
1 199 GLY n 
1 200 PHE n 
1 201 ASP n 
1 202 SER n 
1 203 ALA n 
1 204 LEU n 
1 205 LEU n 
1 206 PHE n 
1 207 GLU n 
1 208 ALA n 
1 209 GLU n 
1 210 LEU n 
1 211 LYS n 
1 212 ASP n 
1 213 LEU n 
1 214 LEU n 
1 215 GLY n 
1 216 PRO n 
# 
_entity_src_gen.entity_id                          1 
_entity_src_gen.pdbx_src_id                        1 
_entity_src_gen.pdbx_alt_source_flag               sample 
_entity_src_gen.pdbx_seq_type                      ? 
_entity_src_gen.pdbx_beg_seq_num                   ? 
_entity_src_gen.pdbx_end_seq_num                   ? 
_entity_src_gen.gene_src_common_name               ? 
_entity_src_gen.gene_src_genus                     Streptomyces 
_entity_src_gen.pdbx_gene_src_gene                 SCO4313 
_entity_src_gen.gene_src_species                   ? 
_entity_src_gen.gene_src_strain                    ? 
_entity_src_gen.gene_src_tissue                    ? 
_entity_src_gen.gene_src_tissue_fraction           ? 
_entity_src_gen.gene_src_details                   ? 
_entity_src_gen.pdbx_gene_src_fragment             ? 
_entity_src_gen.pdbx_gene_src_scientific_name      'Streptomyces coelicolor' 
_entity_src_gen.pdbx_gene_src_ncbi_taxonomy_id     1902 
_entity_src_gen.pdbx_gene_src_variant              ? 
_entity_src_gen.pdbx_gene_src_cell_line            ? 
_entity_src_gen.pdbx_gene_src_atcc                 ? 
_entity_src_gen.pdbx_gene_src_organ                ? 
_entity_src_gen.pdbx_gene_src_organelle            ? 
_entity_src_gen.pdbx_gene_src_cell                 ? 
_entity_src_gen.pdbx_gene_src_cellular_location    ? 
_entity_src_gen.host_org_common_name               ? 
_entity_src_gen.pdbx_host_org_scientific_name      'Escherichia coli' 
_entity_src_gen.pdbx_host_org_ncbi_taxonomy_id     562 
_entity_src_gen.host_org_genus                     Escherichia 
_entity_src_gen.pdbx_host_org_gene                 ? 
_entity_src_gen.pdbx_host_org_organ                ? 
_entity_src_gen.host_org_species                   ? 
_entity_src_gen.pdbx_host_org_tissue               ? 
_entity_src_gen.pdbx_host_org_tissue_fraction      ? 
_entity_src_gen.pdbx_host_org_strain               'BL21(DE3) derivative' 
_entity_src_gen.pdbx_host_org_variant              ? 
_entity_src_gen.pdbx_host_org_cell_line            ? 
_entity_src_gen.pdbx_host_org_atcc                 ? 
_entity_src_gen.pdbx_host_org_culture_collection   ? 
_entity_src_gen.pdbx_host_org_cell                 ? 
_entity_src_gen.pdbx_host_org_organelle            ? 
_entity_src_gen.pdbx_host_org_cellular_location    ? 
_entity_src_gen.pdbx_host_org_vector_type          Plasmid 
_entity_src_gen.pdbx_host_org_vector               ? 
_entity_src_gen.host_org_details                   ? 
_entity_src_gen.expression_system_id               ? 
_entity_src_gen.plasmid_name                       'pET derivative' 
_entity_src_gen.plasmid_details                    ? 
_entity_src_gen.pdbx_description                   ? 
# 
loop_
_chem_comp.id 
_chem_comp.type 
_chem_comp.mon_nstd_flag 
_chem_comp.name 
_chem_comp.pdbx_synonyms 
_chem_comp.formula 
_chem_comp.formula_weight 
ALA 'L-peptide linking' y ALANINE          ? 'C3 H7 N O2'     89.093  
ARG 'L-peptide linking' y ARGININE         ? 'C6 H15 N4 O2 1' 175.209 
ASN 'L-peptide linking' y ASPARAGINE       ? 'C4 H8 N2 O3'    132.118 
ASP 'L-peptide linking' y 'ASPARTIC ACID'  ? 'C4 H7 N O4'     133.103 
CYS 'L-peptide linking' y CYSTEINE         ? 'C3 H7 N O2 S'   121.158 
GLN 'L-peptide linking' y GLUTAMINE        ? 'C5 H10 N2 O3'   146.144 
GLU 'L-peptide linking' y 'GLUTAMIC ACID'  ? 'C5 H9 N O4'     147.129 
GLY 'peptide linking'   y GLYCINE          ? 'C2 H5 N O2'     75.067  
HIS 'L-peptide linking' y HISTIDINE        ? 'C6 H10 N3 O2 1' 156.162 
HOH non-polymer         . WATER            ? 'H2 O'           18.015  
ILE 'L-peptide linking' y ISOLEUCINE       ? 'C6 H13 N O2'    131.173 
LEU 'L-peptide linking' y LEUCINE          ? 'C6 H13 N O2'    131.173 
LYS 'L-peptide linking' y LYSINE           ? 'C6 H15 N2 O2 1' 147.195 
MET 'L-peptide linking' y METHIONINE       ? 'C5 H11 N O2 S'  149.211 
MSE 'L-peptide linking' n SELENOMETHIONINE ? 'C5 H11 N O2 Se' 196.106 
PHE 'L-peptide linking' y PHENYLALANINE    ? 'C9 H11 N O2'    165.189 
PRO 'L-peptide linking' y PROLINE          ? 'C5 H9 N O2'     115.130 
SER 'L-peptide linking' y SERINE           ? 'C3 H7 N O3'     105.093 
THR 'L-peptide linking' y THREONINE        ? 'C4 H9 N O3'     119.119 
TRP 'L-peptide linking' y TRYPTOPHAN       ? 'C11 H12 N2 O2'  204.225 
TYR 'L-peptide linking' y TYROSINE         ? 'C9 H11 N O3'    181.189 
VAL 'L-peptide linking' y VALINE           ? 'C5 H11 N O2'    117.146 
# 
loop_
_pdbx_poly_seq_scheme.asym_id 
_pdbx_poly_seq_scheme.entity_id 
_pdbx_poly_seq_scheme.seq_id 
_pdbx_poly_seq_scheme.mon_id 
_pdbx_poly_seq_scheme.ndb_seq_num 
_pdbx_poly_seq_scheme.pdb_seq_num 
_pdbx_poly_seq_scheme.auth_seq_num 
_pdbx_poly_seq_scheme.pdb_mon_id 
_pdbx_poly_seq_scheme.auth_mon_id 
_pdbx_poly_seq_scheme.pdb_strand_id 
_pdbx_poly_seq_scheme.pdb_ins_code 
_pdbx_poly_seq_scheme.hetero 
A 1 1   MSE 1   1   ?   ?   ?   A . n 
A 1 2   PRO 2   2   ?   ?   ?   A . n 
A 1 3   GLU 3   3   ?   ?   ?   A . n 
A 1 4   ALA 4   4   ?   ?   ?   A . n 
A 1 5   ARG 5   5   ?   ?   ?   A . n 
A 1 6   THR 6   6   ?   ?   ?   A . n 
A 1 7   SER 7   7   ?   ?   ?   A . n 
A 1 8   THR 8   8   8   THR ALA A . n 
A 1 9   PRO 9   9   9   PRO PRO A . n 
A 1 10  ARG 10  10  10  ARG ARG A . n 
A 1 11  GLU 11  11  11  GLU GLU A . n 
A 1 12  ARG 12  12  12  ARG ARG A . n 
A 1 13  TYR 13  13  13  TYR TYR A . n 
A 1 14  ARG 14  14  14  ARG ARG A . n 
A 1 15  THR 15  15  15  THR THR A . n 
A 1 16  GLN 16  16  16  GLN GLN A . n 
A 1 17  VAL 17  17  17  VAL VAL A . n 
A 1 18  ARG 18  18  18  ARG ARG A . n 
A 1 19  ALA 19  19  19  ALA ALA A . n 
A 1 20  GLU 20  20  20  GLU GLU A . n 
A 1 21  ILE 21  21  21  ILE ILE A . n 
A 1 22  LYS 22  22  22  LYS LYS A . n 
A 1 23  ASP 23  23  23  ASP ASP A . n 
A 1 24  HIS 24  24  24  HIS HIS A . n 
A 1 25  ALA 25  25  25  ALA ALA A . n 
A 1 26  TRP 26  26  26  TRP TRP A . n 
A 1 27  GLU 27  27  27  GLU GLU A . n 
A 1 28  GLN 28  28  28  GLN GLN A . n 
A 1 29  ILE 29  29  29  ILE ILE A . n 
A 1 30  ALA 30  30  30  ALA ALA A . n 
A 1 31  THR 31  31  31  THR THR A . n 
A 1 32  ALA 32  32  32  ALA ALA A . n 
A 1 33  GLY 33  33  33  GLY GLY A . n 
A 1 34  ALA 34  34  34  ALA ALA A . n 
A 1 35  SER 35  35  35  SER SER A . n 
A 1 36  ALA 36  36  36  ALA ALA A . n 
A 1 37  LEU 37  37  37  LEU LEU A . n 
A 1 38  SER 38  38  38  SER SER A . n 
A 1 39  LEU 39  39  39  LEU LEU A . n 
A 1 40  ASN 40  40  40  ASN ASN A . n 
A 1 41  ALA 41  41  41  ALA ALA A . n 
A 1 42  ILE 42  42  42  ILE ILE A . n 
A 1 43  ALA 43  43  43  ALA ALA A . n 
A 1 44  LYS 44  44  44  LYS ALA A . n 
A 1 45  ARG 45  45  45  ARG ARG A . n 
A 1 46  MSE 46  46  46  MSE MSE A . n 
A 1 47  GLY 47  47  47  GLY GLY A . n 
A 1 48  MSE 48  48  48  MSE MSE A . n 
A 1 49  SER 49  49  49  SER SER A . n 
A 1 50  GLY 50  50  50  GLY GLY A . n 
A 1 51  PRO 51  51  51  PRO PRO A . n 
A 1 52  ALA 52  52  52  ALA ALA A . n 
A 1 53  LEU 53  53  53  LEU LEU A . n 
A 1 54  TYR 54  54  54  TYR TYR A . n 
A 1 55  ARG 55  55  55  ARG ALA A . n 
A 1 56  TYR 56  56  56  TYR TYR A . n 
A 1 57  PHE 57  57  57  PHE PHE A . n 
A 1 58  ASP 58  58  58  ASP ASP A . n 
A 1 59  GLY 59  59  59  GLY GLY A . n 
A 1 60  ARG 60  60  60  ARG ARG A . n 
A 1 61  ASP 61  61  61  ASP ASP A . n 
A 1 62  GLU 62  62  62  GLU GLU A . n 
A 1 63  LEU 63  63  63  LEU LEU A . n 
A 1 64  ILE 64  64  64  ILE ILE A . n 
A 1 65  THR 65  65  65  THR THR A . n 
A 1 66  GLU 66  66  66  GLU GLU A . n 
A 1 67  LEU 67  67  67  LEU LEU A . n 
A 1 68  ILE 68  68  68  ILE ILE A . n 
A 1 69  ARG 69  69  69  ARG ARG A . n 
A 1 70  ASP 70  70  70  ASP ASP A . n 
A 1 71  ALA 71  71  71  ALA ALA A . n 
A 1 72  TYR 72  72  72  TYR TYR A . n 
A 1 73  ARG 73  73  73  ARG ARG A . n 
A 1 74  SER 74  74  74  SER SER A . n 
A 1 75  GLN 75  75  75  GLN GLN A . n 
A 1 76  ALA 76  76  76  ALA ALA A . n 
A 1 77  ASP 77  77  77  ASP ASP A . n 
A 1 78  SER 78  78  78  SER SER A . n 
A 1 79  LEU 79  79  79  LEU LEU A . n 
A 1 80  ARG 80  80  80  ARG ARG A . n 
A 1 81  ALA 81  81  81  ALA ALA A . n 
A 1 82  ALA 82  82  82  ALA ALA A . n 
A 1 83  ALA 83  83  83  ALA ALA A . n 
A 1 84  ALA 84  84  84  ALA ALA A . n 
A 1 85  SER 85  85  85  SER SER A . n 
A 1 86  GLY 86  86  86  GLY GLY A . n 
A 1 87  ALA 87  87  87  ALA ALA A . n 
A 1 88  ASP 88  88  88  ASP ASP A . n 
A 1 89  LEU 89  89  89  LEU LEU A . n 
A 1 90  ALA 90  90  90  ALA ALA A . n 
A 1 91  GLY 91  91  91  GLY GLY A . n 
A 1 92  LEU 92  92  92  LEU LEU A . n 
A 1 93  ALA 93  93  93  ALA ALA A . n 
A 1 94  HIS 94  94  94  HIS HIS A . n 
A 1 95  ALA 95  95  95  ALA ALA A . n 
A 1 96  LEU 96  96  96  LEU LEU A . n 
A 1 97  ARG 97  97  97  ARG ARG A . n 
A 1 98  ALA 98  98  98  ALA ALA A . n 
A 1 99  TRP 99  99  99  TRP TRP A . n 
A 1 100 ALA 100 100 100 ALA ALA A . n 
A 1 101 LEU 101 101 101 LEU LEU A . n 
A 1 102 ASP 102 102 102 ASP ASP A . n 
A 1 103 ASP 103 103 103 ASP ASP A . n 
A 1 104 PRO 104 104 104 PRO PRO A . n 
A 1 105 GLN 105 105 105 GLN GLN A . n 
A 1 106 ARG 106 106 106 ARG ARG A . n 
A 1 107 TYR 107 107 107 TYR TYR A . n 
A 1 108 PHE 108 108 108 PHE PHE A . n 
A 1 109 LEU 109 109 109 LEU LEU A . n 
A 1 110 ILE 110 110 110 ILE ILE A . n 
A 1 111 PHE 111 111 111 PHE PHE A . n 
A 1 112 GLY 112 112 112 GLY GLY A . n 
A 1 113 THR 113 113 113 THR THR A . n 
A 1 114 PRO 114 114 114 PRO PRO A . n 
A 1 115 VAL 115 115 115 VAL VAL A . n 
A 1 116 PRO 116 116 116 PRO PRO A . n 
A 1 117 GLY 117 117 117 GLY GLY A . n 
A 1 118 TYR 118 118 118 TYR TYR A . n 
A 1 119 ARG 119 119 119 ARG ARG A . n 
A 1 120 ALA 120 120 120 ALA ALA A . n 
A 1 121 PRO 121 121 121 PRO PRO A . n 
A 1 122 ASP 122 122 122 ASP ASP A . n 
A 1 123 ASP 123 123 123 ASP ASP A . n 
A 1 124 ILE 124 124 124 ILE ALA A . n 
A 1 125 THR 125 125 125 THR THR A . n 
A 1 126 GLU 126 126 126 GLU ALA A . n 
A 1 127 ILE 127 127 127 ILE ALA A . n 
A 1 128 ALA 128 128 128 ALA ALA A . n 
A 1 129 ALA 129 129 129 ALA ALA A . n 
A 1 130 GLU 130 130 130 GLU ALA A . n 
A 1 131 THR 131 131 131 THR THR A . n 
A 1 132 MSE 132 132 132 MSE MSE A . n 
A 1 133 ALA 133 133 133 ALA ALA A . n 
A 1 134 VAL 134 134 134 VAL VAL A . n 
A 1 135 ILE 135 135 135 ILE ILE A . n 
A 1 136 VAL 136 136 136 VAL VAL A . n 
A 1 137 ASP 137 137 137 ASP ASP A . n 
A 1 138 ALA 138 138 138 ALA ALA A . n 
A 1 139 CYS 139 139 139 CYS CYS A . n 
A 1 140 ALA 140 140 140 ALA ALA A . n 
A 1 141 ALA 141 141 141 ALA ALA A . n 
A 1 142 LEU 142 142 ?   ?   ?   A . n 
A 1 143 PRO 143 143 ?   ?   ?   A . n 
A 1 144 PRO 144 144 ?   ?   ?   A . n 
A 1 145 SER 145 145 ?   ?   ?   A . n 
A 1 146 ASP 146 146 ?   ?   ?   A . n 
A 1 147 GLY 147 147 147 GLY GLY A . n 
A 1 148 THR 148 148 148 THR THR A . n 
A 1 149 ASP 149 149 149 ASP ASP A . n 
A 1 150 GLY 150 150 150 GLY GLY A . n 
A 1 151 ALA 151 151 151 ALA ALA A . n 
A 1 152 PHE 152 152 152 PHE PHE A . n 
A 1 153 ASP 153 153 153 ASP ASP A . n 
A 1 154 ALA 154 154 154 ALA ALA A . n 
A 1 155 HIS 155 155 155 HIS HIS A . n 
A 1 156 LEU 156 156 156 LEU LEU A . n 
A 1 157 ASP 157 157 157 ASP ASP A . n 
A 1 158 THR 158 158 158 THR THR A . n 
A 1 159 HIS 159 159 159 HIS HIS A . n 
A 1 160 ARG 160 160 160 ARG ARG A . n 
A 1 161 GLN 161 161 161 GLN ALA A . n 
A 1 162 TRP 162 162 162 TRP TRP A . n 
A 1 163 ALA 163 163 163 ALA ALA A . n 
A 1 164 GLY 164 164 ?   ?   ?   A . n 
A 1 165 ASP 165 165 165 ASP ALA A . n 
A 1 166 ARG 166 166 166 ARG ARG A . n 
A 1 167 PRO 167 167 167 PRO PRO A . n 
A 1 168 ALA 168 168 168 ALA ALA A . n 
A 1 169 PRO 169 169 169 PRO PRO A . n 
A 1 170 SER 170 170 170 SER SER A . n 
A 1 171 SER 171 171 171 SER SER A . n 
A 1 172 ALA 172 172 172 ALA ALA A . n 
A 1 173 LEU 173 173 173 LEU LEU A . n 
A 1 174 HIS 174 174 174 HIS HIS A . n 
A 1 175 ARG 175 175 175 ARG ARG A . n 
A 1 176 ALA 176 176 176 ALA ALA A . n 
A 1 177 LEU 177 177 177 LEU LEU A . n 
A 1 178 SER 178 178 178 SER SER A . n 
A 1 179 PHE 179 179 179 PHE PHE A . n 
A 1 180 TRP 180 180 180 TRP TRP A . n 
A 1 181 SER 181 181 181 SER SER A . n 
A 1 182 ARG 182 182 182 ARG ARG A . n 
A 1 183 LEU 183 183 183 LEU LEU A . n 
A 1 184 HIS 184 184 184 HIS HIS A . n 
A 1 185 GLY 185 185 185 GLY GLY A . n 
A 1 186 VAL 186 186 186 VAL VAL A . n 
A 1 187 LEU 187 187 187 LEU LEU A . n 
A 1 188 SER 188 188 188 SER SER A . n 
A 1 189 LEU 189 189 189 LEU LEU A . n 
A 1 190 GLU 190 190 190 GLU GLU A . n 
A 1 191 LEU 191 191 191 LEU LEU A . n 
A 1 192 ALA 192 192 192 ALA ALA A . n 
A 1 193 GLY 193 193 193 GLY GLY A . n 
A 1 194 GLN 194 194 194 GLN GLN A . n 
A 1 195 PHE 195 195 195 PHE PHE A . n 
A 1 196 THR 196 196 196 THR THR A . n 
A 1 197 GLY 197 197 197 GLY GLY A . n 
A 1 198 MSE 198 198 198 MSE MSE A . n 
A 1 199 GLY 199 199 199 GLY GLY A . n 
A 1 200 PHE 200 200 200 PHE PHE A . n 
A 1 201 ASP 201 201 201 ASP ASP A . n 
A 1 202 SER 202 202 202 SER SER A . n 
A 1 203 ALA 203 203 203 ALA ALA A . n 
A 1 204 LEU 204 204 204 LEU LEU A . n 
A 1 205 LEU 205 205 205 LEU LEU A . n 
A 1 206 PHE 206 206 206 PHE PHE A . n 
A 1 207 GLU 207 207 207 GLU GLU A . n 
A 1 208 ALA 208 208 208 ALA ALA A . n 
A 1 209 GLU 209 209 209 GLU GLU A . n 
A 1 210 LEU 210 210 210 LEU LEU A . n 
A 1 211 LYS 211 211 211 LYS LYS A . n 
A 1 212 ASP 212 212 212 ASP ASP A . n 
A 1 213 LEU 213 213 213 LEU LEU A . n 
A 1 214 LEU 214 214 214 LEU LEU A . n 
A 1 215 GLY 215 215 215 GLY GLY A . n 
A 1 216 PRO 216 216 216 PRO PRO A . n 
# 
loop_
_pdbx_nonpoly_scheme.asym_id 
_pdbx_nonpoly_scheme.entity_id 
_pdbx_nonpoly_scheme.mon_id 
_pdbx_nonpoly_scheme.ndb_seq_num 
_pdbx_nonpoly_scheme.pdb_seq_num 
_pdbx_nonpoly_scheme.auth_seq_num 
_pdbx_nonpoly_scheme.pdb_mon_id 
_pdbx_nonpoly_scheme.auth_mon_id 
_pdbx_nonpoly_scheme.pdb_strand_id 
_pdbx_nonpoly_scheme.pdb_ins_code 
B 2 HOH 1  217 1  HOH HOH A . 
B 2 HOH 2  218 2  HOH HOH A . 
B 2 HOH 3  219 3  HOH HOH A . 
B 2 HOH 4  220 4  HOH HOH A . 
B 2 HOH 5  221 5  HOH HOH A . 
B 2 HOH 6  222 6  HOH HOH A . 
B 2 HOH 7  223 7  HOH HOH A . 
B 2 HOH 8  224 8  HOH HOH A . 
B 2 HOH 9  225 9  HOH HOH A . 
B 2 HOH 10 226 10 HOH HOH A . 
B 2 HOH 11 227 11 HOH HOH A . 
B 2 HOH 12 228 12 HOH HOH A . 
B 2 HOH 13 229 13 HOH HOH A . 
B 2 HOH 14 230 14 HOH HOH A . 
B 2 HOH 15 231 15 HOH HOH A . 
B 2 HOH 16 232 16 HOH HOH A . 
B 2 HOH 17 233 17 HOH HOH A . 
B 2 HOH 18 234 18 HOH HOH A . 
B 2 HOH 19 235 19 HOH HOH A . 
B 2 HOH 20 236 20 HOH HOH A . 
B 2 HOH 21 237 21 HOH HOH A . 
B 2 HOH 22 238 22 HOH HOH A . 
B 2 HOH 23 239 23 HOH HOH A . 
B 2 HOH 24 240 24 HOH HOH A . 
B 2 HOH 25 241 25 HOH HOH A . 
B 2 HOH 26 242 26 HOH HOH A . 
B 2 HOH 27 243 27 HOH HOH A . 
B 2 HOH 28 244 28 HOH HOH A . 
B 2 HOH 29 245 29 HOH HOH A . 
B 2 HOH 30 246 30 HOH HOH A . 
B 2 HOH 31 247 31 HOH HOH A . 
B 2 HOH 32 248 32 HOH HOH A . 
B 2 HOH 33 249 33 HOH HOH A . 
B 2 HOH 34 250 34 HOH HOH A . 
B 2 HOH 35 251 35 HOH HOH A . 
B 2 HOH 36 252 36 HOH HOH A . 
B 2 HOH 37 253 37 HOH HOH A . 
B 2 HOH 38 254 38 HOH HOH A . 
B 2 HOH 39 255 39 HOH HOH A . 
B 2 HOH 40 256 40 HOH HOH A . 
B 2 HOH 41 257 41 HOH HOH A . 
B 2 HOH 42 258 42 HOH HOH A . 
B 2 HOH 43 259 43 HOH HOH A . 
# 
loop_
_pdbx_unobs_or_zero_occ_atoms.id 
_pdbx_unobs_or_zero_occ_atoms.PDB_model_num 
_pdbx_unobs_or_zero_occ_atoms.polymer_flag 
_pdbx_unobs_or_zero_occ_atoms.occupancy_flag 
_pdbx_unobs_or_zero_occ_atoms.auth_asym_id 
_pdbx_unobs_or_zero_occ_atoms.auth_comp_id 
_pdbx_unobs_or_zero_occ_atoms.auth_seq_id 
_pdbx_unobs_or_zero_occ_atoms.PDB_ins_code 
_pdbx_unobs_or_zero_occ_atoms.auth_atom_id 
_pdbx_unobs_or_zero_occ_atoms.label_alt_id 
_pdbx_unobs_or_zero_occ_atoms.label_asym_id 
_pdbx_unobs_or_zero_occ_atoms.label_comp_id 
_pdbx_unobs_or_zero_occ_atoms.label_seq_id 
_pdbx_unobs_or_zero_occ_atoms.label_atom_id 
1  1 Y 1 A THR 8   ? OG1 ? A THR 8   OG1 
2  1 Y 1 A THR 8   ? CG2 ? A THR 8   CG2 
3  1 Y 1 A LYS 44  ? CG  ? A LYS 44  CG  
4  1 Y 1 A LYS 44  ? CD  ? A LYS 44  CD  
5  1 Y 1 A LYS 44  ? CE  ? A LYS 44  CE  
6  1 Y 1 A LYS 44  ? NZ  ? A LYS 44  NZ  
7  1 Y 1 A ARG 55  ? CG  ? A ARG 55  CG  
8  1 Y 1 A ARG 55  ? CD  ? A ARG 55  CD  
9  1 Y 1 A ARG 55  ? NE  ? A ARG 55  NE  
10 1 Y 1 A ARG 55  ? CZ  ? A ARG 55  CZ  
11 1 Y 1 A ARG 55  ? NH1 ? A ARG 55  NH1 
12 1 Y 1 A ARG 55  ? NH2 ? A ARG 55  NH2 
13 1 Y 1 A ILE 124 ? CG1 ? A ILE 124 CG1 
14 1 Y 1 A ILE 124 ? CG2 ? A ILE 124 CG2 
15 1 Y 1 A ILE 124 ? CD1 ? A ILE 124 CD1 
16 1 Y 1 A GLU 126 ? CG  ? A GLU 126 CG  
17 1 Y 1 A GLU 126 ? CD  ? A GLU 126 CD  
18 1 Y 1 A GLU 126 ? OE1 ? A GLU 126 OE1 
19 1 Y 1 A GLU 126 ? OE2 ? A GLU 126 OE2 
20 1 Y 1 A ILE 127 ? CG1 ? A ILE 127 CG1 
21 1 Y 1 A ILE 127 ? CG2 ? A ILE 127 CG2 
22 1 Y 1 A ILE 127 ? CD1 ? A ILE 127 CD1 
23 1 Y 1 A GLU 130 ? CG  ? A GLU 130 CG  
24 1 Y 1 A GLU 130 ? CD  ? A GLU 130 CD  
25 1 Y 1 A GLU 130 ? OE1 ? A GLU 130 OE1 
26 1 Y 1 A GLU 130 ? OE2 ? A GLU 130 OE2 
27 1 Y 1 A GLN 161 ? CG  ? A GLN 161 CG  
28 1 Y 1 A GLN 161 ? CD  ? A GLN 161 CD  
29 1 Y 1 A GLN 161 ? OE1 ? A GLN 161 OE1 
30 1 Y 1 A GLN 161 ? NE2 ? A GLN 161 NE2 
31 1 Y 1 A ASP 165 ? CG  ? A ASP 165 CG  
32 1 Y 1 A ASP 165 ? OD1 ? A ASP 165 OD1 
33 1 Y 1 A ASP 165 ? OD2 ? A ASP 165 OD2 
# 
loop_
_software.name 
_software.classification 
_software.version 
_software.citation_id 
_software.pdbx_ordinal 
REFMAC      refinement        5.2.0019 ? 1 
SBC-Collect 'data collection' .        ? 2 
HKL-3000    'data reduction'  .        ? 3 
HKL-3000    'data scaling'    .        ? 4 
HKL-3000    phasing           .        ? 5 
# 
_cell.entry_id           2OI8 
_cell.length_a           57.434 
_cell.length_b           57.434 
_cell.length_c           243.668 
_cell.angle_alpha        90.00 
_cell.angle_beta         90.00 
_cell.angle_gamma        120.00 
_cell.Z_PDB              12 
_cell.pdbx_unique_axis   ? 
_cell.length_a_esd       ? 
_cell.length_b_esd       ? 
_cell.length_c_esd       ? 
_cell.angle_alpha_esd    ? 
_cell.angle_beta_esd     ? 
_cell.angle_gamma_esd    ? 
# 
_symmetry.entry_id                         2OI8 
_symmetry.space_group_name_H-M             'P 65 2 2' 
_symmetry.pdbx_full_space_group_name_H-M   ? 
_symmetry.cell_setting                     ? 
_symmetry.Int_Tables_number                179 
_symmetry.space_group_name_Hall            ? 
# 
_exptl.entry_id          2OI8 
_exptl.method            'X-RAY DIFFRACTION' 
_exptl.crystals_number   1 
# 
_exptl_crystal.id                    1 
_exptl_crystal.density_meas          ? 
_exptl_crystal.density_Matthews      2.45 
_exptl_crystal.density_percent_sol   49.78 
_exptl_crystal.description           ? 
_exptl_crystal.F_000                 ? 
_exptl_crystal.preparation           ? 
# 
_exptl_crystal_grow.crystal_id      1 
_exptl_crystal_grow.method          'VAPOR DIFFUSION, HANGING DROP' 
_exptl_crystal_grow.temp            289 
_exptl_crystal_grow.temp_details    ? 
_exptl_crystal_grow.pH              6.2 
_exptl_crystal_grow.pdbx_details    
'0.1M Bis-tris pH 6.2, 0.8M Ammonium sulfate, 4% Glycerol, VAPOR DIFFUSION, HANGING DROP, temperature 289K' 
_exptl_crystal_grow.pdbx_pH_range   . 
# 
_diffrn.id                     1 
_diffrn.ambient_temp           100 
_diffrn.ambient_temp_details   ? 
_diffrn.crystal_id             1 
# 
_diffrn_detector.diffrn_id              1 
_diffrn_detector.detector               CCD 
_diffrn_detector.type                   'ADSC QUANTUM 315' 
_diffrn_detector.pdbx_collection_date   2006-08-03 
_diffrn_detector.details                ? 
# 
_diffrn_radiation.diffrn_id                        1 
_diffrn_radiation.wavelength_id                    1 
_diffrn_radiation.pdbx_monochromatic_or_laue_m_l   M 
_diffrn_radiation.monochromator                    'double crystal' 
_diffrn_radiation.pdbx_diffrn_protocol             'SINGLE WAVELENGTH' 
_diffrn_radiation.pdbx_scattering_type             x-ray 
# 
_diffrn_radiation_wavelength.id           1 
_diffrn_radiation_wavelength.wavelength   0.97929 
_diffrn_radiation_wavelength.wt           1.0 
# 
_diffrn_source.diffrn_id                   1 
_diffrn_source.source                      SYNCHROTRON 
_diffrn_source.type                        'APS BEAMLINE 19-ID' 
_diffrn_source.pdbx_synchrotron_site       APS 
_diffrn_source.pdbx_synchrotron_beamline   19-ID 
_diffrn_source.pdbx_wavelength             ? 
_diffrn_source.pdbx_wavelength_list        0.97929 
# 
_reflns.entry_id                     2OI8 
_reflns.observed_criterion_sigma_F   ? 
_reflns.observed_criterion_sigma_I   -3 
_reflns.d_resolution_high            2.5 
_reflns.d_resolution_low             50 
_reflns.number_all                   9063 
_reflns.number_obs                   9019 
_reflns.percent_possible_obs         99.5 
_reflns.pdbx_Rmerge_I_obs            0.07 
_reflns.pdbx_Rsym_value              ? 
_reflns.pdbx_netI_over_sigmaI        66.1 
_reflns.B_iso_Wilson_estimate        ? 
_reflns.pdbx_redundancy              19.5 
_reflns.R_free_details               ? 
_reflns.limit_h_max                  ? 
_reflns.limit_h_min                  ? 
_reflns.limit_k_max                  ? 
_reflns.limit_k_min                  ? 
_reflns.limit_l_max                  ? 
_reflns.limit_l_min                  ? 
_reflns.observed_criterion_F_max     ? 
_reflns.observed_criterion_F_min     ? 
_reflns.pdbx_chi_squared             ? 
_reflns.pdbx_scaling_rejects         ? 
_reflns.pdbx_ordinal                 1 
_reflns.pdbx_diffrn_id               1 
# 
_reflns_shell.d_res_high             2.50 
_reflns_shell.d_res_low              2.59 
_reflns_shell.percent_possible_all   100.00 
_reflns_shell.Rmerge_I_obs           0.604 
_reflns_shell.pdbx_Rsym_value        ? 
_reflns_shell.meanI_over_sigI_obs    6.11 
_reflns_shell.pdbx_redundancy        20.3 
_reflns_shell.percent_possible_obs   ? 
_reflns_shell.number_unique_all      853 
_reflns_shell.number_measured_all    ? 
_reflns_shell.number_measured_obs    ? 
_reflns_shell.number_unique_obs      ? 
_reflns_shell.pdbx_chi_squared       ? 
_reflns_shell.pdbx_ordinal           1 
_reflns_shell.pdbx_diffrn_id         1 
# 
_refine.entry_id                                 2OI8 
_refine.ls_number_reflns_obs                     8523 
_refine.ls_number_reflns_all                     8523 
_refine.pdbx_ls_sigma_I                          ? 
_refine.pdbx_ls_sigma_F                          0 
_refine.pdbx_data_cutoff_high_absF               ? 
_refine.pdbx_data_cutoff_low_absF                ? 
_refine.pdbx_data_cutoff_high_rms_absF           ? 
_refine.ls_d_res_low                             49.75 
_refine.ls_d_res_high                            2.50 
_refine.ls_percent_reflns_obs                    99.57 
_refine.ls_R_factor_obs                          0.24582 
_refine.ls_R_factor_all                          0.24582 
_refine.ls_R_factor_R_work                       0.2431 
_refine.ls_R_factor_R_free                       0.29934 
_refine.ls_R_factor_R_free_error                 ? 
_refine.ls_R_factor_R_free_error_details         ? 
_refine.ls_percent_reflns_R_free                 4.7 
_refine.ls_number_reflns_R_free                  424 
_refine.ls_number_parameters                     ? 
_refine.ls_number_restraints                     ? 
_refine.occupancy_min                            ? 
_refine.occupancy_max                            ? 
_refine.correlation_coeff_Fo_to_Fc               0.932 
_refine.correlation_coeff_Fo_to_Fc_free          0.915 
_refine.B_iso_mean                               22.578 
_refine.aniso_B[1][1]                            -0.81 
_refine.aniso_B[2][2]                            -0.81 
_refine.aniso_B[3][3]                            1.21 
_refine.aniso_B[1][2]                            -0.40 
_refine.aniso_B[1][3]                            0.00 
_refine.aniso_B[2][3]                            0.00 
_refine.solvent_model_details                    MASK 
_refine.solvent_model_param_ksol                 ? 
_refine.solvent_model_param_bsol                 ? 
_refine.pdbx_solvent_vdw_probe_radii             1.20 
_refine.pdbx_solvent_ion_probe_radii             0.80 
_refine.pdbx_solvent_shrinkage_radii             0.80 
_refine.pdbx_ls_cross_valid_method               THROUGHOUT 
_refine.details                                  'HYDROGENS HAVE BEEN ADDED IN THE RIDING POSITIONS' 
_refine.pdbx_starting_model                      ? 
_refine.pdbx_method_to_determine_struct          SAD 
_refine.pdbx_isotropic_thermal_model             ? 
_refine.pdbx_stereochemistry_target_values       'MAXIMUM LIKELIHOOD' 
_refine.pdbx_stereochem_target_val_spec_case     ? 
_refine.pdbx_R_Free_selection_details            RANDOM 
_refine.pdbx_overall_ESU_R                       0.516 
_refine.pdbx_overall_ESU_R_Free                  0.327 
_refine.overall_SU_ML                            0.295 
_refine.overall_SU_B                             26.936 
_refine.ls_redundancy_reflns_obs                 ? 
_refine.B_iso_min                                ? 
_refine.B_iso_max                                ? 
_refine.overall_SU_R_Cruickshank_DPI             ? 
_refine.overall_SU_R_free                        ? 
_refine.ls_wR_factor_R_free                      ? 
_refine.ls_wR_factor_R_work                      ? 
_refine.overall_FOM_free_R_set                   ? 
_refine.overall_FOM_work_R_set                   ? 
_refine.pdbx_refine_id                           'X-RAY DIFFRACTION' 
_refine.pdbx_TLS_residual_ADP_flag               'LIKELY RESIDUAL' 
_refine.pdbx_diffrn_id                           1 
_refine.pdbx_overall_phase_error                 ? 
_refine.pdbx_overall_SU_R_free_Cruickshank_DPI   ? 
_refine.pdbx_overall_SU_R_Blow_DPI               ? 
_refine.pdbx_overall_SU_R_free_Blow_DPI          ? 
# 
_refine_hist.pdbx_refine_id                   'X-RAY DIFFRACTION' 
_refine_hist.cycle_id                         LAST 
_refine_hist.pdbx_number_atoms_protein        1525 
_refine_hist.pdbx_number_atoms_nucleic_acid   0 
_refine_hist.pdbx_number_atoms_ligand         0 
_refine_hist.number_atoms_solvent             43 
_refine_hist.number_atoms_total               1568 
_refine_hist.d_res_high                       2.50 
_refine_hist.d_res_low                        49.75 
# 
loop_
_refine_ls_restr.type 
_refine_ls_restr.dev_ideal 
_refine_ls_restr.dev_ideal_target 
_refine_ls_restr.weight 
_refine_ls_restr.number 
_refine_ls_restr.pdbx_refine_id 
_refine_ls_restr.pdbx_restraint_function 
r_bond_refined_d             0.013  0.021  ? 1559 'X-RAY DIFFRACTION' ? 
r_bond_other_d               ?      ?      ? ?    'X-RAY DIFFRACTION' ? 
r_angle_refined_deg          1.483  1.947  ? 2119 'X-RAY DIFFRACTION' ? 
r_angle_other_deg            ?      ?      ? ?    'X-RAY DIFFRACTION' ? 
r_dihedral_angle_1_deg       8.037  5.000  ? 200  'X-RAY DIFFRACTION' ? 
r_dihedral_angle_2_deg       35.549 22.000 ? 70   'X-RAY DIFFRACTION' ? 
r_dihedral_angle_3_deg       19.175 15.000 ? 222  'X-RAY DIFFRACTION' ? 
r_dihedral_angle_4_deg       22.253 15.000 ? 16   'X-RAY DIFFRACTION' ? 
r_chiral_restr               0.106  0.200  ? 232  'X-RAY DIFFRACTION' ? 
r_gen_planes_refined         0.005  0.020  ? 1220 'X-RAY DIFFRACTION' ? 
r_gen_planes_other           ?      ?      ? ?    'X-RAY DIFFRACTION' ? 
r_nbd_refined                0.239  0.200  ? 784  'X-RAY DIFFRACTION' ? 
r_nbd_other                  ?      ?      ? ?    'X-RAY DIFFRACTION' ? 
r_nbtor_refined              0.308  0.200  ? 1063 'X-RAY DIFFRACTION' ? 
r_nbtor_other                ?      ?      ? ?    'X-RAY DIFFRACTION' ? 
r_xyhbond_nbd_refined        0.172  0.200  ? 69   'X-RAY DIFFRACTION' ? 
r_xyhbond_nbd_other          ?      ?      ? ?    'X-RAY DIFFRACTION' ? 
r_metal_ion_refined          ?      ?      ? ?    'X-RAY DIFFRACTION' ? 
r_metal_ion_other            ?      ?      ? ?    'X-RAY DIFFRACTION' ? 
r_symmetry_vdw_refined       0.201  0.200  ? 52   'X-RAY DIFFRACTION' ? 
r_symmetry_vdw_other         ?      ?      ? ?    'X-RAY DIFFRACTION' ? 
r_symmetry_hbond_refined     0.179  0.200  ? 11   'X-RAY DIFFRACTION' ? 
r_symmetry_hbond_other       ?      ?      ? ?    'X-RAY DIFFRACTION' ? 
r_symmetry_metal_ion_refined ?      ?      ? ?    'X-RAY DIFFRACTION' ? 
r_symmetry_metal_ion_other   ?      ?      ? ?    'X-RAY DIFFRACTION' ? 
r_mcbond_it                  0.821  1.500  ? 1026 'X-RAY DIFFRACTION' ? 
r_mcbond_other               ?      ?      ? ?    'X-RAY DIFFRACTION' ? 
r_mcangle_it                 1.374  2.000  ? 1574 'X-RAY DIFFRACTION' ? 
r_scbond_it                  1.639  3.000  ? 607  'X-RAY DIFFRACTION' ? 
r_scangle_it                 2.596  4.500  ? 545  'X-RAY DIFFRACTION' ? 
r_rigid_bond_restr           ?      ?      ? ?    'X-RAY DIFFRACTION' ? 
r_sphericity_free            ?      ?      ? ?    'X-RAY DIFFRACTION' ? 
r_sphericity_bonded          ?      ?      ? ?    'X-RAY DIFFRACTION' ? 
# 
_refine_ls_shell.pdbx_total_number_of_bins_used   20 
_refine_ls_shell.d_res_high                       2.50 
_refine_ls_shell.d_res_low                        2.565 
_refine_ls_shell.number_reflns_R_work             598 
_refine_ls_shell.R_factor_R_work                  0.333 
_refine_ls_shell.percent_reflns_obs               100.00 
_refine_ls_shell.R_factor_R_free                  0.307 
_refine_ls_shell.R_factor_R_free_error            ? 
_refine_ls_shell.percent_reflns_R_free            ? 
_refine_ls_shell.number_reflns_R_free             25 
_refine_ls_shell.number_reflns_all                ? 
_refine_ls_shell.R_factor_all                     ? 
_refine_ls_shell.number_reflns_obs                ? 
_refine_ls_shell.redundancy_reflns_obs            ? 
_refine_ls_shell.pdbx_refine_id                   'X-RAY DIFFRACTION' 
# 
_struct.entry_id                  2OI8 
_struct.title                     'Crystal structure of putative regulatory protein SCO4313' 
_struct.pdbx_model_details        ? 
_struct.pdbx_CASP_flag            ? 
_struct.pdbx_model_type_details   ? 
# 
_struct_keywords.entry_id        2OI8 
_struct_keywords.pdbx_keywords   TRANSCRIPTION 
_struct_keywords.text            
;tetR, Streptomyces coelicolor, Structural Genomics, PSI-2, Protein Structure Initiative, Midwest Center for Structural Genomics, MCSG, TRANSCRIPTION
;
# 
loop_
_struct_asym.id 
_struct_asym.pdbx_blank_PDB_chainid_flag 
_struct_asym.pdbx_modified 
_struct_asym.entity_id 
_struct_asym.details 
A N N 1 ? 
B N N 2 ? 
# 
_struct_ref.id                         1 
_struct_ref.db_name                    UNP 
_struct_ref.db_code                    Q9KXS8_STRCO 
_struct_ref.pdbx_db_accession          Q9KXS8 
_struct_ref.entity_id                  1 
_struct_ref.pdbx_seq_one_letter_code   
;MPEARTSTPRERYRTQVRAEIKDHAWEQIATAGASALSLNAIAKRMGMSGPALYRYFDGRDELITELIRDAYRSQADSLR
AAAASGADLAGLAHALRAWALDDPQRYFLIFGTPVPGYRAPDDITEIAAETMAVIVDACAALPPSDGTDGAFDAHLDTHR
QWAGDRPAPSSALHRALSFWSRLHGVLSLELAGQFTGMGFDSALLFEAELKDLLGP
;
_struct_ref.pdbx_align_begin           1 
_struct_ref.pdbx_db_isoform            ? 
# 
_struct_ref_seq.align_id                      1 
_struct_ref_seq.ref_id                        1 
_struct_ref_seq.pdbx_PDB_id_code              2OI8 
_struct_ref_seq.pdbx_strand_id                A 
_struct_ref_seq.seq_align_beg                 1 
_struct_ref_seq.pdbx_seq_align_beg_ins_code   ? 
_struct_ref_seq.seq_align_end                 216 
_struct_ref_seq.pdbx_seq_align_end_ins_code   ? 
_struct_ref_seq.pdbx_db_accession             Q9KXS8 
_struct_ref_seq.db_align_beg                  1 
_struct_ref_seq.pdbx_db_align_beg_ins_code    ? 
_struct_ref_seq.db_align_end                  216 
_struct_ref_seq.pdbx_db_align_end_ins_code    ? 
_struct_ref_seq.pdbx_auth_seq_align_beg       1 
_struct_ref_seq.pdbx_auth_seq_align_end       216 
# 
loop_
_struct_ref_seq_dif.align_id 
_struct_ref_seq_dif.pdbx_pdb_id_code 
_struct_ref_seq_dif.mon_id 
_struct_ref_seq_dif.pdbx_pdb_strand_id 
_struct_ref_seq_dif.seq_num 
_struct_ref_seq_dif.pdbx_pdb_ins_code 
_struct_ref_seq_dif.pdbx_seq_db_name 
_struct_ref_seq_dif.pdbx_seq_db_accession_code 
_struct_ref_seq_dif.db_mon_id 
_struct_ref_seq_dif.pdbx_seq_db_seq_num 
_struct_ref_seq_dif.details 
_struct_ref_seq_dif.pdbx_auth_seq_num 
_struct_ref_seq_dif.pdbx_ordinal 
1 2OI8 MSE A 1   ? UNP Q9KXS8 MET 1   'modified residue' 1   1 
1 2OI8 MSE A 46  ? UNP Q9KXS8 MET 46  'modified residue' 46  2 
1 2OI8 MSE A 48  ? UNP Q9KXS8 MET 48  'modified residue' 48  3 
1 2OI8 MSE A 132 ? UNP Q9KXS8 MET 132 'modified residue' 132 4 
1 2OI8 MSE A 198 ? UNP Q9KXS8 MET 198 'modified residue' 198 5 
# 
_pdbx_struct_assembly.id                   1 
_pdbx_struct_assembly.details              author_and_software_defined_assembly 
_pdbx_struct_assembly.method_details       PISA,PQS 
_pdbx_struct_assembly.oligomeric_details   dimeric 
_pdbx_struct_assembly.oligomeric_count     2 
# 
loop_
_pdbx_struct_assembly_prop.biol_id 
_pdbx_struct_assembly_prop.type 
_pdbx_struct_assembly_prop.value 
_pdbx_struct_assembly_prop.details 
1 'ABSA (A^2)' 3890  ? 
1 MORE         -28   ? 
1 'SSA (A^2)'  18530 ? 
# 
_pdbx_struct_assembly_gen.assembly_id       1 
_pdbx_struct_assembly_gen.oper_expression   1,2 
_pdbx_struct_assembly_gen.asym_id_list      A,B 
# 
loop_
_pdbx_struct_oper_list.id 
_pdbx_struct_oper_list.type 
_pdbx_struct_oper_list.name 
_pdbx_struct_oper_list.symmetry_operation 
_pdbx_struct_oper_list.matrix[1][1] 
_pdbx_struct_oper_list.matrix[1][2] 
_pdbx_struct_oper_list.matrix[1][3] 
_pdbx_struct_oper_list.vector[1] 
_pdbx_struct_oper_list.matrix[2][1] 
_pdbx_struct_oper_list.matrix[2][2] 
_pdbx_struct_oper_list.matrix[2][3] 
_pdbx_struct_oper_list.vector[2] 
_pdbx_struct_oper_list.matrix[3][1] 
_pdbx_struct_oper_list.matrix[3][2] 
_pdbx_struct_oper_list.matrix[3][3] 
_pdbx_struct_oper_list.vector[3] 
1 'identity operation'         1_555  x,y,z            1.0000000000 0.0000000000  0.0000000000  0.0000000000  0.0000000000  1.0000000000  0.0000000000 0.0000000000  0.0000000000  0.0000000000 1.0000000000  0.0000000000 
2 'crystal symmetry operation' 10_666 -y+1,-x+1,-z+7/6 0.0275342540 -0.5815491724 -0.8130451555 15.0602494665 -0.5815491724 -0.6708630991 0.4601556936 15.5696085885 -0.8130451555 0.4601556936 -0.3566711549 7.8967683009 
# 
_struct_biol.id   1 
# 
loop_
_struct_conf.conf_type_id 
_struct_conf.id 
_struct_conf.pdbx_PDB_helix_id 
_struct_conf.beg_label_comp_id 
_struct_conf.beg_label_asym_id 
_struct_conf.beg_label_seq_id 
_struct_conf.pdbx_beg_PDB_ins_code 
_struct_conf.end_label_comp_id 
_struct_conf.end_label_asym_id 
_struct_conf.end_label_seq_id 
_struct_conf.pdbx_end_PDB_ins_code 
_struct_conf.beg_auth_comp_id 
_struct_conf.beg_auth_asym_id 
_struct_conf.beg_auth_seq_id 
_struct_conf.end_auth_comp_id 
_struct_conf.end_auth_asym_id 
_struct_conf.end_auth_seq_id 
_struct_conf.pdbx_PDB_helix_class 
_struct_conf.details 
_struct_conf.pdbx_PDB_helix_length 
HELX_P HELX_P1  1  TYR A 13  ? GLY A 33  ? TYR A 13  GLY A 33  1 ? 21 
HELX_P HELX_P2  2  SER A 38  ? MSE A 46  ? SER A 38  MSE A 46  1 ? 9  
HELX_P HELX_P3  3  SER A 49  ? ARG A 55  ? SER A 49  ARG A 55  1 ? 7  
HELX_P HELX_P4  4  GLY A 59  ? SER A 85  ? GLY A 59  SER A 85  1 ? 27 
HELX_P HELX_P5  5  ASP A 88  ? ASP A 103 ? ASP A 88  ASP A 103 1 ? 16 
HELX_P HELX_P6  6  ASP A 103 ? GLY A 112 ? ASP A 103 GLY A 112 1 ? 10 
HELX_P HELX_P7  7  PRO A 121 ? THR A 125 ? PRO A 121 THR A 125 5 ? 5  
HELX_P HELX_P8  8  ALA A 128 ? ALA A 140 ? ALA A 128 ALA A 140 1 ? 13 
HELX_P HELX_P9  9  GLY A 150 ? HIS A 159 ? GLY A 150 HIS A 159 1 ? 10 
HELX_P HELX_P10 10 PRO A 169 ? ALA A 192 ? PRO A 169 ALA A 192 1 ? 24 
HELX_P HELX_P11 11 ASP A 201 ? LEU A 214 ? ASP A 201 LEU A 214 1 ? 14 
# 
_struct_conf_type.id          HELX_P 
_struct_conf_type.criteria    ? 
_struct_conf_type.reference   ? 
# 
loop_
_struct_conn.id 
_struct_conn.conn_type_id 
_struct_conn.pdbx_leaving_atom_flag 
_struct_conn.pdbx_PDB_id 
_struct_conn.ptnr1_label_asym_id 
_struct_conn.ptnr1_label_comp_id 
_struct_conn.ptnr1_label_seq_id 
_struct_conn.ptnr1_label_atom_id 
_struct_conn.pdbx_ptnr1_label_alt_id 
_struct_conn.pdbx_ptnr1_PDB_ins_code 
_struct_conn.pdbx_ptnr1_standard_comp_id 
_struct_conn.ptnr1_symmetry 
_struct_conn.ptnr2_label_asym_id 
_struct_conn.ptnr2_label_comp_id 
_struct_conn.ptnr2_label_seq_id 
_struct_conn.ptnr2_label_atom_id 
_struct_conn.pdbx_ptnr2_label_alt_id 
_struct_conn.pdbx_ptnr2_PDB_ins_code 
_struct_conn.ptnr1_auth_asym_id 
_struct_conn.ptnr1_auth_comp_id 
_struct_conn.ptnr1_auth_seq_id 
_struct_conn.ptnr2_auth_asym_id 
_struct_conn.ptnr2_auth_comp_id 
_struct_conn.ptnr2_auth_seq_id 
_struct_conn.ptnr2_symmetry 
_struct_conn.pdbx_ptnr3_label_atom_id 
_struct_conn.pdbx_ptnr3_label_seq_id 
_struct_conn.pdbx_ptnr3_label_comp_id 
_struct_conn.pdbx_ptnr3_label_asym_id 
_struct_conn.pdbx_ptnr3_label_alt_id 
_struct_conn.pdbx_ptnr3_PDB_ins_code 
_struct_conn.details 
_struct_conn.pdbx_dist_value 
_struct_conn.pdbx_value_order 
_struct_conn.pdbx_role 
covale1 covale both ? A ARG 45  C ? ? ? 1_555 A MSE 46  N ? ? A ARG 45  A MSE 46  1_555 ? ? ? ? ? ? ? 1.329 ? ? 
covale2 covale both ? A MSE 46  C ? ? ? 1_555 A GLY 47  N ? ? A MSE 46  A GLY 47  1_555 ? ? ? ? ? ? ? 1.326 ? ? 
covale3 covale both ? A GLY 47  C ? ? ? 1_555 A MSE 48  N ? ? A GLY 47  A MSE 48  1_555 ? ? ? ? ? ? ? 1.333 ? ? 
covale4 covale both ? A MSE 48  C ? ? ? 1_555 A SER 49  N ? ? A MSE 48  A SER 49  1_555 ? ? ? ? ? ? ? 1.329 ? ? 
covale5 covale both ? A THR 131 C ? ? ? 1_555 A MSE 132 N ? ? A THR 131 A MSE 132 1_555 ? ? ? ? ? ? ? 1.333 ? ? 
covale6 covale both ? A MSE 132 C ? ? ? 1_555 A ALA 133 N ? ? A MSE 132 A ALA 133 1_555 ? ? ? ? ? ? ? 1.326 ? ? 
covale7 covale both ? A GLY 197 C ? ? ? 1_555 A MSE 198 N ? ? A GLY 197 A MSE 198 1_555 ? ? ? ? ? ? ? 1.327 ? ? 
covale8 covale both ? A MSE 198 C ? ? ? 1_555 A GLY 199 N ? ? A MSE 198 A GLY 199 1_555 ? ? ? ? ? ? ? 1.331 ? ? 
# 
_struct_conn_type.id          covale 
_struct_conn_type.criteria    ? 
_struct_conn_type.reference   ? 
# 
loop_
_pdbx_modification_feature.ordinal 
_pdbx_modification_feature.label_comp_id 
_pdbx_modification_feature.label_asym_id 
_pdbx_modification_feature.label_seq_id 
_pdbx_modification_feature.label_alt_id 
_pdbx_modification_feature.modified_residue_label_comp_id 
_pdbx_modification_feature.modified_residue_label_asym_id 
_pdbx_modification_feature.modified_residue_label_seq_id 
_pdbx_modification_feature.modified_residue_label_alt_id 
_pdbx_modification_feature.auth_comp_id 
_pdbx_modification_feature.auth_asym_id 
_pdbx_modification_feature.auth_seq_id 
_pdbx_modification_feature.PDB_ins_code 
_pdbx_modification_feature.symmetry 
_pdbx_modification_feature.modified_residue_auth_comp_id 
_pdbx_modification_feature.modified_residue_auth_asym_id 
_pdbx_modification_feature.modified_residue_auth_seq_id 
_pdbx_modification_feature.modified_residue_PDB_ins_code 
_pdbx_modification_feature.modified_residue_symmetry 
_pdbx_modification_feature.comp_id_linking_atom 
_pdbx_modification_feature.modified_residue_id_linking_atom 
_pdbx_modification_feature.modified_residue_id 
_pdbx_modification_feature.ref_pcm_id 
_pdbx_modification_feature.ref_comp_id 
_pdbx_modification_feature.type 
_pdbx_modification_feature.category 
1 MSE A 46  ? . . . . MSE A 46  ? 1_555 . . . . . . . MET 1 MSE Selenomethionine 'Named protein modification' 
2 MSE A 48  ? . . . . MSE A 48  ? 1_555 . . . . . . . MET 1 MSE Selenomethionine 'Named protein modification' 
3 MSE A 132 ? . . . . MSE A 132 ? 1_555 . . . . . . . MET 1 MSE Selenomethionine 'Named protein modification' 
4 MSE A 198 ? . . . . MSE A 198 ? 1_555 . . . . . . . MET 1 MSE Selenomethionine 'Named protein modification' 
# 
_pdbx_entry_details.entry_id                   2OI8 
_pdbx_entry_details.compound_details           ? 
_pdbx_entry_details.source_details             ? 
_pdbx_entry_details.nonpolymer_details         ? 
_pdbx_entry_details.sequence_details           ? 
_pdbx_entry_details.has_ligand_of_interest     ? 
_pdbx_entry_details.has_protein_modification   Y 
# 
loop_
_pdbx_validate_torsion.id 
_pdbx_validate_torsion.PDB_model_num 
_pdbx_validate_torsion.auth_comp_id 
_pdbx_validate_torsion.auth_asym_id 
_pdbx_validate_torsion.auth_seq_id 
_pdbx_validate_torsion.PDB_ins_code 
_pdbx_validate_torsion.label_alt_id 
_pdbx_validate_torsion.phi 
_pdbx_validate_torsion.psi 
1 1 GLU A 11  ? ? -52.27  26.71  
2 1 ALA A 34  ? ? -48.48  157.30 
3 1 SER A 35  ? ? 86.63   -50.59 
4 1 ASP A 103 ? ? -157.98 81.34  
5 1 CYS A 139 ? ? -58.19  -6.55  
6 1 GLN A 161 ? ? -41.58  -12.96 
7 1 TRP A 162 ? ? -91.33  37.22  
# 
loop_
_pdbx_validate_peptide_omega.id 
_pdbx_validate_peptide_omega.PDB_model_num 
_pdbx_validate_peptide_omega.auth_comp_id_1 
_pdbx_validate_peptide_omega.auth_asym_id_1 
_pdbx_validate_peptide_omega.auth_seq_id_1 
_pdbx_validate_peptide_omega.PDB_ins_code_1 
_pdbx_validate_peptide_omega.label_alt_id_1 
_pdbx_validate_peptide_omega.auth_comp_id_2 
_pdbx_validate_peptide_omega.auth_asym_id_2 
_pdbx_validate_peptide_omega.auth_seq_id_2 
_pdbx_validate_peptide_omega.PDB_ins_code_2 
_pdbx_validate_peptide_omega.label_alt_id_2 
_pdbx_validate_peptide_omega.omega 
1 1 ARG A 12  ? ? TYR A 13  ? ? 148.07 
2 1 ARG A 166 ? ? PRO A 167 ? ? -64.16 
# 
_pdbx_SG_project.id                    1 
_pdbx_SG_project.project_name          'PSI, Protein Structure Initiative' 
_pdbx_SG_project.full_name_of_center   'Midwest Center for Structural Genomics' 
_pdbx_SG_project.initial_of_center     MCSG 
# 
loop_
_pdbx_struct_mod_residue.id 
_pdbx_struct_mod_residue.label_asym_id 
_pdbx_struct_mod_residue.label_comp_id 
_pdbx_struct_mod_residue.label_seq_id 
_pdbx_struct_mod_residue.auth_asym_id 
_pdbx_struct_mod_residue.auth_comp_id 
_pdbx_struct_mod_residue.auth_seq_id 
_pdbx_struct_mod_residue.PDB_ins_code 
_pdbx_struct_mod_residue.parent_comp_id 
_pdbx_struct_mod_residue.details 
1 A MSE 46  A MSE 46  ? MET SELENOMETHIONINE 
2 A MSE 48  A MSE 48  ? MET SELENOMETHIONINE 
3 A MSE 132 A MSE 132 ? MET SELENOMETHIONINE 
4 A MSE 198 A MSE 198 ? MET SELENOMETHIONINE 
# 
loop_
_pdbx_refine_tls.id 
_pdbx_refine_tls.details 
_pdbx_refine_tls.method 
_pdbx_refine_tls.origin_x 
_pdbx_refine_tls.origin_y 
_pdbx_refine_tls.origin_z 
_pdbx_refine_tls.T[1][1] 
_pdbx_refine_tls.T[2][2] 
_pdbx_refine_tls.T[3][3] 
_pdbx_refine_tls.T[1][2] 
_pdbx_refine_tls.T[1][3] 
_pdbx_refine_tls.T[2][3] 
_pdbx_refine_tls.L[1][1] 
_pdbx_refine_tls.L[2][2] 
_pdbx_refine_tls.L[3][3] 
_pdbx_refine_tls.L[1][2] 
_pdbx_refine_tls.L[1][3] 
_pdbx_refine_tls.L[2][3] 
_pdbx_refine_tls.S[1][1] 
_pdbx_refine_tls.S[1][2] 
_pdbx_refine_tls.S[1][3] 
_pdbx_refine_tls.S[2][1] 
_pdbx_refine_tls.S[2][2] 
_pdbx_refine_tls.S[2][3] 
_pdbx_refine_tls.S[3][1] 
_pdbx_refine_tls.S[3][2] 
_pdbx_refine_tls.S[3][3] 
_pdbx_refine_tls.pdbx_refine_id 
1 ? refined 11.9941  -13.3755 -11.4370 0.6795 0.3228 0.4395 -0.0849 0.0629  0.0598  4.4257 13.0351 1.7183 -3.0260 0.9435  3.4338   -0.1911 0.2230  0.1423  0.0883  0.3403  -0.6002 -0.0912 -0.0171 -0.1491 'X-RAY DIFFRACTION' 
2 ? refined -0.1532  -1.5561  -0.6742  0.5620 0.3442 0.5077 -0.0640 -0.0055 0.0705  4.6849 1.4193  5.0370 0.3372  -1.7074 -0.6534  0.2956  0.0114  0.0395  -0.4138 0.0374  0.4345  0.0453  -0.4436 -0.3330 'X-RAY DIFFRACTION' 
3 ? refined -15.5397 12.9909  1.7015   0.2387 0.7861 1.0458 0.1903  -0.0598 -0.0726 4.0054 28.5148 5.0062 1.8693  -0.5389 -11.9296 0.1969  1.0578  -0.4403 -1.2286 0.2645  2.4856  0.6826  -1.7027 -0.4614 'X-RAY DIFFRACTION' 
4 ? refined 3.0868   6.5083   14.2375  0.4452 0.5889 0.4117 -0.0569 0.0727  -0.0146 6.9654 4.4568  3.7422 -3.2156 -1.1867 -0.7800  -0.0803 -0.8956 0.0979  0.2716  -0.2703 0.0284  0.2304  -0.1623 0.3506  'X-RAY DIFFRACTION' 
# 
loop_
_pdbx_refine_tls_group.id 
_pdbx_refine_tls_group.refine_tls_id 
_pdbx_refine_tls_group.beg_auth_asym_id 
_pdbx_refine_tls_group.beg_auth_seq_id 
_pdbx_refine_tls_group.beg_label_asym_id 
_pdbx_refine_tls_group.beg_label_seq_id 
_pdbx_refine_tls_group.end_auth_asym_id 
_pdbx_refine_tls_group.end_auth_seq_id 
_pdbx_refine_tls_group.end_label_asym_id 
_pdbx_refine_tls_group.end_label_seq_id 
_pdbx_refine_tls_group.selection 
_pdbx_refine_tls_group.pdbx_refine_id 
_pdbx_refine_tls_group.selection_details 
1 1 A 8   A 8   A 58  A 58  ? 'X-RAY DIFFRACTION' ? 
2 2 A 59  A 59  A 132 A 132 ? 'X-RAY DIFFRACTION' ? 
3 3 A 133 A 133 A 177 A 177 ? 'X-RAY DIFFRACTION' ? 
4 4 A 178 A 178 A 215 A 215 ? 'X-RAY DIFFRACTION' ? 
# 
loop_
_pdbx_unobs_or_zero_occ_residues.id 
_pdbx_unobs_or_zero_occ_residues.PDB_model_num 
_pdbx_unobs_or_zero_occ_residues.polymer_flag 
_pdbx_unobs_or_zero_occ_residues.occupancy_flag 
_pdbx_unobs_or_zero_occ_residues.auth_asym_id 
_pdbx_unobs_or_zero_occ_residues.auth_comp_id 
_pdbx_unobs_or_zero_occ_residues.auth_seq_id 
_pdbx_unobs_or_zero_occ_residues.PDB_ins_code 
_pdbx_unobs_or_zero_occ_residues.label_asym_id 
_pdbx_unobs_or_zero_occ_residues.label_comp_id 
_pdbx_unobs_or_zero_occ_residues.label_seq_id 
1  1 Y 1 A MSE 1   ? A MSE 1   
2  1 Y 1 A PRO 2   ? A PRO 2   
3  1 Y 1 A GLU 3   ? A GLU 3   
4  1 Y 1 A ALA 4   ? A ALA 4   
5  1 Y 1 A ARG 5   ? A ARG 5   
6  1 Y 1 A THR 6   ? A THR 6   
7  1 Y 1 A SER 7   ? A SER 7   
8  1 Y 1 A LEU 142 ? A LEU 142 
9  1 Y 1 A PRO 143 ? A PRO 143 
10 1 Y 1 A PRO 144 ? A PRO 144 
11 1 Y 1 A SER 145 ? A SER 145 
12 1 Y 1 A ASP 146 ? A ASP 146 
13 1 Y 1 A GLY 164 ? A GLY 164 
# 
loop_
_chem_comp_atom.comp_id 
_chem_comp_atom.atom_id 
_chem_comp_atom.type_symbol 
_chem_comp_atom.pdbx_aromatic_flag 
_chem_comp_atom.pdbx_stereo_config 
_chem_comp_atom.pdbx_ordinal 
ALA N    N  N N 1   
ALA CA   C  N S 2   
ALA C    C  N N 3   
ALA O    O  N N 4   
ALA CB   C  N N 5   
ALA OXT  O  N N 6   
ALA H    H  N N 7   
ALA H2   H  N N 8   
ALA HA   H  N N 9   
ALA HB1  H  N N 10  
ALA HB2  H  N N 11  
ALA HB3  H  N N 12  
ALA HXT  H  N N 13  
ARG N    N  N N 14  
ARG CA   C  N S 15  
ARG C    C  N N 16  
ARG O    O  N N 17  
ARG CB   C  N N 18  
ARG CG   C  N N 19  
ARG CD   C  N N 20  
ARG NE   N  N N 21  
ARG CZ   C  N N 22  
ARG NH1  N  N N 23  
ARG NH2  N  N N 24  
ARG OXT  O  N N 25  
ARG H    H  N N 26  
ARG H2   H  N N 27  
ARG HA   H  N N 28  
ARG HB2  H  N N 29  
ARG HB3  H  N N 30  
ARG HG2  H  N N 31  
ARG HG3  H  N N 32  
ARG HD2  H  N N 33  
ARG HD3  H  N N 34  
ARG HE   H  N N 35  
ARG HH11 H  N N 36  
ARG HH12 H  N N 37  
ARG HH21 H  N N 38  
ARG HH22 H  N N 39  
ARG HXT  H  N N 40  
ASN N    N  N N 41  
ASN CA   C  N S 42  
ASN C    C  N N 43  
ASN O    O  N N 44  
ASN CB   C  N N 45  
ASN CG   C  N N 46  
ASN OD1  O  N N 47  
ASN ND2  N  N N 48  
ASN OXT  O  N N 49  
ASN H    H  N N 50  
ASN H2   H  N N 51  
ASN HA   H  N N 52  
ASN HB2  H  N N 53  
ASN HB3  H  N N 54  
ASN HD21 H  N N 55  
ASN HD22 H  N N 56  
ASN HXT  H  N N 57  
ASP N    N  N N 58  
ASP CA   C  N S 59  
ASP C    C  N N 60  
ASP O    O  N N 61  
ASP CB   C  N N 62  
ASP CG   C  N N 63  
ASP OD1  O  N N 64  
ASP OD2  O  N N 65  
ASP OXT  O  N N 66  
ASP H    H  N N 67  
ASP H2   H  N N 68  
ASP HA   H  N N 69  
ASP HB2  H  N N 70  
ASP HB3  H  N N 71  
ASP HD2  H  N N 72  
ASP HXT  H  N N 73  
CYS N    N  N N 74  
CYS CA   C  N R 75  
CYS C    C  N N 76  
CYS O    O  N N 77  
CYS CB   C  N N 78  
CYS SG   S  N N 79  
CYS OXT  O  N N 80  
CYS H    H  N N 81  
CYS H2   H  N N 82  
CYS HA   H  N N 83  
CYS HB2  H  N N 84  
CYS HB3  H  N N 85  
CYS HG   H  N N 86  
CYS HXT  H  N N 87  
GLN N    N  N N 88  
GLN CA   C  N S 89  
GLN C    C  N N 90  
GLN O    O  N N 91  
GLN CB   C  N N 92  
GLN CG   C  N N 93  
GLN CD   C  N N 94  
GLN OE1  O  N N 95  
GLN NE2  N  N N 96  
GLN OXT  O  N N 97  
GLN H    H  N N 98  
GLN H2   H  N N 99  
GLN HA   H  N N 100 
GLN HB2  H  N N 101 
GLN HB3  H  N N 102 
GLN HG2  H  N N 103 
GLN HG3  H  N N 104 
GLN HE21 H  N N 105 
GLN HE22 H  N N 106 
GLN HXT  H  N N 107 
GLU N    N  N N 108 
GLU CA   C  N S 109 
GLU C    C  N N 110 
GLU O    O  N N 111 
GLU CB   C  N N 112 
GLU CG   C  N N 113 
GLU CD   C  N N 114 
GLU OE1  O  N N 115 
GLU OE2  O  N N 116 
GLU OXT  O  N N 117 
GLU H    H  N N 118 
GLU H2   H  N N 119 
GLU HA   H  N N 120 
GLU HB2  H  N N 121 
GLU HB3  H  N N 122 
GLU HG2  H  N N 123 
GLU HG3  H  N N 124 
GLU HE2  H  N N 125 
GLU HXT  H  N N 126 
GLY N    N  N N 127 
GLY CA   C  N N 128 
GLY C    C  N N 129 
GLY O    O  N N 130 
GLY OXT  O  N N 131 
GLY H    H  N N 132 
GLY H2   H  N N 133 
GLY HA2  H  N N 134 
GLY HA3  H  N N 135 
GLY HXT  H  N N 136 
HIS N    N  N N 137 
HIS CA   C  N S 138 
HIS C    C  N N 139 
HIS O    O  N N 140 
HIS CB   C  N N 141 
HIS CG   C  Y N 142 
HIS ND1  N  Y N 143 
HIS CD2  C  Y N 144 
HIS CE1  C  Y N 145 
HIS NE2  N  Y N 146 
HIS OXT  O  N N 147 
HIS H    H  N N 148 
HIS H2   H  N N 149 
HIS HA   H  N N 150 
HIS HB2  H  N N 151 
HIS HB3  H  N N 152 
HIS HD1  H  N N 153 
HIS HD2  H  N N 154 
HIS HE1  H  N N 155 
HIS HE2  H  N N 156 
HIS HXT  H  N N 157 
HOH O    O  N N 158 
HOH H1   H  N N 159 
HOH H2   H  N N 160 
ILE N    N  N N 161 
ILE CA   C  N S 162 
ILE C    C  N N 163 
ILE O    O  N N 164 
ILE CB   C  N S 165 
ILE CG1  C  N N 166 
ILE CG2  C  N N 167 
ILE CD1  C  N N 168 
ILE OXT  O  N N 169 
ILE H    H  N N 170 
ILE H2   H  N N 171 
ILE HA   H  N N 172 
ILE HB   H  N N 173 
ILE HG12 H  N N 174 
ILE HG13 H  N N 175 
ILE HG21 H  N N 176 
ILE HG22 H  N N 177 
ILE HG23 H  N N 178 
ILE HD11 H  N N 179 
ILE HD12 H  N N 180 
ILE HD13 H  N N 181 
ILE HXT  H  N N 182 
LEU N    N  N N 183 
LEU CA   C  N S 184 
LEU C    C  N N 185 
LEU O    O  N N 186 
LEU CB   C  N N 187 
LEU CG   C  N N 188 
LEU CD1  C  N N 189 
LEU CD2  C  N N 190 
LEU OXT  O  N N 191 
LEU H    H  N N 192 
LEU H2   H  N N 193 
LEU HA   H  N N 194 
LEU HB2  H  N N 195 
LEU HB3  H  N N 196 
LEU HG   H  N N 197 
LEU HD11 H  N N 198 
LEU HD12 H  N N 199 
LEU HD13 H  N N 200 
LEU HD21 H  N N 201 
LEU HD22 H  N N 202 
LEU HD23 H  N N 203 
LEU HXT  H  N N 204 
LYS N    N  N N 205 
LYS CA   C  N S 206 
LYS C    C  N N 207 
LYS O    O  N N 208 
LYS CB   C  N N 209 
LYS CG   C  N N 210 
LYS CD   C  N N 211 
LYS CE   C  N N 212 
LYS NZ   N  N N 213 
LYS OXT  O  N N 214 
LYS H    H  N N 215 
LYS H2   H  N N 216 
LYS HA   H  N N 217 
LYS HB2  H  N N 218 
LYS HB3  H  N N 219 
LYS HG2  H  N N 220 
LYS HG3  H  N N 221 
LYS HD2  H  N N 222 
LYS HD3  H  N N 223 
LYS HE2  H  N N 224 
LYS HE3  H  N N 225 
LYS HZ1  H  N N 226 
LYS HZ2  H  N N 227 
LYS HZ3  H  N N 228 
LYS HXT  H  N N 229 
MET N    N  N N 230 
MET CA   C  N S 231 
MET C    C  N N 232 
MET O    O  N N 233 
MET CB   C  N N 234 
MET CG   C  N N 235 
MET SD   S  N N 236 
MET CE   C  N N 237 
MET OXT  O  N N 238 
MET H    H  N N 239 
MET H2   H  N N 240 
MET HA   H  N N 241 
MET HB2  H  N N 242 
MET HB3  H  N N 243 
MET HG2  H  N N 244 
MET HG3  H  N N 245 
MET HE1  H  N N 246 
MET HE2  H  N N 247 
MET HE3  H  N N 248 
MET HXT  H  N N 249 
MSE N    N  N N 250 
MSE CA   C  N S 251 
MSE C    C  N N 252 
MSE O    O  N N 253 
MSE OXT  O  N N 254 
MSE CB   C  N N 255 
MSE CG   C  N N 256 
MSE SE   SE N N 257 
MSE CE   C  N N 258 
MSE H    H  N N 259 
MSE H2   H  N N 260 
MSE HA   H  N N 261 
MSE HXT  H  N N 262 
MSE HB2  H  N N 263 
MSE HB3  H  N N 264 
MSE HG2  H  N N 265 
MSE HG3  H  N N 266 
MSE HE1  H  N N 267 
MSE HE2  H  N N 268 
MSE HE3  H  N N 269 
PHE N    N  N N 270 
PHE CA   C  N S 271 
PHE C    C  N N 272 
PHE O    O  N N 273 
PHE CB   C  N N 274 
PHE CG   C  Y N 275 
PHE CD1  C  Y N 276 
PHE CD2  C  Y N 277 
PHE CE1  C  Y N 278 
PHE CE2  C  Y N 279 
PHE CZ   C  Y N 280 
PHE OXT  O  N N 281 
PHE H    H  N N 282 
PHE H2   H  N N 283 
PHE HA   H  N N 284 
PHE HB2  H  N N 285 
PHE HB3  H  N N 286 
PHE HD1  H  N N 287 
PHE HD2  H  N N 288 
PHE HE1  H  N N 289 
PHE HE2  H  N N 290 
PHE HZ   H  N N 291 
PHE HXT  H  N N 292 
PRO N    N  N N 293 
PRO CA   C  N S 294 
PRO C    C  N N 295 
PRO O    O  N N 296 
PRO CB   C  N N 297 
PRO CG   C  N N 298 
PRO CD   C  N N 299 
PRO OXT  O  N N 300 
PRO H    H  N N 301 
PRO HA   H  N N 302 
PRO HB2  H  N N 303 
PRO HB3  H  N N 304 
PRO HG2  H  N N 305 
PRO HG3  H  N N 306 
PRO HD2  H  N N 307 
PRO HD3  H  N N 308 
PRO HXT  H  N N 309 
SER N    N  N N 310 
SER CA   C  N S 311 
SER C    C  N N 312 
SER O    O  N N 313 
SER CB   C  N N 314 
SER OG   O  N N 315 
SER OXT  O  N N 316 
SER H    H  N N 317 
SER H2   H  N N 318 
SER HA   H  N N 319 
SER HB2  H  N N 320 
SER HB3  H  N N 321 
SER HG   H  N N 322 
SER HXT  H  N N 323 
THR N    N  N N 324 
THR CA   C  N S 325 
THR C    C  N N 326 
THR O    O  N N 327 
THR CB   C  N R 328 
THR OG1  O  N N 329 
THR CG2  C  N N 330 
THR OXT  O  N N 331 
THR H    H  N N 332 
THR H2   H  N N 333 
THR HA   H  N N 334 
THR HB   H  N N 335 
THR HG1  H  N N 336 
THR HG21 H  N N 337 
THR HG22 H  N N 338 
THR HG23 H  N N 339 
THR HXT  H  N N 340 
TRP N    N  N N 341 
TRP CA   C  N S 342 
TRP C    C  N N 343 
TRP O    O  N N 344 
TRP CB   C  N N 345 
TRP CG   C  Y N 346 
TRP CD1  C  Y N 347 
TRP CD2  C  Y N 348 
TRP NE1  N  Y N 349 
TRP CE2  C  Y N 350 
TRP CE3  C  Y N 351 
TRP CZ2  C  Y N 352 
TRP CZ3  C  Y N 353 
TRP CH2  C  Y N 354 
TRP OXT  O  N N 355 
TRP H    H  N N 356 
TRP H2   H  N N 357 
TRP HA   H  N N 358 
TRP HB2  H  N N 359 
TRP HB3  H  N N 360 
TRP HD1  H  N N 361 
TRP HE1  H  N N 362 
TRP HE3  H  N N 363 
TRP HZ2  H  N N 364 
TRP HZ3  H  N N 365 
TRP HH2  H  N N 366 
TRP HXT  H  N N 367 
TYR N    N  N N 368 
TYR CA   C  N S 369 
TYR C    C  N N 370 
TYR O    O  N N 371 
TYR CB   C  N N 372 
TYR CG   C  Y N 373 
TYR CD1  C  Y N 374 
TYR CD2  C  Y N 375 
TYR CE1  C  Y N 376 
TYR CE2  C  Y N 377 
TYR CZ   C  Y N 378 
TYR OH   O  N N 379 
TYR OXT  O  N N 380 
TYR H    H  N N 381 
TYR H2   H  N N 382 
TYR HA   H  N N 383 
TYR HB2  H  N N 384 
TYR HB3  H  N N 385 
TYR HD1  H  N N 386 
TYR HD2  H  N N 387 
TYR HE1  H  N N 388 
TYR HE2  H  N N 389 
TYR HH   H  N N 390 
TYR HXT  H  N N 391 
VAL N    N  N N 392 
VAL CA   C  N S 393 
VAL C    C  N N 394 
VAL O    O  N N 395 
VAL CB   C  N N 396 
VAL CG1  C  N N 397 
VAL CG2  C  N N 398 
VAL OXT  O  N N 399 
VAL H    H  N N 400 
VAL H2   H  N N 401 
VAL HA   H  N N 402 
VAL HB   H  N N 403 
VAL HG11 H  N N 404 
VAL HG12 H  N N 405 
VAL HG13 H  N N 406 
VAL HG21 H  N N 407 
VAL HG22 H  N N 408 
VAL HG23 H  N N 409 
VAL HXT  H  N N 410 
# 
loop_
_chem_comp_bond.comp_id 
_chem_comp_bond.atom_id_1 
_chem_comp_bond.atom_id_2 
_chem_comp_bond.value_order 
_chem_comp_bond.pdbx_aromatic_flag 
_chem_comp_bond.pdbx_stereo_config 
_chem_comp_bond.pdbx_ordinal 
ALA N   CA   sing N N 1   
ALA N   H    sing N N 2   
ALA N   H2   sing N N 3   
ALA CA  C    sing N N 4   
ALA CA  CB   sing N N 5   
ALA CA  HA   sing N N 6   
ALA C   O    doub N N 7   
ALA C   OXT  sing N N 8   
ALA CB  HB1  sing N N 9   
ALA CB  HB2  sing N N 10  
ALA CB  HB3  sing N N 11  
ALA OXT HXT  sing N N 12  
ARG N   CA   sing N N 13  
ARG N   H    sing N N 14  
ARG N   H2   sing N N 15  
ARG CA  C    sing N N 16  
ARG CA  CB   sing N N 17  
ARG CA  HA   sing N N 18  
ARG C   O    doub N N 19  
ARG C   OXT  sing N N 20  
ARG CB  CG   sing N N 21  
ARG CB  HB2  sing N N 22  
ARG CB  HB3  sing N N 23  
ARG CG  CD   sing N N 24  
ARG CG  HG2  sing N N 25  
ARG CG  HG3  sing N N 26  
ARG CD  NE   sing N N 27  
ARG CD  HD2  sing N N 28  
ARG CD  HD3  sing N N 29  
ARG NE  CZ   sing N N 30  
ARG NE  HE   sing N N 31  
ARG CZ  NH1  sing N N 32  
ARG CZ  NH2  doub N N 33  
ARG NH1 HH11 sing N N 34  
ARG NH1 HH12 sing N N 35  
ARG NH2 HH21 sing N N 36  
ARG NH2 HH22 sing N N 37  
ARG OXT HXT  sing N N 38  
ASN N   CA   sing N N 39  
ASN N   H    sing N N 40  
ASN N   H2   sing N N 41  
ASN CA  C    sing N N 42  
ASN CA  CB   sing N N 43  
ASN CA  HA   sing N N 44  
ASN C   O    doub N N 45  
ASN C   OXT  sing N N 46  
ASN CB  CG   sing N N 47  
ASN CB  HB2  sing N N 48  
ASN CB  HB3  sing N N 49  
ASN CG  OD1  doub N N 50  
ASN CG  ND2  sing N N 51  
ASN ND2 HD21 sing N N 52  
ASN ND2 HD22 sing N N 53  
ASN OXT HXT  sing N N 54  
ASP N   CA   sing N N 55  
ASP N   H    sing N N 56  
ASP N   H2   sing N N 57  
ASP CA  C    sing N N 58  
ASP CA  CB   sing N N 59  
ASP CA  HA   sing N N 60  
ASP C   O    doub N N 61  
ASP C   OXT  sing N N 62  
ASP CB  CG   sing N N 63  
ASP CB  HB2  sing N N 64  
ASP CB  HB3  sing N N 65  
ASP CG  OD1  doub N N 66  
ASP CG  OD2  sing N N 67  
ASP OD2 HD2  sing N N 68  
ASP OXT HXT  sing N N 69  
CYS N   CA   sing N N 70  
CYS N   H    sing N N 71  
CYS N   H2   sing N N 72  
CYS CA  C    sing N N 73  
CYS CA  CB   sing N N 74  
CYS CA  HA   sing N N 75  
CYS C   O    doub N N 76  
CYS C   OXT  sing N N 77  
CYS CB  SG   sing N N 78  
CYS CB  HB2  sing N N 79  
CYS CB  HB3  sing N N 80  
CYS SG  HG   sing N N 81  
CYS OXT HXT  sing N N 82  
GLN N   CA   sing N N 83  
GLN N   H    sing N N 84  
GLN N   H2   sing N N 85  
GLN CA  C    sing N N 86  
GLN CA  CB   sing N N 87  
GLN CA  HA   sing N N 88  
GLN C   O    doub N N 89  
GLN C   OXT  sing N N 90  
GLN CB  CG   sing N N 91  
GLN CB  HB2  sing N N 92  
GLN CB  HB3  sing N N 93  
GLN CG  CD   sing N N 94  
GLN CG  HG2  sing N N 95  
GLN CG  HG3  sing N N 96  
GLN CD  OE1  doub N N 97  
GLN CD  NE2  sing N N 98  
GLN NE2 HE21 sing N N 99  
GLN NE2 HE22 sing N N 100 
GLN OXT HXT  sing N N 101 
GLU N   CA   sing N N 102 
GLU N   H    sing N N 103 
GLU N   H2   sing N N 104 
GLU CA  C    sing N N 105 
GLU CA  CB   sing N N 106 
GLU CA  HA   sing N N 107 
GLU C   O    doub N N 108 
GLU C   OXT  sing N N 109 
GLU CB  CG   sing N N 110 
GLU CB  HB2  sing N N 111 
GLU CB  HB3  sing N N 112 
GLU CG  CD   sing N N 113 
GLU CG  HG2  sing N N 114 
GLU CG  HG3  sing N N 115 
GLU CD  OE1  doub N N 116 
GLU CD  OE2  sing N N 117 
GLU OE2 HE2  sing N N 118 
GLU OXT HXT  sing N N 119 
GLY N   CA   sing N N 120 
GLY N   H    sing N N 121 
GLY N   H2   sing N N 122 
GLY CA  C    sing N N 123 
GLY CA  HA2  sing N N 124 
GLY CA  HA3  sing N N 125 
GLY C   O    doub N N 126 
GLY C   OXT  sing N N 127 
GLY OXT HXT  sing N N 128 
HIS N   CA   sing N N 129 
HIS N   H    sing N N 130 
HIS N   H2   sing N N 131 
HIS CA  C    sing N N 132 
HIS CA  CB   sing N N 133 
HIS CA  HA   sing N N 134 
HIS C   O    doub N N 135 
HIS C   OXT  sing N N 136 
HIS CB  CG   sing N N 137 
HIS CB  HB2  sing N N 138 
HIS CB  HB3  sing N N 139 
HIS CG  ND1  sing Y N 140 
HIS CG  CD2  doub Y N 141 
HIS ND1 CE1  doub Y N 142 
HIS ND1 HD1  sing N N 143 
HIS CD2 NE2  sing Y N 144 
HIS CD2 HD2  sing N N 145 
HIS CE1 NE2  sing Y N 146 
HIS CE1 HE1  sing N N 147 
HIS NE2 HE2  sing N N 148 
HIS OXT HXT  sing N N 149 
HOH O   H1   sing N N 150 
HOH O   H2   sing N N 151 
ILE N   CA   sing N N 152 
ILE N   H    sing N N 153 
ILE N   H2   sing N N 154 
ILE CA  C    sing N N 155 
ILE CA  CB   sing N N 156 
ILE CA  HA   sing N N 157 
ILE C   O    doub N N 158 
ILE C   OXT  sing N N 159 
ILE CB  CG1  sing N N 160 
ILE CB  CG2  sing N N 161 
ILE CB  HB   sing N N 162 
ILE CG1 CD1  sing N N 163 
ILE CG1 HG12 sing N N 164 
ILE CG1 HG13 sing N N 165 
ILE CG2 HG21 sing N N 166 
ILE CG2 HG22 sing N N 167 
ILE CG2 HG23 sing N N 168 
ILE CD1 HD11 sing N N 169 
ILE CD1 HD12 sing N N 170 
ILE CD1 HD13 sing N N 171 
ILE OXT HXT  sing N N 172 
LEU N   CA   sing N N 173 
LEU N   H    sing N N 174 
LEU N   H2   sing N N 175 
LEU CA  C    sing N N 176 
LEU CA  CB   sing N N 177 
LEU CA  HA   sing N N 178 
LEU C   O    doub N N 179 
LEU C   OXT  sing N N 180 
LEU CB  CG   sing N N 181 
LEU CB  HB2  sing N N 182 
LEU CB  HB3  sing N N 183 
LEU CG  CD1  sing N N 184 
LEU CG  CD2  sing N N 185 
LEU CG  HG   sing N N 186 
LEU CD1 HD11 sing N N 187 
LEU CD1 HD12 sing N N 188 
LEU CD1 HD13 sing N N 189 
LEU CD2 HD21 sing N N 190 
LEU CD2 HD22 sing N N 191 
LEU CD2 HD23 sing N N 192 
LEU OXT HXT  sing N N 193 
LYS N   CA   sing N N 194 
LYS N   H    sing N N 195 
LYS N   H2   sing N N 196 
LYS CA  C    sing N N 197 
LYS CA  CB   sing N N 198 
LYS CA  HA   sing N N 199 
LYS C   O    doub N N 200 
LYS C   OXT  sing N N 201 
LYS CB  CG   sing N N 202 
LYS CB  HB2  sing N N 203 
LYS CB  HB3  sing N N 204 
LYS CG  CD   sing N N 205 
LYS CG  HG2  sing N N 206 
LYS CG  HG3  sing N N 207 
LYS CD  CE   sing N N 208 
LYS CD  HD2  sing N N 209 
LYS CD  HD3  sing N N 210 
LYS CE  NZ   sing N N 211 
LYS CE  HE2  sing N N 212 
LYS CE  HE3  sing N N 213 
LYS NZ  HZ1  sing N N 214 
LYS NZ  HZ2  sing N N 215 
LYS NZ  HZ3  sing N N 216 
LYS OXT HXT  sing N N 217 
MET N   CA   sing N N 218 
MET N   H    sing N N 219 
MET N   H2   sing N N 220 
MET CA  C    sing N N 221 
MET CA  CB   sing N N 222 
MET CA  HA   sing N N 223 
MET C   O    doub N N 224 
MET C   OXT  sing N N 225 
MET CB  CG   sing N N 226 
MET CB  HB2  sing N N 227 
MET CB  HB3  sing N N 228 
MET CG  SD   sing N N 229 
MET CG  HG2  sing N N 230 
MET CG  HG3  sing N N 231 
MET SD  CE   sing N N 232 
MET CE  HE1  sing N N 233 
MET CE  HE2  sing N N 234 
MET CE  HE3  sing N N 235 
MET OXT HXT  sing N N 236 
MSE N   CA   sing N N 237 
MSE N   H    sing N N 238 
MSE N   H2   sing N N 239 
MSE CA  C    sing N N 240 
MSE CA  CB   sing N N 241 
MSE CA  HA   sing N N 242 
MSE C   O    doub N N 243 
MSE C   OXT  sing N N 244 
MSE OXT HXT  sing N N 245 
MSE CB  CG   sing N N 246 
MSE CB  HB2  sing N N 247 
MSE CB  HB3  sing N N 248 
MSE CG  SE   sing N N 249 
MSE CG  HG2  sing N N 250 
MSE CG  HG3  sing N N 251 
MSE SE  CE   sing N N 252 
MSE CE  HE1  sing N N 253 
MSE CE  HE2  sing N N 254 
MSE CE  HE3  sing N N 255 
PHE N   CA   sing N N 256 
PHE N   H    sing N N 257 
PHE N   H2   sing N N 258 
PHE CA  C    sing N N 259 
PHE CA  CB   sing N N 260 
PHE CA  HA   sing N N 261 
PHE C   O    doub N N 262 
PHE C   OXT  sing N N 263 
PHE CB  CG   sing N N 264 
PHE CB  HB2  sing N N 265 
PHE CB  HB3  sing N N 266 
PHE CG  CD1  doub Y N 267 
PHE CG  CD2  sing Y N 268 
PHE CD1 CE1  sing Y N 269 
PHE CD1 HD1  sing N N 270 
PHE CD2 CE2  doub Y N 271 
PHE CD2 HD2  sing N N 272 
PHE CE1 CZ   doub Y N 273 
PHE CE1 HE1  sing N N 274 
PHE CE2 CZ   sing Y N 275 
PHE CE2 HE2  sing N N 276 
PHE CZ  HZ   sing N N 277 
PHE OXT HXT  sing N N 278 
PRO N   CA   sing N N 279 
PRO N   CD   sing N N 280 
PRO N   H    sing N N 281 
PRO CA  C    sing N N 282 
PRO CA  CB   sing N N 283 
PRO CA  HA   sing N N 284 
PRO C   O    doub N N 285 
PRO C   OXT  sing N N 286 
PRO CB  CG   sing N N 287 
PRO CB  HB2  sing N N 288 
PRO CB  HB3  sing N N 289 
PRO CG  CD   sing N N 290 
PRO CG  HG2  sing N N 291 
PRO CG  HG3  sing N N 292 
PRO CD  HD2  sing N N 293 
PRO CD  HD3  sing N N 294 
PRO OXT HXT  sing N N 295 
SER N   CA   sing N N 296 
SER N   H    sing N N 297 
SER N   H2   sing N N 298 
SER CA  C    sing N N 299 
SER CA  CB   sing N N 300 
SER CA  HA   sing N N 301 
SER C   O    doub N N 302 
SER C   OXT  sing N N 303 
SER CB  OG   sing N N 304 
SER CB  HB2  sing N N 305 
SER CB  HB3  sing N N 306 
SER OG  HG   sing N N 307 
SER OXT HXT  sing N N 308 
THR N   CA   sing N N 309 
THR N   H    sing N N 310 
THR N   H2   sing N N 311 
THR CA  C    sing N N 312 
THR CA  CB   sing N N 313 
THR CA  HA   sing N N 314 
THR C   O    doub N N 315 
THR C   OXT  sing N N 316 
THR CB  OG1  sing N N 317 
THR CB  CG2  sing N N 318 
THR CB  HB   sing N N 319 
THR OG1 HG1  sing N N 320 
THR CG2 HG21 sing N N 321 
THR CG2 HG22 sing N N 322 
THR CG2 HG23 sing N N 323 
THR OXT HXT  sing N N 324 
TRP N   CA   sing N N 325 
TRP N   H    sing N N 326 
TRP N   H2   sing N N 327 
TRP CA  C    sing N N 328 
TRP CA  CB   sing N N 329 
TRP CA  HA   sing N N 330 
TRP C   O    doub N N 331 
TRP C   OXT  sing N N 332 
TRP CB  CG   sing N N 333 
TRP CB  HB2  sing N N 334 
TRP CB  HB3  sing N N 335 
TRP CG  CD1  doub Y N 336 
TRP CG  CD2  sing Y N 337 
TRP CD1 NE1  sing Y N 338 
TRP CD1 HD1  sing N N 339 
TRP CD2 CE2  doub Y N 340 
TRP CD2 CE3  sing Y N 341 
TRP NE1 CE2  sing Y N 342 
TRP NE1 HE1  sing N N 343 
TRP CE2 CZ2  sing Y N 344 
TRP CE3 CZ3  doub Y N 345 
TRP CE3 HE3  sing N N 346 
TRP CZ2 CH2  doub Y N 347 
TRP CZ2 HZ2  sing N N 348 
TRP CZ3 CH2  sing Y N 349 
TRP CZ3 HZ3  sing N N 350 
TRP CH2 HH2  sing N N 351 
TRP OXT HXT  sing N N 352 
TYR N   CA   sing N N 353 
TYR N   H    sing N N 354 
TYR N   H2   sing N N 355 
TYR CA  C    sing N N 356 
TYR CA  CB   sing N N 357 
TYR CA  HA   sing N N 358 
TYR C   O    doub N N 359 
TYR C   OXT  sing N N 360 
TYR CB  CG   sing N N 361 
TYR CB  HB2  sing N N 362 
TYR CB  HB3  sing N N 363 
TYR CG  CD1  doub Y N 364 
TYR CG  CD2  sing Y N 365 
TYR CD1 CE1  sing Y N 366 
TYR CD1 HD1  sing N N 367 
TYR CD2 CE2  doub Y N 368 
TYR CD2 HD2  sing N N 369 
TYR CE1 CZ   doub Y N 370 
TYR CE1 HE1  sing N N 371 
TYR CE2 CZ   sing Y N 372 
TYR CE2 HE2  sing N N 373 
TYR CZ  OH   sing N N 374 
TYR OH  HH   sing N N 375 
TYR OXT HXT  sing N N 376 
VAL N   CA   sing N N 377 
VAL N   H    sing N N 378 
VAL N   H2   sing N N 379 
VAL CA  C    sing N N 380 
VAL CA  CB   sing N N 381 
VAL CA  HA   sing N N 382 
VAL C   O    doub N N 383 
VAL C   OXT  sing N N 384 
VAL CB  CG1  sing N N 385 
VAL CB  CG2  sing N N 386 
VAL CB  HB   sing N N 387 
VAL CG1 HG11 sing N N 388 
VAL CG1 HG12 sing N N 389 
VAL CG1 HG13 sing N N 390 
VAL CG2 HG21 sing N N 391 
VAL CG2 HG22 sing N N 392 
VAL CG2 HG23 sing N N 393 
VAL OXT HXT  sing N N 394 
# 
_atom_sites.entry_id                    2OI8 
_atom_sites.fract_transf_matrix[1][1]   0.00274550 
_atom_sites.fract_transf_matrix[1][2]   0.00191584 
_atom_sites.fract_transf_matrix[1][3]   0.01982366 
_atom_sites.fract_transf_matrix[2][1]   0.01715655 
_atom_sites.fract_transf_matrix[2][2]   -0.00624019 
_atom_sites.fract_transf_matrix[2][3]   0.00842162 
_atom_sites.fract_transf_matrix[3][1]   0.00163947 
_atom_sites.fract_transf_matrix[3][2]   0.00371635 
_atom_sites.fract_transf_matrix[3][3]   -0.00058622 
_atom_sites.fract_transf_vector[1]      0.454142 
_atom_sites.fract_transf_vector[2]      0.318124 
_atom_sites.fract_transf_vector[3]      0.544379 
# 
loop_
_atom_type.symbol 
C  
N  
O  
S  
SE 
# 
loop_
_atom_site.group_PDB 
_atom_site.id 
_atom_site.type_symbol 
_atom_site.label_atom_id 
_atom_site.label_alt_id 
_atom_site.label_comp_id 
_atom_site.label_asym_id 
_atom_site.label_entity_id 
_atom_site.label_seq_id 
_atom_site.pdbx_PDB_ins_code 
_atom_site.Cartn_x 
_atom_site.Cartn_y 
_atom_site.Cartn_z 
_atom_site.occupancy 
_atom_site.B_iso_or_equiv 
_atom_site.pdbx_formal_charge 
_atom_site.auth_seq_id 
_atom_site.auth_comp_id 
_atom_site.auth_asym_id 
_atom_site.auth_atom_id 
_atom_site.pdbx_PDB_model_num 
ATOM   1    N  N   . THR A 1 8   ? -7.136  -20.288 -16.384 1.00 29.58 ? 8   THR A N   1 
ATOM   2    C  CA  . THR A 1 8   ? -7.678  -21.653 -16.079 1.00 29.46 ? 8   THR A CA  1 
ATOM   3    C  C   . THR A 1 8   ? -6.721  -22.834 -16.424 1.00 29.66 ? 8   THR A C   1 
ATOM   4    O  O   . THR A 1 8   ? -6.413  -23.636 -15.535 1.00 29.98 ? 8   THR A O   1 
ATOM   5    C  CB  . THR A 1 8   ? -9.091  -21.849 -16.696 1.00 29.18 ? 8   THR A CB  1 
ATOM   6    N  N   . PRO A 1 9   ? -6.259  -22.947 -17.702 1.00 29.51 ? 9   PRO A N   1 
ATOM   7    C  CA  . PRO A 1 9   ? -5.438  -24.080 -18.209 1.00 28.79 ? 9   PRO A CA  1 
ATOM   8    C  C   . PRO A 1 9   ? -4.127  -24.413 -17.499 1.00 27.75 ? 9   PRO A C   1 
ATOM   9    O  O   . PRO A 1 9   ? -3.581  -23.601 -16.739 1.00 27.05 ? 9   PRO A O   1 
ATOM   10   C  CB  . PRO A 1 9   ? -5.119  -23.671 -19.651 1.00 28.85 ? 9   PRO A CB  1 
ATOM   11   C  CG  . PRO A 1 9   ? -6.240  -22.792 -20.037 1.00 29.68 ? 9   PRO A CG  1 
ATOM   12   C  CD  . PRO A 1 9   ? -6.548  -21.992 -18.793 1.00 29.77 ? 9   PRO A CD  1 
ATOM   13   N  N   . ARG A 1 10  ? -3.648  -25.620 -17.817 1.00 26.68 ? 10  ARG A N   1 
ATOM   14   C  CA  . ARG A 1 10  ? -2.471  -26.273 -17.236 1.00 25.80 ? 10  ARG A CA  1 
ATOM   15   C  C   . ARG A 1 10  ? -1.172  -25.444 -17.287 1.00 25.10 ? 10  ARG A C   1 
ATOM   16   O  O   . ARG A 1 10  ? -0.586  -25.161 -16.236 1.00 24.68 ? 10  ARG A O   1 
ATOM   17   C  CB  . ARG A 1 10  ? -2.299  -27.654 -17.885 1.00 25.51 ? 10  ARG A CB  1 
ATOM   18   C  CG  . ARG A 1 10  ? -3.595  -28.456 -17.851 1.00 25.85 ? 10  ARG A CG  1 
ATOM   19   C  CD  . ARG A 1 10  ? -3.658  -29.623 -18.864 1.00 26.38 ? 10  ARG A CD  1 
ATOM   20   N  NE  . ARG A 1 10  ? -5.050  -29.996 -19.177 1.00 27.32 ? 10  ARG A NE  1 
ATOM   21   C  CZ  . ARG A 1 10  ? -5.423  -30.984 -19.996 1.00 27.87 ? 10  ARG A CZ  1 
ATOM   22   N  NH1 . ARG A 1 10  ? -4.520  -31.742 -20.608 1.00 28.65 ? 10  ARG A NH1 1 
ATOM   23   N  NH2 . ARG A 1 10  ? -6.713  -31.221 -20.204 1.00 27.76 ? 10  ARG A NH2 1 
ATOM   24   N  N   . GLU A 1 11  ? -0.738  -25.043 -18.489 1.00 24.42 ? 11  GLU A N   1 
ATOM   25   C  CA  . GLU A 1 11  ? 0.412   -24.130 -18.657 1.00 23.82 ? 11  GLU A CA  1 
ATOM   26   C  C   . GLU A 1 11  ? 0.240   -22.862 -17.804 1.00 23.22 ? 11  GLU A C   1 
ATOM   27   O  O   . GLU A 1 11  ? 0.761   -21.804 -18.129 1.00 23.39 ? 11  GLU A O   1 
ATOM   28   C  CB  . GLU A 1 11  ? 0.632   -23.753 -20.139 1.00 23.92 ? 11  GLU A CB  1 
ATOM   29   C  CG  . GLU A 1 11  ? 2.006   -23.095 -20.447 1.00 24.99 ? 11  GLU A CG  1 
ATOM   30   C  CD  . GLU A 1 11  ? 1.953   -21.959 -21.494 1.00 26.79 ? 11  GLU A CD  1 
ATOM   31   O  OE1 . GLU A 1 11  ? 1.568   -20.806 -21.151 1.00 26.72 ? 11  GLU A OE1 1 
ATOM   32   O  OE2 . GLU A 1 11  ? 2.329   -22.212 -22.663 1.00 26.51 ? 11  GLU A OE2 1 
ATOM   33   N  N   . ARG A 1 12  ? -0.504  -22.965 -16.710 1.00 22.47 ? 12  ARG A N   1 
ATOM   34   C  CA  . ARG A 1 12  ? -0.521  -21.873 -15.745 1.00 21.34 ? 12  ARG A CA  1 
ATOM   35   C  C   . ARG A 1 12  ? 0.054   -22.261 -14.361 1.00 20.43 ? 12  ARG A C   1 
ATOM   36   O  O   . ARG A 1 12  ? -0.411  -21.825 -13.299 1.00 19.68 ? 12  ARG A O   1 
ATOM   37   C  CB  . ARG A 1 12  ? -1.855  -21.152 -15.753 1.00 21.41 ? 12  ARG A CB  1 
ATOM   38   C  CG  . ARG A 1 12  ? -2.059  -20.447 -17.092 1.00 22.06 ? 12  ARG A CG  1 
ATOM   39   C  CD  . ARG A 1 12  ? -3.450  -19.894 -17.238 1.00 23.46 ? 12  ARG A CD  1 
ATOM   40   N  NE  . ARG A 1 12  ? -3.872  -19.885 -18.635 1.00 23.41 ? 12  ARG A NE  1 
ATOM   41   C  CZ  . ARG A 1 12  ? -4.869  -19.147 -19.116 1.00 24.20 ? 12  ARG A CZ  1 
ATOM   42   N  NH1 . ARG A 1 12  ? -5.557  -18.334 -18.320 1.00 24.93 ? 12  ARG A NH1 1 
ATOM   43   N  NH2 . ARG A 1 12  ? -5.172  -19.216 -20.404 1.00 24.28 ? 12  ARG A NH2 1 
ATOM   44   N  N   . TYR A 1 13  ? 1.092   -23.114 -14.457 1.00 18.95 ? 13  TYR A N   1 
ATOM   45   C  CA  . TYR A 1 13  ? 2.236   -23.188 -13.550 1.00 16.77 ? 13  TYR A CA  1 
ATOM   46   C  C   . TYR A 1 13  ? 3.178   -22.002 -13.818 1.00 16.63 ? 13  TYR A C   1 
ATOM   47   O  O   . TYR A 1 13  ? 4.127   -21.757 -13.051 1.00 16.21 ? 13  TYR A O   1 
ATOM   48   C  CB  . TYR A 1 13  ? 3.080   -24.438 -13.834 1.00 16.17 ? 13  TYR A CB  1 
ATOM   49   C  CG  . TYR A 1 13  ? 2.402   -25.718 -14.310 1.00 13.86 ? 13  TYR A CG  1 
ATOM   50   C  CD1 . TYR A 1 13  ? 1.685   -26.526 -13.429 1.00 11.69 ? 13  TYR A CD1 1 
ATOM   51   C  CD2 . TYR A 1 13  ? 2.561   -26.160 -15.625 1.00 11.78 ? 13  TYR A CD2 1 
ATOM   52   C  CE1 . TYR A 1 13  ? 1.097   -27.729 -13.863 1.00 12.25 ? 13  TYR A CE1 1 
ATOM   53   C  CE2 . TYR A 1 13  ? 1.981   -27.364 -16.064 1.00 11.07 ? 13  TYR A CE2 1 
ATOM   54   C  CZ  . TYR A 1 13  ? 1.260   -28.138 -15.177 1.00 12.20 ? 13  TYR A CZ  1 
ATOM   55   O  OH  . TYR A 1 13  ? 0.685   -29.313 -15.602 1.00 13.78 ? 13  TYR A OH  1 
ATOM   56   N  N   . ARG A 1 14  ? 2.970   -21.311 -14.943 1.00 16.07 ? 14  ARG A N   1 
ATOM   57   C  CA  . ARG A 1 14  ? 3.635   -20.035 -15.183 1.00 15.89 ? 14  ARG A CA  1 
ATOM   58   C  C   . ARG A 1 14  ? 3.389   -19.082 -14.014 1.00 15.24 ? 14  ARG A C   1 
ATOM   59   O  O   . ARG A 1 14  ? 4.301   -18.385 -13.588 1.00 14.60 ? 14  ARG A O   1 
ATOM   60   C  CB  . ARG A 1 14  ? 3.161   -19.389 -16.487 1.00 16.15 ? 14  ARG A CB  1 
ATOM   61   C  CG  . ARG A 1 14  ? 3.730   -20.047 -17.726 1.00 18.27 ? 14  ARG A CG  1 
ATOM   62   C  CD  . ARG A 1 14  ? 3.401   -19.246 -18.976 1.00 21.83 ? 14  ARG A CD  1 
ATOM   63   N  NE  . ARG A 1 14  ? 4.364   -18.164 -19.220 1.00 24.88 ? 14  ARG A NE  1 
ATOM   64   C  CZ  . ARG A 1 14  ? 5.588   -18.341 -19.720 1.00 25.22 ? 14  ARG A CZ  1 
ATOM   65   N  NH1 . ARG A 1 14  ? 6.024   -19.560 -20.023 1.00 24.77 ? 14  ARG A NH1 1 
ATOM   66   N  NH2 . ARG A 1 14  ? 6.383   -17.297 -19.904 1.00 25.22 ? 14  ARG A NH2 1 
ATOM   67   N  N   . THR A 1 15  ? 2.160   -19.068 -13.492 1.00 14.53 ? 15  THR A N   1 
ATOM   68   C  CA  . THR A 1 15  ? 1.842   -18.221 -12.361 1.00 14.69 ? 15  THR A CA  1 
ATOM   69   C  C   . THR A 1 15  ? 2.768   -18.510 -11.193 1.00 15.18 ? 15  THR A C   1 
ATOM   70   O  O   . THR A 1 15  ? 3.201   -17.574 -10.496 1.00 15.77 ? 15  THR A O   1 
ATOM   71   C  CB  . THR A 1 15  ? 0.393   -18.367 -11.907 1.00 14.86 ? 15  THR A CB  1 
ATOM   72   O  OG1 . THR A 1 15  ? -0.470  -18.097 -13.016 1.00 14.81 ? 15  THR A OG1 1 
ATOM   73   C  CG2 . THR A 1 15  ? 0.085   -17.391 -10.759 1.00 13.04 ? 15  THR A CG2 1 
ATOM   74   N  N   . GLN A 1 16  ? 3.102   -19.784 -11.002 1.00 14.79 ? 16  GLN A N   1 
ATOM   75   C  CA  . GLN A 1 16  ? 4.007   -20.165 -9.925  1.00 15.35 ? 16  GLN A CA  1 
ATOM   76   C  C   . GLN A 1 16  ? 5.482   -19.824 -10.142 1.00 15.40 ? 16  GLN A C   1 
ATOM   77   O  O   . GLN A 1 16  ? 6.177   -19.454 -9.187  1.00 15.73 ? 16  GLN A O   1 
ATOM   78   C  CB  . GLN A 1 16  ? 3.834   -21.625 -9.547  1.00 15.56 ? 16  GLN A CB  1 
ATOM   79   C  CG  . GLN A 1 16  ? 2.686   -21.811 -8.586  1.00 15.91 ? 16  GLN A CG  1 
ATOM   80   C  CD  . GLN A 1 16  ? 2.245   -23.219 -8.547  1.00 19.39 ? 16  GLN A CD  1 
ATOM   81   O  OE1 . GLN A 1 16  ? 2.370   -23.888 -7.528  1.00 22.39 ? 16  GLN A OE1 1 
ATOM   82   N  NE2 . GLN A 1 16  ? 1.748   -23.716 -9.677  1.00 20.79 ? 16  GLN A NE2 1 
ATOM   83   N  N   . VAL A 1 17  ? 5.976   -19.930 -11.370 1.00 15.25 ? 17  VAL A N   1 
ATOM   84   C  CA  . VAL A 1 17  ? 7.348   -19.503 -11.582 1.00 15.12 ? 17  VAL A CA  1 
ATOM   85   C  C   . VAL A 1 17  ? 7.450   -17.974 -11.436 1.00 15.03 ? 17  VAL A C   1 
ATOM   86   O  O   . VAL A 1 17  ? 8.328   -17.469 -10.732 1.00 14.61 ? 17  VAL A O   1 
ATOM   87   C  CB  . VAL A 1 17  ? 8.046   -20.138 -12.829 1.00 15.04 ? 17  VAL A CB  1 
ATOM   88   C  CG1 . VAL A 1 17  ? 7.046   -20.750 -13.771 1.00 15.50 ? 17  VAL A CG1 1 
ATOM   89   C  CG2 . VAL A 1 17  ? 8.968   -19.141 -13.524 1.00 14.64 ? 17  VAL A CG2 1 
ATOM   90   N  N   . ARG A 1 18  ? 6.490   -17.256 -12.011 1.00 15.06 ? 18  ARG A N   1 
ATOM   91   C  CA  . ARG A 1 18  ? 6.383   -15.816 -11.787 1.00 15.34 ? 18  ARG A CA  1 
ATOM   92   C  C   . ARG A 1 18  ? 6.414   -15.478 -10.290 1.00 14.87 ? 18  ARG A C   1 
ATOM   93   O  O   . ARG A 1 18  ? 7.043   -14.499 -9.884  1.00 14.06 ? 18  ARG A O   1 
ATOM   94   C  CB  . ARG A 1 18  ? 5.139   -15.242 -12.458 1.00 15.09 ? 18  ARG A CB  1 
ATOM   95   C  CG  . ARG A 1 18  ? 5.310   -15.013 -13.959 1.00 16.10 ? 18  ARG A CG  1 
ATOM   96   C  CD  . ARG A 1 18  ? 4.377   -13.913 -14.534 1.00 16.63 ? 18  ARG A CD  1 
ATOM   97   N  NE  . ARG A 1 18  ? 3.017   -13.989 -13.996 1.00 21.46 ? 18  ARG A NE  1 
ATOM   98   C  CZ  . ARG A 1 18  ? 2.098   -14.900 -14.348 1.00 24.58 ? 18  ARG A CZ  1 
ATOM   99   N  NH1 . ARG A 1 18  ? 2.379   -15.839 -15.263 1.00 25.42 ? 18  ARG A NH1 1 
ATOM   100  N  NH2 . ARG A 1 18  ? 0.882   -14.878 -13.783 1.00 24.94 ? 18  ARG A NH2 1 
ATOM   101  N  N   . ALA A 1 19  ? 5.763   -16.322 -9.476  1.00 14.77 ? 19  ALA A N   1 
ATOM   102  C  CA  . ALA A 1 19  ? 5.775   -16.140 -8.025  1.00 14.40 ? 19  ALA A CA  1 
ATOM   103  C  C   . ALA A 1 19  ? 7.178   -16.325 -7.454  1.00 14.57 ? 19  ALA A C   1 
ATOM   104  O  O   . ALA A 1 19  ? 7.571   -15.586 -6.563  1.00 14.65 ? 19  ALA A O   1 
ATOM   105  C  CB  . ALA A 1 19  ? 4.764   -17.038 -7.343  1.00 13.43 ? 19  ALA A CB  1 
ATOM   106  N  N   . GLU A 1 20  ? 7.941   -17.281 -7.984  1.00 14.95 ? 20  GLU A N   1 
ATOM   107  C  CA  . GLU A 1 20  ? 9.349   -17.406 -7.614  1.00 16.15 ? 20  GLU A CA  1 
ATOM   108  C  C   . GLU A 1 20  ? 10.185  -16.212 -8.067  1.00 16.34 ? 20  GLU A C   1 
ATOM   109  O  O   . GLU A 1 20  ? 11.052  -15.748 -7.317  1.00 16.60 ? 20  GLU A O   1 
ATOM   110  C  CB  . GLU A 1 20  ? 9.942   -18.680 -8.187  1.00 16.24 ? 20  GLU A CB  1 
ATOM   111  C  CG  . GLU A 1 20  ? 9.762   -19.872 -7.295  1.00 20.07 ? 20  GLU A CG  1 
ATOM   112  C  CD  . GLU A 1 20  ? 10.794  -19.920 -6.168  1.00 25.51 ? 20  GLU A CD  1 
ATOM   113  O  OE1 . GLU A 1 20  ? 10.562  -19.280 -5.100  1.00 28.35 ? 20  GLU A OE1 1 
ATOM   114  O  OE2 . GLU A 1 20  ? 11.832  -20.615 -6.348  1.00 25.89 ? 20  GLU A OE2 1 
ATOM   115  N  N   . ILE A 1 21  ? 9.933   -15.736 -9.295  1.00 16.46 ? 21  ILE A N   1 
ATOM   116  C  CA  . ILE A 1 21  ? 10.627  -14.575 -9.829  1.00 16.65 ? 21  ILE A CA  1 
ATOM   117  C  C   . ILE A 1 21  ? 10.394  -13.418 -8.875  1.00 16.69 ? 21  ILE A C   1 
ATOM   118  O  O   . ILE A 1 21  ? 11.347  -12.755 -8.461  1.00 16.22 ? 21  ILE A O   1 
ATOM   119  C  CB  . ILE A 1 21  ? 10.084  -14.078 -11.180 1.00 16.75 ? 21  ILE A CB  1 
ATOM   120  C  CG1 . ILE A 1 21  ? 9.878   -15.203 -12.204 1.00 18.45 ? 21  ILE A CG1 1 
ATOM   121  C  CG2 . ILE A 1 21  ? 10.973  -12.934 -11.730 1.00 15.74 ? 21  ILE A CG2 1 
ATOM   122  C  CD1 . ILE A 1 21  ? 11.101  -15.876 -12.668 1.00 20.43 ? 21  ILE A CD1 1 
ATOM   123  N  N   . LYS A 1 22  ? 9.116   -13.195 -8.543  1.00 16.50 ? 22  LYS A N   1 
ATOM   124  C  CA  . LYS A 1 22  ? 8.706   -12.085 -7.690  1.00 16.33 ? 22  LYS A CA  1 
ATOM   125  C  C   . LYS A 1 22  ? 9.336   -12.192 -6.322  1.00 17.04 ? 22  LYS A C   1 
ATOM   126  O  O   . LYS A 1 22  ? 9.869   -11.191 -5.824  1.00 17.00 ? 22  LYS A O   1 
ATOM   127  C  CB  . LYS A 1 22  ? 7.186   -11.969 -7.610  1.00 15.47 ? 22  LYS A CB  1 
ATOM   128  C  CG  . LYS A 1 22  ? 6.625   -11.354 -8.887  1.00 14.26 ? 22  LYS A CG  1 
ATOM   129  C  CD  . LYS A 1 22  ? 5.184   -10.931 -8.783  1.00 12.26 ? 22  LYS A CD  1 
ATOM   130  C  CE  . LYS A 1 22  ? 4.272   -12.137 -8.565  1.00 11.78 ? 22  LYS A CE  1 
ATOM   131  N  NZ  . LYS A 1 22  ? 2.879   -11.719 -8.840  1.00 11.91 ? 22  LYS A NZ  1 
ATOM   132  N  N   . ASP A 1 23  ? 9.302   -13.403 -5.741  1.00 17.42 ? 23  ASP A N   1 
ATOM   133  C  CA  . ASP A 1 23  ? 10.060  -13.721 -4.534  1.00 18.27 ? 23  ASP A CA  1 
ATOM   134  C  C   . ASP A 1 23  ? 11.514  -13.267 -4.598  1.00 18.56 ? 23  ASP A C   1 
ATOM   135  O  O   . ASP A 1 23  ? 11.946  -12.509 -3.735  1.00 19.64 ? 23  ASP A O   1 
ATOM   136  C  CB  . ASP A 1 23  ? 10.022  -15.221 -4.224  1.00 19.16 ? 23  ASP A CB  1 
ATOM   137  C  CG  . ASP A 1 23  ? 8.893   -15.595 -3.286  1.00 20.65 ? 23  ASP A CG  1 
ATOM   138  O  OD1 . ASP A 1 23  ? 8.034   -14.734 -3.006  1.00 23.41 ? 23  ASP A OD1 1 
ATOM   139  O  OD2 . ASP A 1 23  ? 8.860   -16.755 -2.829  1.00 24.52 ? 23  ASP A OD2 1 
ATOM   140  N  N   . HIS A 1 24  ? 12.277  -13.692 -5.602  1.00 18.12 ? 24  HIS A N   1 
ATOM   141  C  CA  . HIS A 1 24  ? 13.676  -13.247 -5.658  1.00 18.23 ? 24  HIS A CA  1 
ATOM   142  C  C   . HIS A 1 24  ? 13.809  -11.750 -5.815  1.00 17.87 ? 24  HIS A C   1 
ATOM   143  O  O   . HIS A 1 24  ? 14.784  -11.166 -5.337  1.00 18.64 ? 24  HIS A O   1 
ATOM   144  C  CB  . HIS A 1 24  ? 14.476  -13.976 -6.735  1.00 18.26 ? 24  HIS A CB  1 
ATOM   145  C  CG  . HIS A 1 24  ? 14.535  -15.448 -6.506  1.00 19.17 ? 24  HIS A CG  1 
ATOM   146  N  ND1 . HIS A 1 24  ? 15.119  -15.995 -5.384  1.00 20.21 ? 24  HIS A ND1 1 
ATOM   147  C  CD2 . HIS A 1 24  ? 14.027  -16.485 -7.213  1.00 18.83 ? 24  HIS A CD2 1 
ATOM   148  C  CE1 . HIS A 1 24  ? 14.988  -17.309 -5.421  1.00 20.30 ? 24  HIS A CE1 1 
ATOM   149  N  NE2 . HIS A 1 24  ? 14.331  -17.631 -6.521  1.00 20.51 ? 24  HIS A NE2 1 
ATOM   150  N  N   . ALA A 1 25  ? 12.822  -11.136 -6.462  1.00 16.99 ? 25  ALA A N   1 
ATOM   151  C  CA  . ALA A 1 25  ? 12.802  -9.687  -6.662  1.00 16.35 ? 25  ALA A CA  1 
ATOM   152  C  C   . ALA A 1 25  ? 12.730  -8.955  -5.317  1.00 16.06 ? 25  ALA A C   1 
ATOM   153  O  O   . ALA A 1 25  ? 13.417  -7.963  -5.121  1.00 15.79 ? 25  ALA A O   1 
ATOM   154  C  CB  . ALA A 1 25  ? 11.656  -9.277  -7.573  1.00 15.89 ? 25  ALA A CB  1 
ATOM   155  N  N   . TRP A 1 26  ? 11.933  -9.457  -4.379  1.00 15.74 ? 26  TRP A N   1 
ATOM   156  C  CA  . TRP A 1 26  ? 11.939  -8.874  -3.050  1.00 15.47 ? 26  TRP A CA  1 
ATOM   157  C  C   . TRP A 1 26  ? 13.335  -8.970  -2.419  1.00 15.84 ? 26  TRP A C   1 
ATOM   158  O  O   . TRP A 1 26  ? 13.819  -7.969  -1.878  1.00 16.07 ? 26  TRP A O   1 
ATOM   159  C  CB  . TRP A 1 26  ? 10.842  -9.468  -2.160  1.00 14.63 ? 26  TRP A CB  1 
ATOM   160  C  CG  . TRP A 1 26  ? 9.461   -9.069  -2.627  1.00 15.20 ? 26  TRP A CG  1 
ATOM   161  C  CD1 . TRP A 1 26  ? 8.553   -9.850  -3.312  1.00 15.18 ? 26  TRP A CD1 1 
ATOM   162  C  CD2 . TRP A 1 26  ? 8.835   -7.776  -2.475  1.00 15.05 ? 26  TRP A CD2 1 
ATOM   163  N  NE1 . TRP A 1 26  ? 7.403   -9.123  -3.578  1.00 14.96 ? 26  TRP A NE1 1 
ATOM   164  C  CE2 . TRP A 1 26  ? 7.550   -7.856  -3.079  1.00 13.87 ? 26  TRP A CE2 1 
ATOM   165  C  CE3 . TRP A 1 26  ? 9.229   -6.566  -1.876  1.00 14.04 ? 26  TRP A CE3 1 
ATOM   166  C  CZ2 . TRP A 1 26  ? 6.673   -6.777  -3.107  1.00 13.76 ? 26  TRP A CZ2 1 
ATOM   167  C  CZ3 . TRP A 1 26  ? 8.355   -5.499  -1.911  1.00 14.08 ? 26  TRP A CZ3 1 
ATOM   168  C  CH2 . TRP A 1 26  ? 7.092   -5.613  -2.516  1.00 13.78 ? 26  TRP A CH2 1 
ATOM   169  N  N   . GLU A 1 27  ? 13.992  -10.134 -2.524  1.00 15.98 ? 27  GLU A N   1 
ATOM   170  C  CA  . GLU A 1 27  ? 15.347  -10.326 -1.961  1.00 16.56 ? 27  GLU A CA  1 
ATOM   171  C  C   . GLU A 1 27  ? 16.283  -9.216  -2.444  1.00 16.29 ? 27  GLU A C   1 
ATOM   172  O  O   . GLU A 1 27  ? 16.905  -8.518  -1.623  1.00 16.02 ? 27  GLU A O   1 
ATOM   173  C  CB  . GLU A 1 27  ? 15.944  -11.702 -2.311  1.00 16.31 ? 27  GLU A CB  1 
ATOM   174  C  CG  . GLU A 1 27  ? 15.416  -12.868 -1.495  1.00 17.77 ? 27  GLU A CG  1 
ATOM   175  C  CD  . GLU A 1 27  ? 15.866  -14.262 -2.028  1.00 18.32 ? 27  GLU A CD  1 
ATOM   176  O  OE1 . GLU A 1 27  ? 16.075  -14.467 -3.262  1.00 20.81 ? 27  GLU A OE1 1 
ATOM   177  O  OE2 . GLU A 1 27  ? 16.002  -15.169 -1.186  1.00 19.26 ? 27  GLU A OE2 1 
ATOM   178  N  N   . GLN A 1 28  ? 16.356  -9.048  -3.772  1.00 16.15 ? 28  GLN A N   1 
ATOM   179  C  CA  . GLN A 1 28  ? 17.161  -7.982  -4.394  1.00 15.97 ? 28  GLN A CA  1 
ATOM   180  C  C   . GLN A 1 28  ? 16.751  -6.592  -3.939  1.00 15.49 ? 28  GLN A C   1 
ATOM   181  O  O   . GLN A 1 28  ? 17.602  -5.716  -3.797  1.00 15.55 ? 28  GLN A O   1 
ATOM   182  C  CB  . GLN A 1 28  ? 17.089  -8.037  -5.920  1.00 15.84 ? 28  GLN A CB  1 
ATOM   183  C  CG  . GLN A 1 28  ? 17.907  -9.126  -6.570  1.00 17.24 ? 28  GLN A CG  1 
ATOM   184  C  CD  . GLN A 1 28  ? 18.051  -8.915  -8.063  1.00 18.69 ? 28  GLN A CD  1 
ATOM   185  O  OE1 . GLN A 1 28  ? 17.982  -9.860  -8.851  1.00 18.82 ? 28  GLN A OE1 1 
ATOM   186  N  NE2 . GLN A 1 28  ? 18.244  -7.662  -8.459  1.00 19.90 ? 28  GLN A NE2 1 
ATOM   187  N  N   . ILE A 1 29  ? 15.449  -6.378  -3.755  1.00 15.25 ? 29  ILE A N   1 
ATOM   188  C  CA  . ILE A 1 29  ? 14.956  -5.090  -3.252  1.00 15.37 ? 29  ILE A CA  1 
ATOM   189  C  C   . ILE A 1 29  ? 15.465  -4.940  -1.822  1.00 15.88 ? 29  ILE A C   1 
ATOM   190  O  O   . ILE A 1 29  ? 16.139  -3.962  -1.495  1.00 15.48 ? 29  ILE A O   1 
ATOM   191  C  CB  . ILE A 1 29  ? 13.403  -4.980  -3.297  1.00 15.05 ? 29  ILE A CB  1 
ATOM   192  C  CG1 . ILE A 1 29  ? 12.928  -4.984  -4.750  1.00 13.66 ? 29  ILE A CG1 1 
ATOM   193  C  CG2 . ILE A 1 29  ? 12.903  -3.720  -2.547  1.00 14.58 ? 29  ILE A CG2 1 
ATOM   194  C  CD1 . ILE A 1 29  ? 11.443  -4.642  -4.865  1.00 13.80 ? 29  ILE A CD1 1 
ATOM   195  N  N   . ALA A 1 30  ? 15.165  -5.944  -0.994  1.00 16.51 ? 30  ALA A N   1 
ATOM   196  C  CA  . ALA A 1 30  ? 15.606  -5.967  0.395   1.00 17.23 ? 30  ALA A CA  1 
ATOM   197  C  C   . ALA A 1 30  ? 17.087  -5.626  0.501   1.00 17.71 ? 30  ALA A C   1 
ATOM   198  O  O   . ALA A 1 30  ? 17.453  -4.644  1.153   1.00 18.49 ? 30  ALA A O   1 
ATOM   199  C  CB  . ALA A 1 30  ? 15.310  -7.318  1.036   1.00 16.77 ? 30  ALA A CB  1 
ATOM   200  N  N   . THR A 1 31  ? 17.926  -6.399  -0.176  1.00 18.15 ? 31  THR A N   1 
ATOM   201  C  CA  . THR A 1 31  ? 19.368  -6.254  -0.021  1.00 18.64 ? 31  THR A CA  1 
ATOM   202  C  C   . THR A 1 31  ? 19.962  -5.079  -0.796  1.00 19.19 ? 31  THR A C   1 
ATOM   203  O  O   . THR A 1 31  ? 20.777  -4.355  -0.260  1.00 19.30 ? 31  THR A O   1 
ATOM   204  C  CB  . THR A 1 31  ? 20.150  -7.594  -0.278  1.00 18.71 ? 31  THR A CB  1 
ATOM   205  O  OG1 . THR A 1 31  ? 19.474  -8.388  -1.259  1.00 17.49 ? 31  THR A OG1 1 
ATOM   206  C  CG2 . THR A 1 31  ? 20.271  -8.414  1.015   1.00 18.58 ? 31  THR A CG2 1 
ATOM   207  N  N   . ALA A 1 32  ? 19.527  -4.855  -2.030  1.00 20.24 ? 32  ALA A N   1 
ATOM   208  C  CA  . ALA A 1 32  ? 20.180  -3.840  -2.882  1.00 21.27 ? 32  ALA A CA  1 
ATOM   209  C  C   . ALA A 1 32  ? 19.308  -2.657  -3.321  1.00 21.95 ? 32  ALA A C   1 
ATOM   210  O  O   . ALA A 1 32  ? 19.798  -1.732  -3.985  1.00 21.94 ? 32  ALA A O   1 
ATOM   211  C  CB  . ALA A 1 32  ? 20.824  -4.503  -4.099  1.00 21.58 ? 32  ALA A CB  1 
ATOM   212  N  N   . GLY A 1 33  ? 18.029  -2.687  -2.954  1.00 22.60 ? 33  GLY A N   1 
ATOM   213  C  CA  . GLY A 1 33  ? 17.109  -1.593  -3.246  1.00 23.32 ? 33  GLY A CA  1 
ATOM   214  C  C   . GLY A 1 33  ? 16.501  -1.672  -4.629  1.00 24.10 ? 33  GLY A C   1 
ATOM   215  O  O   . GLY A 1 33  ? 17.165  -2.045  -5.602  1.00 23.97 ? 33  GLY A O   1 
ATOM   216  N  N   . ALA A 1 34  ? 15.224  -1.322  -4.717  1.00 25.14 ? 34  ALA A N   1 
ATOM   217  C  CA  . ALA A 1 34  ? 14.563  -1.201  -6.011  1.00 26.56 ? 34  ALA A CA  1 
ATOM   218  C  C   . ALA A 1 34  ? 15.465  -0.364  -6.911  1.00 27.46 ? 34  ALA A C   1 
ATOM   219  O  O   . ALA A 1 34  ? 16.309  0.389   -6.409  1.00 27.98 ? 34  ALA A O   1 
ATOM   220  C  CB  . ALA A 1 34  ? 13.208  -0.539  -5.840  1.00 26.29 ? 34  ALA A CB  1 
ATOM   221  N  N   . SER A 1 35  ? 15.325  -0.491  -8.231  1.00 28.26 ? 35  SER A N   1 
ATOM   222  C  CA  . SER A 1 35  ? 16.139  0.333   -9.176  1.00 28.52 ? 35  SER A CA  1 
ATOM   223  C  C   . SER A 1 35  ? 17.481  -0.330  -9.470  1.00 28.38 ? 35  SER A C   1 
ATOM   224  O  O   . SER A 1 35  ? 17.851  -0.491  -10.636 1.00 28.48 ? 35  SER A O   1 
ATOM   225  C  CB  . SER A 1 35  ? 16.347  1.775   -8.672  1.00 28.48 ? 35  SER A CB  1 
ATOM   226  O  OG  . SER A 1 35  ? 16.853  2.634   -9.685  1.00 29.11 ? 35  SER A OG  1 
ATOM   227  N  N   . ALA A 1 36  ? 18.197  -0.718  -8.412  1.00 28.14 ? 36  ALA A N   1 
ATOM   228  C  CA  . ALA A 1 36  ? 19.307  -1.656  -8.543  1.00 27.75 ? 36  ALA A CA  1 
ATOM   229  C  C   . ALA A 1 36  ? 18.748  -3.016  -8.929  1.00 27.43 ? 36  ALA A C   1 
ATOM   230  O  O   . ALA A 1 36  ? 19.490  -3.904  -9.343  1.00 28.11 ? 36  ALA A O   1 
ATOM   231  C  CB  . ALA A 1 36  ? 20.088  -1.751  -7.246  1.00 27.80 ? 36  ALA A CB  1 
ATOM   232  N  N   . LEU A 1 37  ? 17.433  -3.169  -8.794  1.00 26.83 ? 37  LEU A N   1 
ATOM   233  C  CA  . LEU A 1 37  ? 16.739  -4.426  -9.111  1.00 26.10 ? 37  LEU A CA  1 
ATOM   234  C  C   . LEU A 1 37  ? 16.860  -4.827  -10.589 1.00 25.37 ? 37  LEU A C   1 
ATOM   235  O  O   . LEU A 1 37  ? 16.504  -4.055  -11.472 1.00 25.66 ? 37  LEU A O   1 
ATOM   236  C  CB  . LEU A 1 37  ? 15.270  -4.288  -8.705  1.00 26.31 ? 37  LEU A CB  1 
ATOM   237  C  CG  . LEU A 1 37  ? 14.209  -5.268  -9.200  1.00 26.01 ? 37  LEU A CG  1 
ATOM   238  C  CD1 . LEU A 1 37  ? 14.499  -6.709  -8.752  1.00 26.93 ? 37  LEU A CD1 1 
ATOM   239  C  CD2 . LEU A 1 37  ? 12.861  -4.804  -8.700  1.00 25.75 ? 37  LEU A CD2 1 
ATOM   240  N  N   . SER A 1 38  ? 17.343  -6.039  -10.857 1.00 24.54 ? 38  SER A N   1 
ATOM   241  C  CA  . SER A 1 38  ? 17.638  -6.449  -12.238 1.00 23.38 ? 38  SER A CA  1 
ATOM   242  C  C   . SER A 1 38  ? 17.249  -7.884  -12.613 1.00 22.62 ? 38  SER A C   1 
ATOM   243  O  O   . SER A 1 38  ? 17.661  -8.842  -11.964 1.00 22.78 ? 38  SER A O   1 
ATOM   244  C  CB  . SER A 1 38  ? 19.124  -6.239  -12.543 1.00 23.38 ? 38  SER A CB  1 
ATOM   245  O  OG  . SER A 1 38  ? 19.910  -7.275  -11.985 1.00 21.98 ? 38  SER A OG  1 
ATOM   246  N  N   . LEU A 1 39  ? 16.490  -8.013  -13.695 1.00 21.71 ? 39  LEU A N   1 
ATOM   247  C  CA  . LEU A 1 39  ? 16.076  -9.304  -14.227 1.00 21.18 ? 39  LEU A CA  1 
ATOM   248  C  C   . LEU A 1 39  ? 17.236  -10.243 -14.542 1.00 21.49 ? 39  LEU A C   1 
ATOM   249  O  O   . LEU A 1 39  ? 17.071  -11.465 -14.518 1.00 21.28 ? 39  LEU A O   1 
ATOM   250  C  CB  . LEU A 1 39  ? 15.210  -9.123  -15.465 1.00 20.63 ? 39  LEU A CB  1 
ATOM   251  C  CG  . LEU A 1 39  ? 13.797  -8.607  -15.215 1.00 19.71 ? 39  LEU A CG  1 
ATOM   252  C  CD1 . LEU A 1 39  ? 13.126  -8.291  -16.528 1.00 18.96 ? 39  LEU A CD1 1 
ATOM   253  C  CD2 . LEU A 1 39  ? 12.994  -9.648  -14.481 1.00 21.47 ? 39  LEU A CD2 1 
ATOM   254  N  N   . ASN A 1 40  ? 18.403  -9.678  -14.822 1.00 21.46 ? 40  ASN A N   1 
ATOM   255  C  CA  . ASN A 1 40  ? 19.583  -10.487 -15.095 1.00 21.54 ? 40  ASN A CA  1 
ATOM   256  C  C   . ASN A 1 40  ? 20.169  -11.203 -13.897 1.00 21.46 ? 40  ASN A C   1 
ATOM   257  O  O   . ASN A 1 40  ? 20.668  -12.324 -14.035 1.00 21.20 ? 40  ASN A O   1 
ATOM   258  C  CB  . ASN A 1 40  ? 20.662  -9.649  -15.735 1.00 21.74 ? 40  ASN A CB  1 
ATOM   259  C  CG  . ASN A 1 40  ? 20.616  -9.704  -17.232 1.00 22.87 ? 40  ASN A CG  1 
ATOM   260  O  OD1 . ASN A 1 40  ? 21.423  -9.062  -17.897 1.00 25.76 ? 40  ASN A OD1 1 
ATOM   261  N  ND2 . ASN A 1 40  ? 19.681  -10.479 -17.783 1.00 23.82 ? 40  ASN A ND2 1 
ATOM   262  N  N   . ALA A 1 41  ? 20.134  -10.547 -12.740 1.00 21.28 ? 41  ALA A N   1 
ATOM   263  C  CA  . ALA A 1 41  ? 20.586  -11.157 -11.504 1.00 21.81 ? 41  ALA A CA  1 
ATOM   264  C  C   . ALA A 1 41  ? 19.625  -12.279 -11.095 1.00 22.47 ? 41  ALA A C   1 
ATOM   265  O  O   . ALA A 1 41  ? 20.056  -13.342 -10.642 1.00 22.58 ? 41  ALA A O   1 
ATOM   266  C  CB  . ALA A 1 41  ? 20.696  -10.122 -10.412 1.00 21.57 ? 41  ALA A CB  1 
ATOM   267  N  N   . ILE A 1 42  ? 18.327  -12.023 -11.265 1.00 23.03 ? 42  ILE A N   1 
ATOM   268  C  CA  . ILE A 1 42  ? 17.285  -13.036 -11.108 1.00 23.02 ? 42  ILE A CA  1 
ATOM   269  C  C   . ILE A 1 42  ? 17.580  -14.244 -11.998 1.00 23.58 ? 42  ILE A C   1 
ATOM   270  O  O   . ILE A 1 42  ? 17.684  -15.365 -11.507 1.00 23.58 ? 42  ILE A O   1 
ATOM   271  C  CB  . ILE A 1 42  ? 15.889  -12.469 -11.461 1.00 22.94 ? 42  ILE A CB  1 
ATOM   272  C  CG1 . ILE A 1 42  ? 15.669  -11.068 -10.831 1.00 22.08 ? 42  ILE A CG1 1 
ATOM   273  C  CG2 . ILE A 1 42  ? 14.803  -13.469 -11.095 1.00 22.68 ? 42  ILE A CG2 1 
ATOM   274  C  CD1 . ILE A 1 42  ? 14.558  -10.956 -9.817  1.00 18.89 ? 42  ILE A CD1 1 
ATOM   275  N  N   . ALA A 1 43  ? 17.732  -14.012 -13.300 1.00 24.38 ? 43  ALA A N   1 
ATOM   276  C  CA  . ALA A 1 43  ? 17.979  -15.091 -14.253 1.00 25.22 ? 43  ALA A CA  1 
ATOM   277  C  C   . ALA A 1 43  ? 19.177  -15.930 -13.811 1.00 25.99 ? 43  ALA A C   1 
ATOM   278  O  O   . ALA A 1 43  ? 19.074  -17.156 -13.686 1.00 26.09 ? 43  ALA A O   1 
ATOM   279  C  CB  . ALA A 1 43  ? 18.175  -14.548 -15.674 1.00 25.21 ? 43  ALA A CB  1 
ATOM   280  N  N   . LYS A 1 44  ? 20.300  -15.256 -13.558 1.00 26.86 ? 44  LYS A N   1 
ATOM   281  C  CA  . LYS A 1 44  ? 21.511  -15.909 -13.060 1.00 27.29 ? 44  LYS A CA  1 
ATOM   282  C  C   . LYS A 1 44  ? 21.236  -16.610 -11.730 1.00 27.65 ? 44  LYS A C   1 
ATOM   283  O  O   . LYS A 1 44  ? 21.737  -17.713 -11.511 1.00 27.79 ? 44  LYS A O   1 
ATOM   284  C  CB  . LYS A 1 44  ? 22.691  -14.907 -12.946 1.00 27.11 ? 44  LYS A CB  1 
ATOM   285  N  N   . ARG A 1 45  ? 20.408  -16.004 -10.872 1.00 28.12 ? 45  ARG A N   1 
ATOM   286  C  CA  . ARG A 1 45  ? 20.064  -16.624 -9.578  1.00 28.80 ? 45  ARG A CA  1 
ATOM   287  C  C   . ARG A 1 45  ? 19.304  -17.941 -9.704  1.00 29.53 ? 45  ARG A C   1 
ATOM   288  O  O   . ARG A 1 45  ? 19.481  -18.847 -8.888  1.00 29.41 ? 45  ARG A O   1 
ATOM   289  C  CB  . ARG A 1 45  ? 19.279  -15.672 -8.685  1.00 28.34 ? 45  ARG A CB  1 
ATOM   290  C  CG  . ARG A 1 45  ? 19.875  -15.566 -7.294  1.00 28.26 ? 45  ARG A CG  1 
ATOM   291  C  CD  . ARG A 1 45  ? 18.961  -16.041 -6.201  1.00 25.93 ? 45  ARG A CD  1 
ATOM   292  N  NE  . ARG A 1 45  ? 19.111  -17.455 -5.942  1.00 25.76 ? 45  ARG A NE  1 
ATOM   293  C  CZ  . ARG A 1 45  ? 18.585  -18.086 -4.897  1.00 24.98 ? 45  ARG A CZ  1 
ATOM   294  N  NH1 . ARG A 1 45  ? 17.894  -17.418 -3.982  1.00 25.95 ? 45  ARG A NH1 1 
ATOM   295  N  NH2 . ARG A 1 45  ? 18.772  -19.383 -4.759  1.00 22.86 ? 45  ARG A NH2 1 
HETATM 296  N  N   . MSE A 1 46  ? 18.461  -18.035 -10.727 1.00 30.65 ? 46  MSE A N   1 
HETATM 297  C  CA  . MSE A 1 46  ? 17.643  -19.214 -10.947 1.00 32.13 ? 46  MSE A CA  1 
HETATM 298  C  C   . MSE A 1 46  ? 18.227  -20.122 -12.008 1.00 31.96 ? 46  MSE A C   1 
HETATM 299  O  O   . MSE A 1 46  ? 17.596  -21.089 -12.397 1.00 32.47 ? 46  MSE A O   1 
HETATM 300  C  CB  . MSE A 1 46  ? 16.233  -18.799 -11.354 1.00 31.84 ? 46  MSE A CB  1 
HETATM 301  C  CG  . MSE A 1 46  ? 15.455  -18.082 -10.261 1.00 32.82 ? 46  MSE A CG  1 
HETATM 302  SE SE  . MSE A 1 46  ? 13.782  -17.265 -10.905 1.00 35.52 ? 46  MSE A SE  1 
HETATM 303  C  CE  . MSE A 1 46  ? 12.810  -18.953 -11.328 1.00 31.74 ? 46  MSE A CE  1 
ATOM   304  N  N   . GLY A 1 47  ? 19.423  -19.814 -12.488 1.00 32.70 ? 47  GLY A N   1 
ATOM   305  C  CA  . GLY A 1 47  ? 20.062  -20.602 -13.546 1.00 33.61 ? 47  GLY A CA  1 
ATOM   306  C  C   . GLY A 1 47  ? 19.296  -20.680 -14.863 1.00 34.67 ? 47  GLY A C   1 
ATOM   307  O  O   . GLY A 1 47  ? 19.354  -21.693 -15.565 1.00 34.11 ? 47  GLY A O   1 
HETATM 308  N  N   . MSE A 1 48  ? 18.577  -19.606 -15.194 1.00 36.04 ? 48  MSE A N   1 
HETATM 309  C  CA  . MSE A 1 48  ? 17.874  -19.488 -16.473 1.00 38.00 ? 48  MSE A CA  1 
HETATM 310  C  C   . MSE A 1 48  ? 18.600  -18.551 -17.417 1.00 36.88 ? 48  MSE A C   1 
HETATM 311  O  O   . MSE A 1 48  ? 19.483  -17.782 -17.005 1.00 36.88 ? 48  MSE A O   1 
HETATM 312  C  CB  . MSE A 1 48  ? 16.473  -18.934 -16.261 1.00 37.71 ? 48  MSE A CB  1 
HETATM 313  C  CG  . MSE A 1 48  ? 15.438  -19.927 -15.805 1.00 39.40 ? 48  MSE A CG  1 
HETATM 314  SE SE  . MSE A 1 48  ? 13.939  -18.936 -15.017 1.00 44.16 ? 48  MSE A SE  1 
HETATM 315  C  CE  . MSE A 1 48  ? 13.302  -17.968 -16.600 1.00 43.54 ? 48  MSE A CE  1 
ATOM   316  N  N   . SER A 1 49  ? 18.217  -18.605 -18.688 1.00 36.60 ? 49  SER A N   1 
ATOM   317  C  CA  . SER A 1 49  ? 18.704  -17.626 -19.660 1.00 36.28 ? 49  SER A CA  1 
ATOM   318  C  C   . SER A 1 49  ? 18.029  -16.267 -19.421 1.00 35.57 ? 49  SER A C   1 
ATOM   319  O  O   . SER A 1 49  ? 16.827  -16.201 -19.150 1.00 35.43 ? 49  SER A O   1 
ATOM   320  C  CB  . SER A 1 49  ? 18.492  -18.117 -21.098 1.00 36.29 ? 49  SER A CB  1 
ATOM   321  O  OG  . SER A 1 49  ? 17.237  -18.767 -21.243 1.00 37.24 ? 49  SER A OG  1 
ATOM   322  N  N   . GLY A 1 50  ? 18.826  -15.202 -19.484 1.00 34.80 ? 50  GLY A N   1 
ATOM   323  C  CA  . GLY A 1 50  ? 18.339  -13.824 -19.350 1.00 33.86 ? 50  GLY A CA  1 
ATOM   324  C  C   . GLY A 1 50  ? 17.072  -13.561 -20.145 1.00 32.89 ? 50  GLY A C   1 
ATOM   325  O  O   . GLY A 1 50  ? 16.082  -13.085 -19.574 1.00 33.00 ? 50  GLY A O   1 
ATOM   326  N  N   . PRO A 1 51  ? 17.105  -13.843 -21.472 1.00 32.00 ? 51  PRO A N   1 
ATOM   327  C  CA  . PRO A 1 51  ? 15.912  -13.901 -22.324 1.00 30.98 ? 51  PRO A CA  1 
ATOM   328  C  C   . PRO A 1 51  ? 14.695  -14.599 -21.688 1.00 29.74 ? 51  PRO A C   1 
ATOM   329  O  O   . PRO A 1 51  ? 13.630  -13.994 -21.619 1.00 29.91 ? 51  PRO A O   1 
ATOM   330  C  CB  . PRO A 1 51  ? 16.397  -14.665 -23.576 1.00 30.87 ? 51  PRO A CB  1 
ATOM   331  C  CG  . PRO A 1 51  ? 17.856  -15.025 -23.318 1.00 31.32 ? 51  PRO A CG  1 
ATOM   332  C  CD  . PRO A 1 51  ? 18.324  -14.061 -22.276 1.00 32.03 ? 51  PRO A CD  1 
ATOM   333  N  N   . ALA A 1 52  ? 14.853  -15.842 -21.229 1.00 28.25 ? 52  ALA A N   1 
ATOM   334  C  CA  . ALA A 1 52  ? 13.732  -16.626 -20.668 1.00 26.63 ? 52  ALA A CA  1 
ATOM   335  C  C   . ALA A 1 52  ? 12.960  -15.863 -19.583 1.00 25.34 ? 52  ALA A C   1 
ATOM   336  O  O   . ALA A 1 52  ? 11.723  -15.879 -19.554 1.00 24.95 ? 52  ALA A O   1 
ATOM   337  C  CB  . ALA A 1 52  ? 14.226  -17.975 -20.136 1.00 26.64 ? 52  ALA A CB  1 
ATOM   338  N  N   . LEU A 1 53  ? 13.713  -15.177 -18.721 1.00 23.73 ? 53  LEU A N   1 
ATOM   339  C  CA  . LEU A 1 53  ? 13.164  -14.334 -17.672 1.00 21.77 ? 53  LEU A CA  1 
ATOM   340  C  C   . LEU A 1 53  ? 12.358  -13.189 -18.275 1.00 20.51 ? 53  LEU A C   1 
ATOM   341  O  O   . LEU A 1 53  ? 11.352  -12.776 -17.699 1.00 20.26 ? 53  LEU A O   1 
ATOM   342  C  CB  . LEU A 1 53  ? 14.292  -13.791 -16.799 1.00 22.03 ? 53  LEU A CB  1 
ATOM   343  C  CG  . LEU A 1 53  ? 14.134  -13.681 -15.275 1.00 22.28 ? 53  LEU A CG  1 
ATOM   344  C  CD1 . LEU A 1 53  ? 12.757  -13.208 -14.865 1.00 22.54 ? 53  LEU A CD1 1 
ATOM   345  C  CD2 . LEU A 1 53  ? 14.441  -14.985 -14.571 1.00 23.67 ? 53  LEU A CD2 1 
ATOM   346  N  N   . TYR A 1 54  ? 12.774  -12.694 -19.442 1.00 18.84 ? 54  TYR A N   1 
ATOM   347  C  CA  . TYR A 1 54  ? 11.996  -11.662 -20.153 1.00 17.69 ? 54  TYR A CA  1 
ATOM   348  C  C   . TYR A 1 54  ? 10.722  -12.197 -20.816 1.00 16.67 ? 54  TYR A C   1 
ATOM   349  O  O   . TYR A 1 54  ? 9.795   -11.433 -21.081 1.00 16.34 ? 54  TYR A O   1 
ATOM   350  C  CB  . TYR A 1 54  ? 12.865  -10.883 -21.155 1.00 17.93 ? 54  TYR A CB  1 
ATOM   351  C  CG  . TYR A 1 54  ? 13.796  -9.907  -20.475 1.00 18.28 ? 54  TYR A CG  1 
ATOM   352  C  CD1 . TYR A 1 54  ? 14.889  -10.369 -19.736 1.00 17.95 ? 54  TYR A CD1 1 
ATOM   353  C  CD2 . TYR A 1 54  ? 13.580  -8.515  -20.553 1.00 18.42 ? 54  TYR A CD2 1 
ATOM   354  C  CE1 . TYR A 1 54  ? 15.747  -9.491  -19.097 1.00 18.00 ? 54  TYR A CE1 1 
ATOM   355  C  CE2 . TYR A 1 54  ? 14.439  -7.617  -19.910 1.00 16.96 ? 54  TYR A CE2 1 
ATOM   356  C  CZ  . TYR A 1 54  ? 15.524  -8.124  -19.184 1.00 17.70 ? 54  TYR A CZ  1 
ATOM   357  O  OH  . TYR A 1 54  ? 16.394  -7.292  -18.521 1.00 17.83 ? 54  TYR A OH  1 
ATOM   358  N  N   . ARG A 1 55  ? 10.667  -13.503 -21.068 1.00 15.50 ? 55  ARG A N   1 
ATOM   359  C  CA  . ARG A 1 55  ? 9.426   -14.128 -21.516 1.00 14.57 ? 55  ARG A CA  1 
ATOM   360  C  C   . ARG A 1 55  ? 8.396   -14.268 -20.366 1.00 13.56 ? 55  ARG A C   1 
ATOM   361  O  O   . ARG A 1 55  ? 7.258   -14.666 -20.603 1.00 13.11 ? 55  ARG A O   1 
ATOM   362  C  CB  . ARG A 1 55  ? 9.698   -15.483 -22.249 1.00 14.79 ? 55  ARG A CB  1 
ATOM   363  N  N   . TYR A 1 56  ? 8.807   -13.915 -19.142 1.00 12.51 ? 56  TYR A N   1 
ATOM   364  C  CA  . TYR A 1 56  ? 7.899   -13.724 -17.993 1.00 12.01 ? 56  TYR A CA  1 
ATOM   365  C  C   . TYR A 1 56  ? 7.602   -12.265 -17.614 1.00 11.69 ? 56  TYR A C   1 
ATOM   366  O  O   . TYR A 1 56  ? 6.514   -11.956 -17.140 1.00 11.83 ? 56  TYR A O   1 
ATOM   367  C  CB  . TYR A 1 56  ? 8.433   -14.414 -16.741 1.00 11.92 ? 56  TYR A CB  1 
ATOM   368  C  CG  . TYR A 1 56  ? 8.296   -15.915 -16.762 1.00 10.53 ? 56  TYR A CG  1 
ATOM   369  C  CD1 . TYR A 1 56  ? 7.102   -16.526 -16.411 1.00 11.20 ? 56  TYR A CD1 1 
ATOM   370  C  CD2 . TYR A 1 56  ? 9.376   -16.710 -17.093 1.00 7.11  ? 56  TYR A CD2 1 
ATOM   371  C  CE1 . TYR A 1 56  ? 6.979   -17.922 -16.425 1.00 14.00 ? 56  TYR A CE1 1 
ATOM   372  C  CE2 . TYR A 1 56  ? 9.282   -18.069 -17.105 1.00 12.49 ? 56  TYR A CE2 1 
ATOM   373  C  CZ  . TYR A 1 56  ? 8.081   -18.681 -16.788 1.00 13.06 ? 56  TYR A CZ  1 
ATOM   374  O  OH  . TYR A 1 56  ? 8.009   -20.039 -16.813 1.00 12.80 ? 56  TYR A OH  1 
ATOM   375  N  N   . PHE A 1 57  ? 8.591   -11.389 -17.759 1.00 11.38 ? 57  PHE A N   1 
ATOM   376  C  CA  . PHE A 1 57  ? 8.405   -9.954  -17.531 1.00 11.17 ? 57  PHE A CA  1 
ATOM   377  C  C   . PHE A 1 57  ? 9.203   -9.217  -18.576 1.00 11.74 ? 57  PHE A C   1 
ATOM   378  O  O   . PHE A 1 57  ? 10.435  -9.266  -18.576 1.00 11.87 ? 57  PHE A O   1 
ATOM   379  C  CB  . PHE A 1 57  ? 8.867   -9.546  -16.133 1.00 9.83  ? 57  PHE A CB  1 
ATOM   380  C  CG  . PHE A 1 57  ? 7.981   -10.071 -15.040 1.00 9.89  ? 57  PHE A CG  1 
ATOM   381  C  CD1 . PHE A 1 57  ? 6.718   -9.493  -14.807 1.00 8.19  ? 57  PHE A CD1 1 
ATOM   382  C  CD2 . PHE A 1 57  ? 8.389   -11.167 -14.252 1.00 7.62  ? 57  PHE A CD2 1 
ATOM   383  C  CE1 . PHE A 1 57  ? 5.869   -9.999  -13.788 1.00 7.75  ? 57  PHE A CE1 1 
ATOM   384  C  CE2 . PHE A 1 57  ? 7.559   -11.668 -13.229 1.00 6.69  ? 57  PHE A CE2 1 
ATOM   385  C  CZ  . PHE A 1 57  ? 6.288   -11.075 -13.000 1.00 6.71  ? 57  PHE A CZ  1 
ATOM   386  N  N   . ASP A 1 58  ? 8.507   -8.553  -19.484 1.00 12.53 ? 58  ASP A N   1 
ATOM   387  C  CA  . ASP A 1 58  ? 9.203   -7.819  -20.519 1.00 14.18 ? 58  ASP A CA  1 
ATOM   388  C  C   . ASP A 1 58  ? 9.786   -6.532  -19.930 1.00 14.14 ? 58  ASP A C   1 
ATOM   389  O  O   . ASP A 1 58  ? 9.285   -5.445  -20.198 1.00 14.87 ? 58  ASP A O   1 
ATOM   390  C  CB  . ASP A 1 58  ? 8.280   -7.530  -21.702 1.00 14.54 ? 58  ASP A CB  1 
ATOM   391  C  CG  . ASP A 1 58  ? 8.997   -6.811  -22.826 1.00 18.27 ? 58  ASP A CG  1 
ATOM   392  O  OD1 . ASP A 1 58  ? 10.254  -6.792  -22.794 1.00 22.30 ? 58  ASP A OD1 1 
ATOM   393  O  OD2 . ASP A 1 58  ? 8.321   -6.249  -23.728 1.00 20.38 ? 58  ASP A OD2 1 
ATOM   394  N  N   . GLY A 1 59  ? 10.821  -6.668  -19.101 1.00 14.04 ? 59  GLY A N   1 
ATOM   395  C  CA  . GLY A 1 59  ? 11.534  -5.517  -18.559 1.00 13.45 ? 59  GLY A CA  1 
ATOM   396  C  C   . GLY A 1 59  ? 11.255  -5.244  -17.106 1.00 13.47 ? 59  GLY A C   1 
ATOM   397  O  O   . GLY A 1 59  ? 10.200  -5.613  -16.581 1.00 13.32 ? 59  GLY A O   1 
ATOM   398  N  N   . ARG A 1 60  ? 12.204  -4.557  -16.476 1.00 13.21 ? 60  ARG A N   1 
ATOM   399  C  CA  . ARG A 1 60  ? 12.161  -4.229  -15.070 1.00 13.41 ? 60  ARG A CA  1 
ATOM   400  C  C   . ARG A 1 60  ? 10.892  -3.490  -14.629 1.00 12.82 ? 60  ARG A C   1 
ATOM   401  O  O   . ARG A 1 60  ? 10.429  -3.666  -13.497 1.00 11.96 ? 60  ARG A O   1 
ATOM   402  C  CB  . ARG A 1 60  ? 13.420  -3.430  -14.684 1.00 13.81 ? 60  ARG A CB  1 
ATOM   403  C  CG  . ARG A 1 60  ? 13.420  -2.819  -13.242 1.00 15.25 ? 60  ARG A CG  1 
ATOM   404  C  CD  . ARG A 1 60  ? 14.660  -1.949  -13.023 1.00 15.34 ? 60  ARG A CD  1 
ATOM   405  N  NE  . ARG A 1 60  ? 14.381  -0.615  -12.457 1.00 19.05 ? 60  ARG A NE  1 
ATOM   406  C  CZ  . ARG A 1 60  ? 13.953  0.419   -13.182 1.00 20.09 ? 60  ARG A CZ  1 
ATOM   407  N  NH1 . ARG A 1 60  ? 13.713  0.270   -14.473 1.00 22.79 ? 60  ARG A NH1 1 
ATOM   408  N  NH2 . ARG A 1 60  ? 13.744  1.598   -12.632 1.00 21.81 ? 60  ARG A NH2 1 
ATOM   409  N  N   . ASP A 1 61  ? 10.335  -2.650  -15.496 1.00 12.71 ? 61  ASP A N   1 
ATOM   410  C  CA  . ASP A 1 61  ? 9.178   -1.846  -15.078 1.00 12.53 ? 61  ASP A CA  1 
ATOM   411  C  C   . ASP A 1 61  ? 7.937   -2.704  -14.979 1.00 11.74 ? 61  ASP A C   1 
ATOM   412  O  O   . ASP A 1 61  ? 7.143   -2.522  -14.067 1.00 12.23 ? 61  ASP A O   1 
ATOM   413  C  CB  . ASP A 1 61  ? 8.933   -0.655  -16.008 1.00 13.17 ? 61  ASP A CB  1 
ATOM   414  C  CG  . ASP A 1 61  ? 9.978   0.456   -15.842 1.00 13.84 ? 61  ASP A CG  1 
ATOM   415  O  OD1 . ASP A 1 61  ? 10.669  0.506   -14.795 1.00 12.64 ? 61  ASP A OD1 1 
ATOM   416  O  OD2 . ASP A 1 61  ? 10.106  1.271   -16.786 1.00 16.55 ? 61  ASP A OD2 1 
ATOM   417  N  N   . GLU A 1 62  ? 7.795   -3.641  -15.911 1.00 10.38 ? 62  GLU A N   1 
ATOM   418  C  CA  . GLU A 1 62  ? 6.751   -4.664  -15.848 1.00 9.88  ? 62  GLU A CA  1 
ATOM   419  C  C   . GLU A 1 62  ? 6.792   -5.474  -14.551 1.00 8.79  ? 62  GLU A C   1 
ATOM   420  O  O   . GLU A 1 62  ? 5.748   -5.795  -13.976 1.00 8.51  ? 62  GLU A O   1 
ATOM   421  C  CB  . GLU A 1 62  ? 6.870   -5.625  -17.022 1.00 9.87  ? 62  GLU A CB  1 
ATOM   422  C  CG  . GLU A 1 62  ? 6.205   -5.145  -18.283 1.00 11.46 ? 62  GLU A CG  1 
ATOM   423  C  CD  . GLU A 1 62  ? 5.829   -6.294  -19.198 1.00 14.70 ? 62  GLU A CD  1 
ATOM   424  O  OE1 . GLU A 1 62  ? 5.743   -7.466  -18.727 1.00 14.03 ? 62  GLU A OE1 1 
ATOM   425  O  OE2 . GLU A 1 62  ? 5.609   -6.013  -20.397 1.00 16.30 ? 62  GLU A OE2 1 
ATOM   426  N  N   . LEU A 1 63  ? 8.000   -5.808  -14.106 1.00 7.38  ? 63  LEU A N   1 
ATOM   427  C  CA  . LEU A 1 63  ? 8.166   -6.516  -12.873 1.00 6.27  ? 63  LEU A CA  1 
ATOM   428  C  C   . LEU A 1 63  ? 7.818   -5.599  -11.716 1.00 6.45  ? 63  LEU A C   1 
ATOM   429  O  O   . LEU A 1 63  ? 7.072   -6.000  -10.831 1.00 5.91  ? 63  LEU A O   1 
ATOM   430  C  CB  . LEU A 1 63  ? 9.586   -7.043  -12.729 1.00 5.79  ? 63  LEU A CB  1 
ATOM   431  C  CG  . LEU A 1 63  ? 9.859   -7.729  -11.384 1.00 5.63  ? 63  LEU A CG  1 
ATOM   432  C  CD1 . LEU A 1 63  ? 8.926   -8.935  -11.089 1.00 2.77  ? 63  LEU A CD1 1 
ATOM   433  C  CD2 . LEU A 1 63  ? 11.311  -8.160  -11.329 1.00 7.09  ? 63  LEU A CD2 1 
ATOM   434  N  N   . ILE A 1 64  ? 8.342   -4.368  -11.727 1.00 6.85  ? 64  ILE A N   1 
ATOM   435  C  CA  . ILE A 1 64  ? 8.063   -3.427  -10.648 1.00 7.31  ? 64  ILE A CA  1 
ATOM   436  C  C   . ILE A 1 64  ? 6.553   -3.261  -10.559 1.00 7.74  ? 64  ILE A C   1 
ATOM   437  O  O   . ILE A 1 64  ? 5.956   -3.434  -9.474  1.00 7.32  ? 64  ILE A O   1 
ATOM   438  C  CB  . ILE A 1 64  ? 8.685   -2.026  -10.894 1.00 7.91  ? 64  ILE A CB  1 
ATOM   439  C  CG1 . ILE A 1 64  ? 10.228  -2.039  -10.896 1.00 7.51  ? 64  ILE A CG1 1 
ATOM   440  C  CG2 . ILE A 1 64  ? 8.097   -0.995  -9.913  1.00 7.62  ? 64  ILE A CG2 1 
ATOM   441  C  CD1 . ILE A 1 64  ? 10.838  -2.392  -9.597  1.00 11.31 ? 64  ILE A CD1 1 
ATOM   442  N  N   . THR A 1 65  ? 5.944   -2.970  -11.718 1.00 7.52  ? 65  THR A N   1 
ATOM   443  C  CA  . THR A 1 65  ? 4.514   -2.736  -11.808 1.00 8.19  ? 65  THR A CA  1 
ATOM   444  C  C   . THR A 1 65  ? 3.750   -3.821  -11.079 1.00 9.25  ? 65  THR A C   1 
ATOM   445  O  O   . THR A 1 65  ? 2.894   -3.490  -10.274 1.00 10.09 ? 65  THR A O   1 
ATOM   446  C  CB  . THR A 1 65  ? 4.026   -2.619  -13.260 1.00 7.92  ? 65  THR A CB  1 
ATOM   447  O  OG1 . THR A 1 65  ? 4.565   -1.430  -13.845 1.00 7.96  ? 65  THR A OG1 1 
ATOM   448  C  CG2 . THR A 1 65  ? 2.513   -2.552  -13.326 1.00 7.20  ? 65  THR A CG2 1 
ATOM   449  N  N   . GLU A 1 66  ? 4.073   -5.092  -11.348 1.00 10.03 ? 66  GLU A N   1 
ATOM   450  C  CA  . GLU A 1 66  ? 3.404   -6.245  -10.713 1.00 10.95 ? 66  GLU A CA  1 
ATOM   451  C  C   . GLU A 1 66  ? 3.620   -6.333  -9.193  1.00 10.72 ? 66  GLU A C   1 
ATOM   452  O  O   . GLU A 1 66  ? 2.707   -6.725  -8.441  1.00 10.64 ? 66  GLU A O   1 
ATOM   453  C  CB  . GLU A 1 66  ? 3.817   -7.578  -11.365 1.00 10.78 ? 66  GLU A CB  1 
ATOM   454  C  CG  . GLU A 1 66  ? 2.995   -7.994  -12.600 1.00 14.72 ? 66  GLU A CG  1 
ATOM   455  C  CD  . GLU A 1 66  ? 1.505   -7.617  -12.493 1.00 18.11 ? 66  GLU A CD  1 
ATOM   456  O  OE1 . GLU A 1 66  ? 0.795   -8.192  -11.635 1.00 21.38 ? 66  GLU A OE1 1 
ATOM   457  O  OE2 . GLU A 1 66  ? 1.046   -6.739  -13.264 1.00 18.20 ? 66  GLU A OE2 1 
ATOM   458  N  N   . LEU A 1 67  ? 4.837   -6.015  -8.756  1.00 10.38 ? 67  LEU A N   1 
ATOM   459  C  CA  . LEU A 1 67  ? 5.129   -5.946  -7.329  1.00 10.28 ? 67  LEU A CA  1 
ATOM   460  C  C   . LEU A 1 67  ? 4.284   -4.835  -6.679  1.00 10.59 ? 67  LEU A C   1 
ATOM   461  O  O   . LEU A 1 67  ? 3.658   -5.060  -5.650  1.00 10.31 ? 67  LEU A O   1 
ATOM   462  C  CB  . LEU A 1 67  ? 6.625   -5.732  -7.086  1.00 9.78  ? 67  LEU A CB  1 
ATOM   463  C  CG  . LEU A 1 67  ? 7.618   -6.797  -7.581  1.00 8.29  ? 67  LEU A CG  1 
ATOM   464  C  CD1 . LEU A 1 67  ? 9.016   -6.323  -7.258  1.00 5.55  ? 67  LEU A CD1 1 
ATOM   465  C  CD2 . LEU A 1 67  ? 7.375   -8.199  -6.986  1.00 6.11  ? 67  LEU A CD2 1 
ATOM   466  N  N   . ILE A 1 68  ? 4.232   -3.660  -7.306  1.00 11.32 ? 68  ILE A N   1 
ATOM   467  C  CA  . ILE A 1 68  ? 3.341   -2.576  -6.823  1.00 12.14 ? 68  ILE A CA  1 
ATOM   468  C  C   . ILE A 1 68  ? 1.848   -3.004  -6.727  1.00 13.11 ? 68  ILE A C   1 
ATOM   469  O  O   . ILE A 1 68  ? 1.201   -2.767  -5.698  1.00 13.61 ? 68  ILE A O   1 
ATOM   470  C  CB  . ILE A 1 68  ? 3.555   -1.230  -7.601  1.00 11.88 ? 68  ILE A CB  1 
ATOM   471  C  CG1 . ILE A 1 68  ? 4.908   -0.627  -7.241  1.00 10.09 ? 68  ILE A CG1 1 
ATOM   472  C  CG2 . ILE A 1 68  ? 2.499   -0.197  -7.248  1.00 11.36 ? 68  ILE A CG2 1 
ATOM   473  C  CD1 . ILE A 1 68  ? 5.368   0.442   -8.179  1.00 7.29  ? 68  ILE A CD1 1 
ATOM   474  N  N   . ARG A 1 69  ? 1.335   -3.670  -7.763  1.00 13.92 ? 69  ARG A N   1 
ATOM   475  C  CA  . ARG A 1 69  ? -0.047  -4.201  -7.807  1.00 15.10 ? 69  ARG A CA  1 
ATOM   476  C  C   . ARG A 1 69  ? -0.313  -5.203  -6.674  1.00 14.49 ? 69  ARG A C   1 
ATOM   477  O  O   . ARG A 1 69  ? -1.361  -5.133  -5.997  1.00 14.84 ? 69  ARG A O   1 
ATOM   478  C  CB  . ARG A 1 69  ? -0.314  -4.856  -9.180  1.00 14.94 ? 69  ARG A CB  1 
ATOM   479  C  CG  . ARG A 1 69  ? -1.785  -5.229  -9.503  1.00 17.37 ? 69  ARG A CG  1 
ATOM   480  C  CD  . ARG A 1 69  ? -2.034  -5.631  -11.020 1.00 17.66 ? 69  ARG A CD  1 
ATOM   481  N  NE  . ARG A 1 69  ? -1.321  -4.750  -11.965 1.00 22.99 ? 69  ARG A NE  1 
ATOM   482  C  CZ  . ARG A 1 69  ? -1.808  -4.279  -13.117 1.00 25.31 ? 69  ARG A CZ  1 
ATOM   483  N  NH1 . ARG A 1 69  ? -3.051  -4.565  -13.509 1.00 26.49 ? 69  ARG A NH1 1 
ATOM   484  N  NH2 . ARG A 1 69  ? -1.049  -3.486  -13.875 1.00 25.37 ? 69  ARG A NH2 1 
ATOM   485  N  N   . ASP A 1 70  ? 0.643   -6.117  -6.477  1.00 13.62 ? 70  ASP A N   1 
ATOM   486  C  CA  . ASP A 1 70  ? 0.589   -7.129  -5.429  1.00 12.87 ? 70  ASP A CA  1 
ATOM   487  C  C   . ASP A 1 70  ? 0.557   -6.474  -4.074  1.00 12.56 ? 70  ASP A C   1 
ATOM   488  O  O   . ASP A 1 70  ? -0.157  -6.928  -3.183  1.00 12.04 ? 70  ASP A O   1 
ATOM   489  C  CB  . ASP A 1 70  ? 1.823   -8.044  -5.478  1.00 13.01 ? 70  ASP A CB  1 
ATOM   490  C  CG  . ASP A 1 70  ? 1.717   -9.139  -6.527  1.00 13.67 ? 70  ASP A CG  1 
ATOM   491  O  OD1 . ASP A 1 70  ? 0.639   -9.315  -7.132  1.00 14.07 ? 70  ASP A OD1 1 
ATOM   492  O  OD2 . ASP A 1 70  ? 2.720   -9.849  -6.742  1.00 15.10 ? 70  ASP A OD2 1 
ATOM   493  N  N   . ALA A 1 71  ? 1.343   -5.407  -3.926  1.00 12.27 ? 71  ALA A N   1 
ATOM   494  C  CA  . ALA A 1 71  ? 1.440   -4.688  -2.650  1.00 12.65 ? 71  ALA A CA  1 
ATOM   495  C  C   . ALA A 1 71  ? 0.090   -4.057  -2.288  1.00 12.97 ? 71  ALA A C   1 
ATOM   496  O  O   . ALA A 1 71  ? -0.431  -4.296  -1.190  1.00 13.07 ? 71  ALA A O   1 
ATOM   497  C  CB  . ALA A 1 71  ? 2.582   -3.637  -2.672  1.00 11.72 ? 71  ALA A CB  1 
ATOM   498  N  N   . TYR A 1 72  ? -0.478  -3.292  -3.225  1.00 13.39 ? 72  TYR A N   1 
ATOM   499  C  CA  . TYR A 1 72  ? -1.800  -2.673  -3.055  1.00 13.72 ? 72  TYR A CA  1 
ATOM   500  C  C   . TYR A 1 72  ? -2.865  -3.699  -2.747  1.00 14.22 ? 72  TYR A C   1 
ATOM   501  O  O   . TYR A 1 72  ? -3.736  -3.454  -1.903  1.00 14.29 ? 72  TYR A O   1 
ATOM   502  C  CB  . TYR A 1 72  ? -2.216  -1.885  -4.298  1.00 13.28 ? 72  TYR A CB  1 
ATOM   503  C  CG  . TYR A 1 72  ? -1.580  -0.520  -4.377  1.00 12.82 ? 72  TYR A CG  1 
ATOM   504  C  CD1 . TYR A 1 72  ? -1.793  0.424   -3.370  1.00 11.91 ? 72  TYR A CD1 1 
ATOM   505  C  CD2 . TYR A 1 72  ? -0.772  -0.161  -5.457  1.00 13.45 ? 72  TYR A CD2 1 
ATOM   506  C  CE1 . TYR A 1 72  ? -1.212  1.682   -3.424  1.00 11.17 ? 72  TYR A CE1 1 
ATOM   507  C  CE2 . TYR A 1 72  ? -0.187  1.109   -5.530  1.00 13.09 ? 72  TYR A CE2 1 
ATOM   508  C  CZ  . TYR A 1 72  ? -0.418  2.025   -4.503  1.00 13.20 ? 72  TYR A CZ  1 
ATOM   509  O  OH  . TYR A 1 72  ? 0.144   3.288   -4.543  1.00 14.03 ? 72  TYR A OH  1 
ATOM   510  N  N   . ARG A 1 73  ? -2.773  -4.856  -3.403  1.00 14.61 ? 73  ARG A N   1 
ATOM   511  C  CA  . ARG A 1 73  ? -3.809  -5.874  -3.278  1.00 15.63 ? 73  ARG A CA  1 
ATOM   512  C  C   . ARG A 1 73  ? -3.858  -6.493  -1.874  1.00 15.50 ? 73  ARG A C   1 
ATOM   513  O  O   . ARG A 1 73  ? -4.943  -6.763  -1.344  1.00 15.50 ? 73  ARG A O   1 
ATOM   514  C  CB  . ARG A 1 73  ? -3.655  -6.918  -4.377  1.00 16.20 ? 73  ARG A CB  1 
ATOM   515  C  CG  . ARG A 1 73  ? -4.559  -8.144  -4.251  1.00 20.38 ? 73  ARG A CG  1 
ATOM   516  C  CD  . ARG A 1 73  ? -4.998  -8.664  -5.626  1.00 26.89 ? 73  ARG A CD  1 
ATOM   517  N  NE  . ARG A 1 73  ? -3.868  -8.914  -6.528  1.00 31.33 ? 73  ARG A NE  1 
ATOM   518  C  CZ  . ARG A 1 73  ? -3.540  -8.148  -7.568  1.00 33.43 ? 73  ARG A CZ  1 
ATOM   519  N  NH1 . ARG A 1 73  ? -4.249  -7.059  -7.859  1.00 34.95 ? 73  ARG A NH1 1 
ATOM   520  N  NH2 . ARG A 1 73  ? -2.498  -8.472  -8.324  1.00 34.36 ? 73  ARG A NH2 1 
ATOM   521  N  N   . SER A 1 74  ? -2.694  -6.696  -1.267  1.00 14.97 ? 74  SER A N   1 
ATOM   522  C  CA  . SER A 1 74  ? -2.663  -7.205  0.086   1.00 15.46 ? 74  SER A CA  1 
ATOM   523  C  C   . SER A 1 74  ? -3.015  -6.113  1.095   1.00 15.31 ? 74  SER A C   1 
ATOM   524  O  O   . SER A 1 74  ? -3.553  -6.404  2.160   1.00 16.01 ? 74  SER A O   1 
ATOM   525  C  CB  . SER A 1 74  ? -1.312  -7.829  0.422   1.00 15.40 ? 74  SER A CB  1 
ATOM   526  O  OG  . SER A 1 74  ? -0.269  -6.921  0.132   1.00 17.76 ? 74  SER A OG  1 
ATOM   527  N  N   . GLN A 1 75  ? -2.732  -4.857  0.775   1.00 14.74 ? 75  GLN A N   1 
ATOM   528  C  CA  . GLN A 1 75  ? -3.197  -3.792  1.653   1.00 14.29 ? 75  GLN A CA  1 
ATOM   529  C  C   . GLN A 1 75  ? -4.740  -3.765  1.675   1.00 14.02 ? 75  GLN A C   1 
ATOM   530  O  O   . GLN A 1 75  ? -5.370  -3.616  2.728   1.00 13.36 ? 75  GLN A O   1 
ATOM   531  C  CB  . GLN A 1 75  ? -2.622  -2.437  1.247   1.00 13.63 ? 75  GLN A CB  1 
ATOM   532  C  CG  . GLN A 1 75  ? -2.875  -1.377  2.303   1.00 12.81 ? 75  GLN A CG  1 
ATOM   533  C  CD  . GLN A 1 75  ? -2.591  0.027   1.816   1.00 13.13 ? 75  GLN A CD  1 
ATOM   534  O  OE1 . GLN A 1 75  ? -2.778  0.338   0.645   1.00 12.67 ? 75  GLN A OE1 1 
ATOM   535  N  NE2 . GLN A 1 75  ? -2.149  0.892   2.724   1.00 13.97 ? 75  GLN A NE2 1 
ATOM   536  N  N   . ALA A 1 76  ? -5.333  -3.928  0.500   1.00 14.02 ? 76  ALA A N   1 
ATOM   537  C  CA  . ALA A 1 76  ? -6.781  -3.953  0.368   1.00 14.46 ? 76  ALA A CA  1 
ATOM   538  C  C   . ALA A 1 76  ? -7.387  -5.173  1.077   1.00 14.95 ? 76  ALA A C   1 
ATOM   539  O  O   . ALA A 1 76  ? -8.463  -5.068  1.672   1.00 15.51 ? 76  ALA A O   1 
ATOM   540  C  CB  . ALA A 1 76  ? -7.168  -3.935  -1.085  1.00 13.86 ? 76  ALA A CB  1 
ATOM   541  N  N   . ASP A 1 77  ? -6.697  -6.315  1.032   1.00 15.04 ? 77  ASP A N   1 
ATOM   542  C  CA  . ASP A 1 77  ? -7.216  -7.542  1.618   1.00 14.93 ? 77  ASP A CA  1 
ATOM   543  C  C   . ASP A 1 77  ? -7.259  -7.394  3.120   1.00 15.04 ? 77  ASP A C   1 
ATOM   544  O  O   . ASP A 1 77  ? -8.253  -7.727  3.761   1.00 15.03 ? 77  ASP A O   1 
ATOM   545  C  CB  . ASP A 1 77  ? -6.339  -8.724  1.235   1.00 15.17 ? 77  ASP A CB  1 
ATOM   546  C  CG  . ASP A 1 77  ? -6.471  -9.106  -0.228  1.00 17.09 ? 77  ASP A CG  1 
ATOM   547  O  OD1 . ASP A 1 77  ? -7.287  -8.493  -0.958  1.00 19.23 ? 77  ASP A OD1 1 
ATOM   548  O  OD2 . ASP A 1 77  ? -5.746  -10.025 -0.661  1.00 19.21 ? 77  ASP A OD2 1 
ATOM   549  N  N   . SER A 1 78  ? -6.170  -6.879  3.674   1.00 15.29 ? 78  SER A N   1 
ATOM   550  C  CA  . SER A 1 78  ? -6.080  -6.620  5.090   1.00 15.85 ? 78  SER A CA  1 
ATOM   551  C  C   . SER A 1 78  ? -7.266  -5.769  5.552   1.00 15.73 ? 78  SER A C   1 
ATOM   552  O  O   . SER A 1 78  ? -7.978  -6.138  6.489   1.00 16.07 ? 78  SER A O   1 
ATOM   553  C  CB  . SER A 1 78  ? -4.751  -5.924  5.417   1.00 16.33 ? 78  SER A CB  1 
ATOM   554  O  OG  . SER A 1 78  ? -4.612  -5.751  6.815   1.00 18.10 ? 78  SER A OG  1 
ATOM   555  N  N   . LEU A 1 79  ? -7.501  -4.661  4.863   1.00 15.29 ? 79  LEU A N   1 
ATOM   556  C  CA  . LEU A 1 79  ? -8.575  -3.745  5.230   1.00 15.30 ? 79  LEU A CA  1 
ATOM   557  C  C   . LEU A 1 79  ? -9.977  -4.257  4.945   1.00 15.44 ? 79  LEU A C   1 
ATOM   558  O  O   . LEU A 1 79  ? -10.902 -3.977  5.704   1.00 15.22 ? 79  LEU A O   1 
ATOM   559  C  CB  . LEU A 1 79  ? -8.373  -2.400  4.563   1.00 15.11 ? 79  LEU A CB  1 
ATOM   560  C  CG  . LEU A 1 79  ? -7.597  -1.424  5.439   1.00 15.54 ? 79  LEU A CG  1 
ATOM   561  C  CD1 . LEU A 1 79  ? -6.288  -1.996  5.967   1.00 15.36 ? 79  LEU A CD1 1 
ATOM   562  C  CD2 . LEU A 1 79  ? -7.337  -0.203  4.623   1.00 17.10 ? 79  LEU A CD2 1 
ATOM   563  N  N   . ARG A 1 80  ? -10.138 -4.996  3.854   1.00 15.52 ? 80  ARG A N   1 
ATOM   564  C  CA  . ARG A 1 80  ? -11.416 -5.596  3.554   1.00 15.71 ? 80  ARG A CA  1 
ATOM   565  C  C   . ARG A 1 80  ? -11.828 -6.572  4.648   1.00 15.32 ? 80  ARG A C   1 
ATOM   566  O  O   . ARG A 1 80  ? -12.960 -6.506  5.141   1.00 15.14 ? 80  ARG A O   1 
ATOM   567  C  CB  . ARG A 1 80  ? -11.421 -6.243  2.172   1.00 15.75 ? 80  ARG A CB  1 
ATOM   568  C  CG  . ARG A 1 80  ? -11.845 -5.241  1.084   1.00 17.11 ? 80  ARG A CG  1 
ATOM   569  C  CD  . ARG A 1 80  ? -12.210 -5.895  -0.256  1.00 17.04 ? 80  ARG A CD  1 
ATOM   570  N  NE  . ARG A 1 80  ? -11.089 -5.857  -1.196  1.00 19.87 ? 80  ARG A NE  1 
ATOM   571  C  CZ  . ARG A 1 80  ? -10.251 -6.868  -1.422  1.00 21.33 ? 80  ARG A CZ  1 
ATOM   572  N  NH1 . ARG A 1 80  ? -10.396 -8.036  -0.782  1.00 21.49 ? 80  ARG A NH1 1 
ATOM   573  N  NH2 . ARG A 1 80  ? -9.265  -6.707  -2.300  1.00 21.95 ? 80  ARG A NH2 1 
ATOM   574  N  N   . ALA A 1 81  ? -10.900 -7.440  5.052   1.00 15.07 ? 81  ALA A N   1 
ATOM   575  C  CA  . ALA A 1 81  ? -11.163 -8.436  6.093   1.00 14.56 ? 81  ALA A CA  1 
ATOM   576  C  C   . ALA A 1 81  ? -11.635 -7.771  7.388   1.00 14.63 ? 81  ALA A C   1 
ATOM   577  O  O   . ALA A 1 81  ? -12.525 -8.281  8.081   1.00 15.01 ? 81  ALA A O   1 
ATOM   578  C  CB  . ALA A 1 81  ? -9.942  -9.279  6.338   1.00 13.95 ? 81  ALA A CB  1 
ATOM   579  N  N   . ALA A 1 82  ? -11.055 -6.615  7.695   1.00 14.80 ? 82  ALA A N   1 
ATOM   580  C  CA  . ALA A 1 82  ? -11.431 -5.851  8.886   1.00 14.68 ? 82  ALA A CA  1 
ATOM   581  C  C   . ALA A 1 82  ? -12.870 -5.294  8.812   1.00 14.71 ? 82  ALA A C   1 
ATOM   582  O  O   . ALA A 1 82  ? -13.631 -5.405  9.779   1.00 15.73 ? 82  ALA A O   1 
ATOM   583  C  CB  . ALA A 1 82  ? -10.408 -4.757  9.153   1.00 14.26 ? 82  ALA A CB  1 
ATOM   584  N  N   . ALA A 1 83  ? -13.260 -4.743  7.662   1.00 14.40 ? 83  ALA A N   1 
ATOM   585  C  CA  . ALA A 1 83  ? -14.605 -4.193  7.495   1.00 14.26 ? 83  ALA A CA  1 
ATOM   586  C  C   . ALA A 1 83  ? -15.635 -5.326  7.391   1.00 14.35 ? 83  ALA A C   1 
ATOM   587  O  O   . ALA A 1 83  ? -16.763 -5.217  7.890   1.00 13.61 ? 83  ALA A O   1 
ATOM   588  C  CB  . ALA A 1 83  ? -14.663 -3.279  6.283   1.00 13.83 ? 83  ALA A CB  1 
ATOM   589  N  N   . ALA A 1 84  ? -15.209 -6.413  6.751   1.00 14.83 ? 84  ALA A N   1 
ATOM   590  C  CA  . ALA A 1 84  ? -16.003 -7.613  6.594   1.00 15.21 ? 84  ALA A CA  1 
ATOM   591  C  C   . ALA A 1 84  ? -16.275 -8.296  7.940   1.00 15.97 ? 84  ALA A C   1 
ATOM   592  O  O   . ALA A 1 84  ? -17.291 -8.984  8.082   1.00 16.11 ? 84  ALA A O   1 
ATOM   593  C  CB  . ALA A 1 84  ? -15.324 -8.569  5.628   1.00 14.97 ? 84  ALA A CB  1 
ATOM   594  N  N   . SER A 1 85  ? -15.390 -8.105  8.924   1.00 16.36 ? 85  SER A N   1 
ATOM   595  C  CA  . SER A 1 85  ? -15.644 -8.597  10.288  1.00 17.09 ? 85  SER A CA  1 
ATOM   596  C  C   . SER A 1 85  ? -16.352 -7.553  11.157  1.00 17.58 ? 85  SER A C   1 
ATOM   597  O  O   . SER A 1 85  ? -16.312 -7.639  12.386  1.00 17.38 ? 85  SER A O   1 
ATOM   598  C  CB  . SER A 1 85  ? -14.342 -8.996  10.985  1.00 17.37 ? 85  SER A CB  1 
ATOM   599  O  OG  . SER A 1 85  ? -13.737 -7.857  11.612  1.00 17.27 ? 85  SER A OG  1 
ATOM   600  N  N   . GLY A 1 86  ? -16.961 -6.553  10.522  1.00 18.35 ? 86  GLY A N   1 
ATOM   601  C  CA  . GLY A 1 86  ? -17.718 -5.515  11.227  1.00 19.27 ? 86  GLY A CA  1 
ATOM   602  C  C   . GLY A 1 86  ? -16.897 -4.533  12.053  1.00 20.00 ? 86  GLY A C   1 
ATOM   603  O  O   . GLY A 1 86  ? -17.446 -3.841  12.914  1.00 19.65 ? 86  GLY A O   1 
ATOM   604  N  N   . ALA A 1 87  ? -15.588 -4.460  11.798  1.00 20.89 ? 87  ALA A N   1 
ATOM   605  C  CA  . ALA A 1 87  ? -14.723 -3.520  12.527  1.00 21.83 ? 87  ALA A CA  1 
ATOM   606  C  C   . ALA A 1 87  ? -15.032 -2.082  12.129  1.00 22.47 ? 87  ALA A C   1 
ATOM   607  O  O   . ALA A 1 87  ? -15.520 -1.817  11.020  1.00 22.87 ? 87  ALA A O   1 
ATOM   608  C  CB  . ALA A 1 87  ? -13.254 -3.829  12.304  1.00 21.54 ? 87  ALA A CB  1 
ATOM   609  N  N   . ASP A 1 88  ? -14.774 -1.164  13.051  1.00 22.72 ? 88  ASP A N   1 
ATOM   610  C  CA  . ASP A 1 88  ? -14.922 0.263   12.794  1.00 23.24 ? 88  ASP A CA  1 
ATOM   611  C  C   . ASP A 1 88  ? -13.521 0.818   12.479  1.00 22.74 ? 88  ASP A C   1 
ATOM   612  O  O   . ASP A 1 88  ? -12.557 0.047   12.314  1.00 22.57 ? 88  ASP A O   1 
ATOM   613  C  CB  . ASP A 1 88  ? -15.483 0.933   14.048  1.00 24.01 ? 88  ASP A CB  1 
ATOM   614  C  CG  . ASP A 1 88  ? -14.608 0.666   15.284  1.00 27.05 ? 88  ASP A CG  1 
ATOM   615  O  OD1 . ASP A 1 88  ? -14.260 -0.529  15.526  1.00 29.11 ? 88  ASP A OD1 1 
ATOM   616  O  OD2 . ASP A 1 88  ? -14.241 1.648   15.987  1.00 30.06 ? 88  ASP A OD2 1 
ATOM   617  N  N   . LEU A 1 89  ? -13.406 2.148   12.420  1.00 21.90 ? 89  LEU A N   1 
ATOM   618  C  CA  . LEU A 1 89  ? -12.128 2.807   12.117  1.00 21.24 ? 89  LEU A CA  1 
ATOM   619  C  C   . LEU A 1 89  ? -10.967 2.288   12.966  1.00 20.36 ? 89  LEU A C   1 
ATOM   620  O  O   . LEU A 1 89  ? -9.870  2.077   12.450  1.00 20.22 ? 89  LEU A O   1 
ATOM   621  C  CB  . LEU A 1 89  ? -12.229 4.337   12.231  1.00 21.20 ? 89  LEU A CB  1 
ATOM   622  C  CG  . LEU A 1 89  ? -12.883 5.124   11.094  1.00 21.56 ? 89  LEU A CG  1 
ATOM   623  C  CD1 . LEU A 1 89  ? -12.863 6.611   11.431  1.00 21.71 ? 89  LEU A CD1 1 
ATOM   624  C  CD2 . LEU A 1 89  ? -12.230 4.863   9.732   1.00 21.30 ? 89  LEU A CD2 1 
ATOM   625  N  N   . ALA A 1 90  ? -11.215 2.080   14.257  1.00 19.43 ? 90  ALA A N   1 
ATOM   626  C  CA  . ALA A 1 90  ? -10.207 1.504   15.139  1.00 18.30 ? 90  ALA A CA  1 
ATOM   627  C  C   . ALA A 1 90  ? -9.686  0.200   14.538  1.00 17.42 ? 90  ALA A C   1 
ATOM   628  O  O   . ALA A 1 90  ? -8.490  0.047   14.350  1.00 17.63 ? 90  ALA A O   1 
ATOM   629  C  CB  . ALA A 1 90  ? -10.770 1.282   16.542  1.00 18.24 ? 90  ALA A CB  1 
ATOM   630  N  N   . GLY A 1 91  ? -10.589 -0.709  14.185  1.00 16.26 ? 91  GLY A N   1 
ATOM   631  C  CA  . GLY A 1 91  ? -10.193 -2.022  13.692  1.00 15.24 ? 91  GLY A CA  1 
ATOM   632  C  C   . GLY A 1 91  ? -9.406  -1.900  12.411  1.00 14.80 ? 91  GLY A C   1 
ATOM   633  O  O   . GLY A 1 91  ? -8.430  -2.634  12.190  1.00 15.43 ? 91  GLY A O   1 
ATOM   634  N  N   . LEU A 1 92  ? -9.836  -0.951  11.581  1.00 13.65 ? 92  LEU A N   1 
ATOM   635  C  CA  . LEU A 1 92  ? -9.214  -0.664  10.301  1.00 12.41 ? 92  LEU A CA  1 
ATOM   636  C  C   . LEU A 1 92  ? -7.800  -0.107  10.488  1.00 11.98 ? 92  LEU A C   1 
ATOM   637  O  O   . LEU A 1 92  ? -6.873  -0.537  9.822   1.00 11.58 ? 92  LEU A O   1 
ATOM   638  C  CB  . LEU A 1 92  ? -10.097 0.312   9.529   1.00 12.25 ? 92  LEU A CB  1 
ATOM   639  C  CG  . LEU A 1 92  ? -11.082 -0.177  8.462   1.00 11.11 ? 92  LEU A CG  1 
ATOM   640  C  CD1 . LEU A 1 92  ? -11.601 -1.567  8.687   1.00 9.22  ? 92  LEU A CD1 1 
ATOM   641  C  CD2 . LEU A 1 92  ? -12.212 0.806   8.350   1.00 9.79  ? 92  LEU A CD2 1 
ATOM   642  N  N   . ALA A 1 93  ? -7.655  0.838   11.412  1.00 11.61 ? 93  ALA A N   1 
ATOM   643  C  CA  . ALA A 1 93  ? -6.368  1.363   11.810  1.00 11.76 ? 93  ALA A CA  1 
ATOM   644  C  C   . ALA A 1 93  ? -5.409  0.243   12.264  1.00 12.28 ? 93  ALA A C   1 
ATOM   645  O  O   . ALA A 1 93  ? -4.231  0.219   11.880  1.00 12.96 ? 93  ALA A O   1 
ATOM   646  C  CB  . ALA A 1 93  ? -6.552  2.385   12.897  1.00 11.47 ? 93  ALA A CB  1 
ATOM   647  N  N   . HIS A 1 94  ? -5.910  -0.697  13.048  1.00 12.23 ? 94  HIS A N   1 
ATOM   648  C  CA  . HIS A 1 94  ? -5.082  -1.807  13.500  1.00 12.64 ? 94  HIS A CA  1 
ATOM   649  C  C   . HIS A 1 94  ? -4.718  -2.798  12.412  1.00 12.30 ? 94  HIS A C   1 
ATOM   650  O  O   . HIS A 1 94  ? -3.635  -3.383  12.442  1.00 12.65 ? 94  HIS A O   1 
ATOM   651  C  CB  . HIS A 1 94  ? -5.761  -2.523  14.653  1.00 12.59 ? 94  HIS A CB  1 
ATOM   652  C  CG  . HIS A 1 94  ? -5.709  -1.746  15.923  1.00 14.81 ? 94  HIS A CG  1 
ATOM   653  N  ND1 . HIS A 1 94  ? -4.516  -1.363  16.501  1.00 15.50 ? 94  HIS A ND1 1 
ATOM   654  C  CD2 . HIS A 1 94  ? -6.694  -1.247  16.708  1.00 16.64 ? 94  HIS A CD2 1 
ATOM   655  C  CE1 . HIS A 1 94  ? -4.771  -0.665  17.591  1.00 18.19 ? 94  HIS A CE1 1 
ATOM   656  N  NE2 . HIS A 1 94  ? -6.084  -0.586  17.747  1.00 18.07 ? 94  HIS A NE2 1 
ATOM   657  N  N   . ALA A 1 95  ? -5.631  -2.993  11.468  1.00 11.84 ? 95  ALA A N   1 
ATOM   658  C  CA  . ALA A 1 95  ? -5.354  -3.793  10.276  1.00 11.82 ? 95  ALA A CA  1 
ATOM   659  C  C   . ALA A 1 95  ? -4.168  -3.161  9.508   1.00 11.32 ? 95  ALA A C   1 
ATOM   660  O  O   . ALA A 1 95  ? -3.192  -3.841  9.129   1.00 11.03 ? 95  ALA A O   1 
ATOM   661  C  CB  . ALA A 1 95  ? -6.596  -3.850  9.394   1.00 11.36 ? 95  ALA A CB  1 
ATOM   662  N  N   . LEU A 1 96  ? -4.250  -1.855  9.330   1.00 10.62 ? 96  LEU A N   1 
ATOM   663  C  CA  . LEU A 1 96  ? -3.230  -1.123  8.587   1.00 11.51 ? 96  LEU A CA  1 
ATOM   664  C  C   . LEU A 1 96  ? -1.849  -1.213  9.264   1.00 10.75 ? 96  LEU A C   1 
ATOM   665  O  O   . LEU A 1 96  ? -0.850  -1.313  8.567   1.00 9.88  ? 96  LEU A O   1 
ATOM   666  C  CB  . LEU A 1 96  ? -3.657  0.348   8.378   1.00 11.30 ? 96  LEU A CB  1 
ATOM   667  C  CG  . LEU A 1 96  ? -2.657  1.238   7.613   1.00 13.25 ? 96  LEU A CG  1 
ATOM   668  C  CD1 . LEU A 1 96  ? -2.357  0.690   6.178   1.00 13.21 ? 96  LEU A CD1 1 
ATOM   669  C  CD2 . LEU A 1 96  ? -3.077  2.725   7.577   1.00 11.85 ? 96  LEU A CD2 1 
ATOM   670  N  N   . ARG A 1 97  ? -1.822  -1.205  10.612  1.00 10.80 ? 97  ARG A N   1 
ATOM   671  C  CA  . ARG A 1 97  ? -0.573  -1.205  11.383  1.00 10.10 ? 97  ARG A CA  1 
ATOM   672  C  C   . ARG A 1 97  ? 0.171   -2.504  11.166  1.00 9.79  ? 97  ARG A C   1 
ATOM   673  O  O   . ARG A 1 97  ? 1.379   -2.500  10.873  1.00 9.99  ? 97  ARG A O   1 
ATOM   674  C  CB  . ARG A 1 97  ? -0.828  -0.981  12.882  1.00 10.36 ? 97  ARG A CB  1 
ATOM   675  C  CG  . ARG A 1 97  ? 0.458   -0.828  13.724  1.00 9.55  ? 97  ARG A CG  1 
ATOM   676  C  CD  . ARG A 1 97  ? 0.238   -0.177  15.091  1.00 9.36  ? 97  ARG A CD  1 
ATOM   677  N  NE  . ARG A 1 97  ? 1.481   -0.189  15.861  1.00 9.40  ? 97  ARG A NE  1 
ATOM   678  C  CZ  . ARG A 1 97  ? 2.425   0.758   15.773  1.00 11.70 ? 97  ARG A CZ  1 
ATOM   679  N  NH1 . ARG A 1 97  ? 2.243   1.792   14.972  1.00 12.96 ? 97  ARG A NH1 1 
ATOM   680  N  NH2 . ARG A 1 97  ? 3.558   0.690   16.475  1.00 10.19 ? 97  ARG A NH2 1 
ATOM   681  N  N   . ALA A 1 98  ? -0.562  -3.603  11.279  1.00 9.62  ? 98  ALA A N   1 
ATOM   682  C  CA  . ALA A 1 98  ? 0.010   -4.954  11.194  1.00 9.70  ? 98  ALA A CA  1 
ATOM   683  C  C   . ALA A 1 98  ? 0.471   -5.276  9.784   1.00 9.64  ? 98  ALA A C   1 
ATOM   684  O  O   . ALA A 1 98  ? 1.546   -5.849  9.588   1.00 9.45  ? 98  ALA A O   1 
ATOM   685  C  CB  . ALA A 1 98  ? -1.001  -5.990  11.684  1.00 9.78  ? 98  ALA A CB  1 
ATOM   686  N  N   . TRP A 1 99  ? -0.346  -4.898  8.804   1.00 9.81  ? 99  TRP A N   1 
ATOM   687  C  CA  . TRP A 1 99  ? 0.040   -5.020  7.407   1.00 9.92  ? 99  TRP A CA  1 
ATOM   688  C  C   . TRP A 1 99  ? 1.354   -4.245  7.171   1.00 10.48 ? 99  TRP A C   1 
ATOM   689  O  O   . TRP A 1 99  ? 2.298   -4.766  6.545   1.00 11.09 ? 99  TRP A O   1 
ATOM   690  C  CB  . TRP A 1 99  ? -1.074  -4.522  6.479   1.00 9.18  ? 99  TRP A CB  1 
ATOM   691  C  CG  . TRP A 1 99  ? -0.661  -4.567  5.043   1.00 9.47  ? 99  TRP A CG  1 
ATOM   692  C  CD1 . TRP A 1 99  ? -0.780  -5.619  4.191   1.00 9.22  ? 99  TRP A CD1 1 
ATOM   693  C  CD2 . TRP A 1 99  ? -0.034  -3.514  4.288   1.00 10.13 ? 99  TRP A CD2 1 
ATOM   694  N  NE1 . TRP A 1 99  ? -0.270  -5.300  2.953   1.00 10.09 ? 99  TRP A NE1 1 
ATOM   695  C  CE2 . TRP A 1 99  ? 0.199   -4.013  2.986   1.00 10.16 ? 99  TRP A CE2 1 
ATOM   696  C  CE3 . TRP A 1 99  ? 0.364   -2.208  4.590   1.00 9.07  ? 99  TRP A CE3 1 
ATOM   697  C  CZ2 . TRP A 1 99  ? 0.798   -3.251  1.991   1.00 9.32  ? 99  TRP A CZ2 1 
ATOM   698  C  CZ3 . TRP A 1 99  ? 0.959   -1.452  3.601   1.00 8.77  ? 99  TRP A CZ3 1 
ATOM   699  C  CH2 . TRP A 1 99  ? 1.166   -1.976  2.314   1.00 9.48  ? 99  TRP A CH2 1 
ATOM   700  N  N   . ALA A 1 100 ? 1.414   -3.006  7.662   1.00 9.68  ? 100 ALA A N   1 
ATOM   701  C  CA  . ALA A 1 100 ? 2.633   -2.208  7.574   1.00 8.98  ? 100 ALA A CA  1 
ATOM   702  C  C   . ALA A 1 100 ? 3.792   -2.903  8.283   1.00 8.74  ? 100 ALA A C   1 
ATOM   703  O  O   . ALA A 1 100 ? 4.870   -3.094  7.712   1.00 8.78  ? 100 ALA A O   1 
ATOM   704  C  CB  . ALA A 1 100 ? 2.410   -0.804  8.165   1.00 8.39  ? 100 ALA A CB  1 
ATOM   705  N  N   . LEU A 1 101 ? 3.582   -3.283  9.527   1.00 8.62  ? 101 LEU A N   1 
ATOM   706  C  CA  . LEU A 1 101 ? 4.691   -3.831  10.289  1.00 9.07  ? 101 LEU A CA  1 
ATOM   707  C  C   . LEU A 1 101 ? 5.010   -5.245  9.841   1.00 8.74  ? 101 LEU A C   1 
ATOM   708  O  O   . LEU A 1 101 ? 6.113   -5.732  10.054  1.00 8.84  ? 101 LEU A O   1 
ATOM   709  C  CB  . LEU A 1 101 ? 4.439   -3.756  11.805  1.00 8.83  ? 101 LEU A CB  1 
ATOM   710  C  CG  . LEU A 1 101 ? 4.285   -2.341  12.382  1.00 10.53 ? 101 LEU A CG  1 
ATOM   711  C  CD1 . LEU A 1 101 ? 3.929   -2.396  13.854  1.00 10.65 ? 101 LEU A CD1 1 
ATOM   712  C  CD2 . LEU A 1 101 ? 5.537   -1.469  12.170  1.00 10.17 ? 101 LEU A CD2 1 
ATOM   713  N  N   . ASP A 1 102 ? 4.064   -5.906  9.198   1.00 9.36  ? 102 ASP A N   1 
ATOM   714  C  CA  . ASP A 1 102 ? 4.308   -7.296  8.814   1.00 9.76  ? 102 ASP A CA  1 
ATOM   715  C  C   . ASP A 1 102 ? 5.377   -7.364  7.725   1.00 9.38  ? 102 ASP A C   1 
ATOM   716  O  O   . ASP A 1 102 ? 6.067   -8.355  7.625   1.00 9.97  ? 102 ASP A O   1 
ATOM   717  C  CB  . ASP A 1 102 ? 3.023   -8.021  8.404   1.00 9.31  ? 102 ASP A CB  1 
ATOM   718  C  CG  . ASP A 1 102 ? 3.278   -9.453  7.923   1.00 11.00 ? 102 ASP A CG  1 
ATOM   719  O  OD1 . ASP A 1 102 ? 3.840   -10.294 8.670   1.00 10.09 ? 102 ASP A OD1 1 
ATOM   720  O  OD2 . ASP A 1 102 ? 2.892   -9.742  6.776   1.00 13.75 ? 102 ASP A OD2 1 
ATOM   721  N  N   . ASP A 1 103 ? 5.524   -6.299  6.937   1.00 9.39  ? 103 ASP A N   1 
ATOM   722  C  CA  . ASP A 1 103 ? 6.438   -6.299  5.780   1.00 8.68  ? 103 ASP A CA  1 
ATOM   723  C  C   . ASP A 1 103 ? 6.830   -4.876  5.393   1.00 8.44  ? 103 ASP A C   1 
ATOM   724  O  O   . ASP A 1 103 ? 6.266   -4.304  4.451   1.00 7.85  ? 103 ASP A O   1 
ATOM   725  C  CB  . ASP A 1 103 ? 5.793   -7.016  4.593   1.00 8.90  ? 103 ASP A CB  1 
ATOM   726  C  CG  . ASP A 1 103 ? 6.762   -7.263  3.456   1.00 9.66  ? 103 ASP A CG  1 
ATOM   727  O  OD1 . ASP A 1 103 ? 7.838   -6.637  3.387   1.00 12.73 ? 103 ASP A OD1 1 
ATOM   728  O  OD2 . ASP A 1 103 ? 6.451   -8.090  2.595   1.00 13.76 ? 103 ASP A OD2 1 
ATOM   729  N  N   . PRO A 1 104 ? 7.814   -4.298  6.105   1.00 8.49  ? 104 PRO A N   1 
ATOM   730  C  CA  . PRO A 1 104 ? 8.210   -2.919  5.835   1.00 9.18  ? 104 PRO A CA  1 
ATOM   731  C  C   . PRO A 1 104 ? 8.635   -2.664  4.387   1.00 9.82  ? 104 PRO A C   1 
ATOM   732  O  O   . PRO A 1 104 ? 8.371   -1.555  3.843   1.00 10.24 ? 104 PRO A O   1 
ATOM   733  C  CB  . PRO A 1 104 ? 9.406   -2.705  6.774   1.00 9.06  ? 104 PRO A CB  1 
ATOM   734  C  CG  . PRO A 1 104 ? 9.151   -3.657  7.930   1.00 8.75  ? 104 PRO A CG  1 
ATOM   735  C  CD  . PRO A 1 104 ? 8.624   -4.886  7.188   1.00 8.74  ? 104 PRO A CD  1 
ATOM   736  N  N   . GLN A 1 105 ? 9.269   -3.659  3.761   1.00 9.76  ? 105 GLN A N   1 
ATOM   737  C  CA  . GLN A 1 105 ? 9.758   -3.499  2.400   1.00 10.38 ? 105 GLN A CA  1 
ATOM   738  C  C   . GLN A 1 105 ? 8.591   -3.311  1.470   1.00 10.61 ? 105 GLN A C   1 
ATOM   739  O  O   . GLN A 1 105 ? 8.642   -2.465  0.569   1.00 10.83 ? 105 GLN A O   1 
ATOM   740  C  CB  . GLN A 1 105 ? 10.605  -4.687  1.944   1.00 10.67 ? 105 GLN A CB  1 
ATOM   741  C  CG  . GLN A 1 105 ? 11.929  -4.790  2.627   1.00 12.22 ? 105 GLN A CG  1 
ATOM   742  C  CD  . GLN A 1 105 ? 12.720  -3.493  2.562   1.00 17.24 ? 105 GLN A CD  1 
ATOM   743  O  OE1 . GLN A 1 105 ? 12.954  -2.915  1.480   1.00 19.91 ? 105 GLN A OE1 1 
ATOM   744  N  NE2 . GLN A 1 105 ? 13.137  -3.020  3.729   1.00 19.21 ? 105 GLN A NE2 1 
ATOM   745  N  N   . ARG A 1 106 ? 7.526   -4.077  1.706   1.00 10.06 ? 106 ARG A N   1 
ATOM   746  C  CA  . ARG A 1 106 ? 6.320   -3.922  0.919   1.00 9.62  ? 106 ARG A CA  1 
ATOM   747  C  C   . ARG A 1 106 ? 5.681   -2.538  1.148   1.00 9.79  ? 106 ARG A C   1 
ATOM   748  O  O   . ARG A 1 106 ? 5.242   -1.893  0.196   1.00 10.46 ? 106 ARG A O   1 
ATOM   749  C  CB  . ARG A 1 106 ? 5.357   -5.038  1.257   1.00 9.53  ? 106 ARG A CB  1 
ATOM   750  C  CG  . ARG A 1 106 ? 4.110   -5.110  0.410   1.00 10.47 ? 106 ARG A CG  1 
ATOM   751  C  CD  . ARG A 1 106 ? 3.222   -6.246  0.912   1.00 11.71 ? 106 ARG A CD  1 
ATOM   752  N  NE  . ARG A 1 106 ? 3.000   -6.154  2.359   1.00 13.37 ? 106 ARG A NE  1 
ATOM   753  C  CZ  . ARG A 1 106 ? 2.421   -7.103  3.090   1.00 14.32 ? 106 ARG A CZ  1 
ATOM   754  N  NH1 . ARG A 1 106 ? 2.000   -8.218  2.511   1.00 14.41 ? 106 ARG A NH1 1 
ATOM   755  N  NH2 . ARG A 1 106 ? 2.252   -6.937  4.397   1.00 13.85 ? 106 ARG A NH2 1 
ATOM   756  N  N   . TYR A 1 107 ? 5.658   -2.070  2.397   1.00 9.39  ? 107 TYR A N   1 
ATOM   757  C  CA  . TYR A 1 107 ? 5.101   -0.766  2.728   1.00 8.65  ? 107 TYR A CA  1 
ATOM   758  C  C   . TYR A 1 107 ? 5.817   0.322   1.922   1.00 9.05  ? 107 TYR A C   1 
ATOM   759  O  O   . TYR A 1 107 ? 5.177   1.202   1.318   1.00 8.78  ? 107 TYR A O   1 
ATOM   760  C  CB  . TYR A 1 107 ? 5.223   -0.505  4.250   1.00 8.54  ? 107 TYR A CB  1 
ATOM   761  C  CG  . TYR A 1 107 ? 4.719   0.868   4.708   1.00 6.75  ? 107 TYR A CG  1 
ATOM   762  C  CD1 . TYR A 1 107 ? 5.588   1.960   4.752   1.00 3.72  ? 107 TYR A CD1 1 
ATOM   763  C  CD2 . TYR A 1 107 ? 3.373   1.066   5.108   1.00 4.75  ? 107 TYR A CD2 1 
ATOM   764  C  CE1 . TYR A 1 107 ? 5.146   3.245   5.167   1.00 3.67  ? 107 TYR A CE1 1 
ATOM   765  C  CE2 . TYR A 1 107 ? 2.911   2.353   5.539   1.00 3.07  ? 107 TYR A CE2 1 
ATOM   766  C  CZ  . TYR A 1 107 ? 3.806   3.424   5.550   1.00 6.95  ? 107 TYR A CZ  1 
ATOM   767  O  OH  . TYR A 1 107 ? 3.408   4.691   5.955   1.00 10.18 ? 107 TYR A OH  1 
ATOM   768  N  N   . PHE A 1 108 ? 7.143   0.240   1.893   1.00 9.01  ? 108 PHE A N   1 
ATOM   769  C  CA  . PHE A 1 108 ? 7.945   1.293   1.299   1.00 9.88  ? 108 PHE A CA  1 
ATOM   770  C  C   . PHE A 1 108 ? 7.969   1.292   -0.210  1.00 9.92  ? 108 PHE A C   1 
ATOM   771  O  O   . PHE A 1 108 ? 8.229   2.319   -0.818  1.00 9.08  ? 108 PHE A O   1 
ATOM   772  C  CB  . PHE A 1 108 ? 9.362   1.255   1.834   1.00 10.44 ? 108 PHE A CB  1 
ATOM   773  C  CG  . PHE A 1 108 ? 9.497   1.827   3.228   1.00 11.52 ? 108 PHE A CG  1 
ATOM   774  C  CD1 . PHE A 1 108 ? 9.008   3.109   3.518   1.00 12.21 ? 108 PHE A CD1 1 
ATOM   775  C  CD2 . PHE A 1 108 ? 10.146  1.099   4.240   1.00 10.49 ? 108 PHE A CD2 1 
ATOM   776  C  CE1 . PHE A 1 108 ? 9.152   3.662   4.832   1.00 14.51 ? 108 PHE A CE1 1 
ATOM   777  C  CE2 . PHE A 1 108 ? 10.310  1.635   5.529   1.00 11.49 ? 108 PHE A CE2 1 
ATOM   778  C  CZ  . PHE A 1 108 ? 9.811   2.914   5.833   1.00 12.50 ? 108 PHE A CZ  1 
ATOM   779  N  N   . LEU A 1 109 ? 7.684   0.148   -0.822  1.00 10.15 ? 109 LEU A N   1 
ATOM   780  C  CA  . LEU A 1 109 ? 7.560   0.118   -2.265  1.00 10.70 ? 109 LEU A CA  1 
ATOM   781  C  C   . LEU A 1 109 ? 6.359   1.016   -2.691  1.00 11.03 ? 109 LEU A C   1 
ATOM   782  O  O   . LEU A 1 109 ? 6.414   1.700   -3.707  1.00 11.26 ? 109 LEU A O   1 
ATOM   783  C  CB  . LEU A 1 109 ? 7.438   -1.338  -2.739  1.00 10.95 ? 109 LEU A CB  1 
ATOM   784  C  CG  . LEU A 1 109 ? 7.484   -1.599  -4.254  1.00 12.18 ? 109 LEU A CG  1 
ATOM   785  C  CD1 . LEU A 1 109 ? 8.896   -1.471  -4.887  1.00 10.65 ? 109 LEU A CD1 1 
ATOM   786  C  CD2 . LEU A 1 109 ? 6.871   -2.946  -4.569  1.00 8.84  ? 109 LEU A CD2 1 
ATOM   787  N  N   . ILE A 1 110 ? 5.289   1.036   -1.896  1.00 11.00 ? 110 ILE A N   1 
ATOM   788  C  CA  . ILE A 1 110 ? 4.169   1.953   -2.138  1.00 10.78 ? 110 ILE A CA  1 
ATOM   789  C  C   . ILE A 1 110 ? 4.445   3.344   -1.529  1.00 10.20 ? 110 ILE A C   1 
ATOM   790  O  O   . ILE A 1 110 ? 4.326   4.358   -2.206  1.00 10.43 ? 110 ILE A O   1 
ATOM   791  C  CB  . ILE A 1 110 ? 2.817   1.442   -1.490  1.00 12.04 ? 110 ILE A CB  1 
ATOM   792  C  CG1 . ILE A 1 110 ? 2.415   0.075   -2.018  1.00 11.38 ? 110 ILE A CG1 1 
ATOM   793  C  CG2 . ILE A 1 110 ? 1.682   2.503   -1.672  1.00 11.93 ? 110 ILE A CG2 1 
ATOM   794  C  CD1 . ILE A 1 110 ? 2.730   0.006   -3.501  1.00 15.69 ? 110 ILE A CD1 1 
ATOM   795  N  N   . PHE A 1 111 ? 4.771   3.384   -0.234  1.00 9.06  ? 111 PHE A N   1 
ATOM   796  C  CA  . PHE A 1 111 ? 4.720   4.642   0.512   1.00 8.20  ? 111 PHE A CA  1 
ATOM   797  C  C   . PHE A 1 111 ? 6.054   5.345   0.709   1.00 7.64  ? 111 PHE A C   1 
ATOM   798  O  O   . PHE A 1 111 ? 6.101   6.425   1.269   1.00 7.76  ? 111 PHE A O   1 
ATOM   799  C  CB  . PHE A 1 111 ? 3.992   4.441   1.844   1.00 7.54  ? 111 PHE A CB  1 
ATOM   800  C  CG  . PHE A 1 111 ? 2.549   4.012   1.681   1.00 7.60  ? 111 PHE A CG  1 
ATOM   801  C  CD1 . PHE A 1 111 ? 1.561   4.938   1.334   1.00 8.95  ? 111 PHE A CD1 1 
ATOM   802  C  CD2 . PHE A 1 111 ? 2.176   2.677   1.844   1.00 8.20  ? 111 PHE A CD2 1 
ATOM   803  C  CE1 . PHE A 1 111 ? 0.192   4.549   1.181   1.00 9.64  ? 111 PHE A CE1 1 
ATOM   804  C  CE2 . PHE A 1 111 ? 0.822   2.270   1.690   1.00 8.79  ? 111 PHE A CE2 1 
ATOM   805  C  CZ  . PHE A 1 111 ? -0.168  3.212   1.353   1.00 8.64  ? 111 PHE A CZ  1 
ATOM   806  N  N   . GLY A 1 112 ? 7.126   4.736   0.230   1.00 7.51  ? 112 GLY A N   1 
ATOM   807  C  CA  . GLY A 1 112 ? 8.454   5.213   0.491   1.00 7.89  ? 112 GLY A CA  1 
ATOM   808  C  C   . GLY A 1 112 ? 9.054   5.890   -0.722  1.00 8.99  ? 112 GLY A C   1 
ATOM   809  O  O   . GLY A 1 112 ? 8.353   6.508   -1.538  1.00 9.47  ? 112 GLY A O   1 
ATOM   810  N  N   . THR A 1 113 ? 10.369  5.796   -0.823  1.00 9.00  ? 113 THR A N   1 
ATOM   811  C  CA  . THR A 1 113 ? 11.104  6.468   -1.859  1.00 9.02  ? 113 THR A CA  1 
ATOM   812  C  C   . THR A 1 113 ? 10.725  5.926   -3.237  1.00 9.77  ? 113 THR A C   1 
ATOM   813  O  O   . THR A 1 113 ? 10.857  4.736   -3.493  1.00 9.24  ? 113 THR A O   1 
ATOM   814  C  CB  . THR A 1 113 ? 12.600  6.300   -1.585  1.00 9.43  ? 113 THR A CB  1 
ATOM   815  O  OG1 . THR A 1 113 ? 12.851  6.664   -0.217  1.00 7.34  ? 113 THR A OG1 1 
ATOM   816  C  CG2 . THR A 1 113 ? 13.453  7.156   -2.555  1.00 7.67  ? 113 THR A CG2 1 
ATOM   817  N  N   . PRO A 1 114 ? 10.275  6.811   -4.141  1.00 10.76 ? 114 PRO A N   1 
ATOM   818  C  CA  . PRO A 1 114 ? 9.865   6.378   -5.479  1.00 11.95 ? 114 PRO A CA  1 
ATOM   819  C  C   . PRO A 1 114 ? 11.032  5.693   -6.208  1.00 13.40 ? 114 PRO A C   1 
ATOM   820  O  O   . PRO A 1 114 ? 12.199  6.003   -5.943  1.00 13.32 ? 114 PRO A O   1 
ATOM   821  C  CB  . PRO A 1 114 ? 9.539   7.692   -6.209  1.00 12.06 ? 114 PRO A CB  1 
ATOM   822  C  CG  . PRO A 1 114 ? 9.552   8.786   -5.194  1.00 11.09 ? 114 PRO A CG  1 
ATOM   823  C  CD  . PRO A 1 114 ? 10.228  8.272   -3.957  1.00 10.67 ? 114 PRO A CD  1 
ATOM   824  N  N   . VAL A 1 115 ? 10.744  4.782   -7.132  1.00 14.96 ? 115 VAL A N   1 
ATOM   825  C  CA  . VAL A 1 115 ? 11.835  4.135   -7.842  1.00 16.64 ? 115 VAL A CA  1 
ATOM   826  C  C   . VAL A 1 115 ? 12.244  5.010   -9.018  1.00 18.16 ? 115 VAL A C   1 
ATOM   827  O  O   . VAL A 1 115 ? 11.415  5.341   -9.853  1.00 18.14 ? 115 VAL A O   1 
ATOM   828  C  CB  . VAL A 1 115 ? 11.476  2.710   -8.267  1.00 16.71 ? 115 VAL A CB  1 
ATOM   829  C  CG1 . VAL A 1 115 ? 12.649  2.066   -8.989  1.00 16.40 ? 115 VAL A CG1 1 
ATOM   830  C  CG2 . VAL A 1 115 ? 11.075  1.915   -7.051  1.00 15.68 ? 115 VAL A CG2 1 
ATOM   831  N  N   . PRO A 1 116 ? 13.522  5.440   -9.046  1.00 20.21 ? 116 PRO A N   1 
ATOM   832  C  CA  . PRO A 1 116 ? 14.005  6.374   -10.067 1.00 21.17 ? 116 PRO A CA  1 
ATOM   833  C  C   . PRO A 1 116 ? 13.858  5.779   -11.429 1.00 22.30 ? 116 PRO A C   1 
ATOM   834  O  O   . PRO A 1 116 ? 14.196  4.616   -11.629 1.00 22.49 ? 116 PRO A O   1 
ATOM   835  C  CB  . PRO A 1 116 ? 15.492  6.512   -9.750  1.00 21.31 ? 116 PRO A CB  1 
ATOM   836  C  CG  . PRO A 1 116 ? 15.604  6.166   -8.319  1.00 21.05 ? 116 PRO A CG  1 
ATOM   837  C  CD  . PRO A 1 116 ? 14.591  5.078   -8.096  1.00 20.31 ? 116 PRO A CD  1 
ATOM   838  N  N   . GLY A 1 117 ? 13.342  6.581   -12.352 1.00 23.74 ? 117 GLY A N   1 
ATOM   839  C  CA  . GLY A 1 117 ? 13.179  6.163   -13.738 1.00 25.02 ? 117 GLY A CA  1 
ATOM   840  C  C   . GLY A 1 117 ? 11.851  5.473   -14.017 1.00 26.06 ? 117 GLY A C   1 
ATOM   841  O  O   . GLY A 1 117 ? 11.385  5.477   -15.168 1.00 26.43 ? 117 GLY A O   1 
ATOM   842  N  N   . TYR A 1 118 ? 11.238  4.892   -12.978 1.00 25.91 ? 118 TYR A N   1 
ATOM   843  C  CA  . TYR A 1 118 ? 10.014  4.116   -13.143 1.00 26.40 ? 118 TYR A CA  1 
ATOM   844  C  C   . TYR A 1 118 ? 8.768   4.995   -13.187 1.00 28.40 ? 118 TYR A C   1 
ATOM   845  O  O   . TYR A 1 118 ? 8.503   5.756   -12.246 1.00 28.50 ? 118 TYR A O   1 
ATOM   846  C  CB  . TYR A 1 118 ? 9.870   3.071   -12.019 1.00 24.74 ? 118 TYR A CB  1 
ATOM   847  C  CG  . TYR A 1 118 ? 8.514   2.406   -11.991 1.00 21.88 ? 118 TYR A CG  1 
ATOM   848  C  CD1 . TYR A 1 118 ? 8.224   1.345   -12.839 1.00 20.05 ? 118 TYR A CD1 1 
ATOM   849  C  CD2 . TYR A 1 118 ? 7.515   2.851   -11.132 1.00 20.11 ? 118 TYR A CD2 1 
ATOM   850  C  CE1 . TYR A 1 118 ? 6.977   0.728   -12.835 1.00 19.81 ? 118 TYR A CE1 1 
ATOM   851  C  CE2 . TYR A 1 118 ? 6.261   2.241   -11.107 1.00 20.25 ? 118 TYR A CE2 1 
ATOM   852  C  CZ  . TYR A 1 118 ? 5.996   1.171   -11.967 1.00 21.23 ? 118 TYR A CZ  1 
ATOM   853  O  OH  . TYR A 1 118 ? 4.755   0.561   -11.969 1.00 19.85 ? 118 TYR A OH  1 
ATOM   854  N  N   . ARG A 1 119 ? 7.991   4.868   -14.264 1.00 30.92 ? 119 ARG A N   1 
ATOM   855  C  CA  . ARG A 1 119 ? 6.660   5.488   -14.327 1.00 33.60 ? 119 ARG A CA  1 
ATOM   856  C  C   . ARG A 1 119 ? 5.601   4.392   -14.382 1.00 35.02 ? 119 ARG A C   1 
ATOM   857  O  O   . ARG A 1 119 ? 5.664   3.502   -15.232 1.00 35.40 ? 119 ARG A O   1 
ATOM   858  C  CB  . ARG A 1 119 ? 6.530   6.424   -15.538 1.00 33.82 ? 119 ARG A CB  1 
ATOM   859  C  CG  . ARG A 1 119 ? 7.590   7.526   -15.625 1.00 35.49 ? 119 ARG A CG  1 
ATOM   860  C  CD  . ARG A 1 119 ? 8.179   7.591   -17.036 1.00 38.40 ? 119 ARG A CD  1 
ATOM   861  N  NE  . ARG A 1 119 ? 7.218   8.110   -18.017 1.00 41.12 ? 119 ARG A NE  1 
ATOM   862  C  CZ  . ARG A 1 119 ? 7.069   7.649   -19.258 1.00 41.78 ? 119 ARG A CZ  1 
ATOM   863  N  NH1 . ARG A 1 119 ? 7.807   6.629   -19.690 1.00 42.64 ? 119 ARG A NH1 1 
ATOM   864  N  NH2 . ARG A 1 119 ? 6.166   8.197   -20.067 1.00 41.14 ? 119 ARG A NH2 1 
ATOM   865  N  N   . ALA A 1 120 ? 4.649   4.447   -13.457 1.00 36.84 ? 120 ALA A N   1 
ATOM   866  C  CA  . ALA A 1 120 ? 3.588   3.444   -13.364 1.00 38.77 ? 120 ALA A CA  1 
ATOM   867  C  C   . ALA A 1 120 ? 2.536   3.583   -14.474 1.00 40.34 ? 120 ALA A C   1 
ATOM   868  O  O   . ALA A 1 120 ? 2.367   4.671   -15.044 1.00 40.53 ? 120 ALA A O   1 
ATOM   869  C  CB  . ALA A 1 120 ? 2.918   3.514   -11.976 1.00 38.71 ? 120 ALA A CB  1 
ATOM   870  N  N   . PRO A 1 121 ? 1.834   2.476   -14.800 1.00 41.79 ? 121 PRO A N   1 
ATOM   871  C  CA  . PRO A 1 121 ? 0.606   2.619   -15.581 1.00 42.94 ? 121 PRO A CA  1 
ATOM   872  C  C   . PRO A 1 121 ? -0.507  3.159   -14.670 1.00 44.22 ? 121 PRO A C   1 
ATOM   873  O  O   . PRO A 1 121 ? -0.518  2.859   -13.463 1.00 44.42 ? 121 PRO A O   1 
ATOM   874  C  CB  . PRO A 1 121 ? 0.293   1.180   -16.023 1.00 42.89 ? 121 PRO A CB  1 
ATOM   875  C  CG  . PRO A 1 121 ? 1.489   0.353   -15.635 1.00 42.51 ? 121 PRO A CG  1 
ATOM   876  C  CD  . PRO A 1 121 ? 2.119   1.065   -14.490 1.00 41.74 ? 121 PRO A CD  1 
ATOM   877  N  N   . ASP A 1 122 ? -1.427  3.938   -15.240 1.00 45.50 ? 122 ASP A N   1 
ATOM   878  C  CA  . ASP A 1 122 ? -2.502  4.611   -14.485 1.00 46.77 ? 122 ASP A CA  1 
ATOM   879  C  C   . ASP A 1 122 ? -3.295  3.728   -13.503 1.00 47.70 ? 122 ASP A C   1 
ATOM   880  O  O   . ASP A 1 122 ? -3.928  4.247   -12.572 1.00 47.71 ? 122 ASP A O   1 
ATOM   881  C  CB  . ASP A 1 122 ? -3.477  5.297   -15.453 1.00 46.70 ? 122 ASP A CB  1 
ATOM   882  C  CG  . ASP A 1 122 ? -2.769  5.992   -16.602 1.00 46.78 ? 122 ASP A CG  1 
ATOM   883  O  OD1 . ASP A 1 122 ? -1.967  6.921   -16.366 1.00 46.70 ? 122 ASP A OD1 1 
ATOM   884  O  OD2 . ASP A 1 122 ? -3.022  5.604   -17.756 1.00 47.35 ? 122 ASP A OD2 1 
ATOM   885  N  N   . ASP A 1 123 ? -3.249  2.407   -13.706 1.00 49.00 ? 123 ASP A N   1 
ATOM   886  C  CA  . ASP A 1 123 ? -4.027  1.443   -12.901 1.00 50.18 ? 123 ASP A CA  1 
ATOM   887  C  C   . ASP A 1 123 ? -3.381  1.002   -11.574 1.00 50.97 ? 123 ASP A C   1 
ATOM   888  O  O   . ASP A 1 123 ? -3.848  0.045   -10.933 1.00 51.23 ? 123 ASP A O   1 
ATOM   889  C  CB  . ASP A 1 123 ? -4.445  0.222   -13.747 1.00 50.15 ? 123 ASP A CB  1 
ATOM   890  C  CG  . ASP A 1 123 ? -3.261  -0.625  -14.195 1.00 50.71 ? 123 ASP A CG  1 
ATOM   891  O  OD1 . ASP A 1 123 ? -2.729  -1.403  -13.367 1.00 50.72 ? 123 ASP A OD1 1 
ATOM   892  O  OD2 . ASP A 1 123 ? -2.878  -0.528  -15.382 1.00 51.19 ? 123 ASP A OD2 1 
ATOM   893  N  N   . ILE A 1 124 ? -2.305  1.682   -11.170 1.00 51.83 ? 124 ILE A N   1 
ATOM   894  C  CA  . ILE A 1 124 ? -1.722  1.469   -9.840  1.00 52.36 ? 124 ILE A CA  1 
ATOM   895  C  C   . ILE A 1 124 ? -2.447  2.377   -8.850  1.00 52.76 ? 124 ILE A C   1 
ATOM   896  O  O   . ILE A 1 124 ? -2.640  2.003   -7.693  1.00 53.32 ? 124 ILE A O   1 
ATOM   897  C  CB  . ILE A 1 124 ? -0.217  1.729   -9.835  1.00 52.18 ? 124 ILE A CB  1 
ATOM   898  N  N   . THR A 1 125 ? -2.861  3.562   -9.306  1.00 52.90 ? 125 THR A N   1 
ATOM   899  C  CA  . THR A 1 125 ? -3.764  4.403   -8.509  1.00 52.93 ? 125 THR A CA  1 
ATOM   900  C  C   . THR A 1 125 ? -5.207  3.897   -8.629  1.00 52.85 ? 125 THR A C   1 
ATOM   901  O  O   . THR A 1 125 ? -5.964  3.961   -7.657  1.00 52.94 ? 125 THR A O   1 
ATOM   902  C  CB  . THR A 1 125 ? -3.736  5.930   -8.874  1.00 53.01 ? 125 THR A CB  1 
ATOM   903  O  OG1 . THR A 1 125 ? -2.645  6.233   -9.759  1.00 52.63 ? 125 THR A OG1 1 
ATOM   904  C  CG2 . THR A 1 125 ? -3.650  6.780   -7.586  1.00 52.74 ? 125 THR A CG2 1 
ATOM   905  N  N   . GLU A 1 126 ? -5.583  3.410   -9.818  1.00 52.57 ? 126 GLU A N   1 
ATOM   906  C  CA  . GLU A 1 126 ? -6.915  2.811   -10.037 1.00 52.21 ? 126 GLU A CA  1 
ATOM   907  C  C   . GLU A 1 126 ? -7.117  1.505   -9.239  1.00 51.84 ? 126 GLU A C   1 
ATOM   908  O  O   . GLU A 1 126 ? -8.232  0.971   -9.172  1.00 51.87 ? 126 GLU A O   1 
ATOM   909  C  CB  . GLU A 1 126 ? -7.196  2.601   -11.539 1.00 52.12 ? 126 GLU A CB  1 
ATOM   910  N  N   . ILE A 1 127 ? -6.026  1.014   -8.639  1.00 51.17 ? 127 ILE A N   1 
ATOM   911  C  CA  . ILE A 1 127 ? -6.052  -0.081  -7.663  1.00 50.17 ? 127 ILE A CA  1 
ATOM   912  C  C   . ILE A 1 127 ? -5.692  0.414   -6.248  1.00 49.42 ? 127 ILE A C   1 
ATOM   913  O  O   . ILE A 1 127 ? -5.599  -0.391  -5.316  1.00 49.38 ? 127 ILE A O   1 
ATOM   914  C  CB  . ILE A 1 127 ? -5.111  -1.218  -8.103  1.00 50.21 ? 127 ILE A CB  1 
ATOM   915  N  N   . ALA A 1 128 ? -5.491  1.729   -6.099  1.00 48.53 ? 128 ALA A N   1 
ATOM   916  C  CA  . ALA A 1 128 ? -5.264  2.365   -4.782  1.00 47.53 ? 128 ALA A CA  1 
ATOM   917  C  C   . ALA A 1 128 ? -6.573  2.819   -4.124  1.00 46.84 ? 128 ALA A C   1 
ATOM   918  O  O   . ALA A 1 128 ? -6.672  2.859   -2.896  1.00 46.91 ? 128 ALA A O   1 
ATOM   919  C  CB  . ALA A 1 128 ? -4.272  3.535   -4.889  1.00 47.20 ? 128 ALA A CB  1 
ATOM   920  N  N   . ALA A 1 129 ? -7.566  3.143   -4.954  1.00 45.97 ? 129 ALA A N   1 
ATOM   921  C  CA  . ALA A 1 129 ? -8.892  3.582   -4.509  1.00 45.13 ? 129 ALA A CA  1 
ATOM   922  C  C   . ALA A 1 129 ? -9.706  2.459   -3.892  1.00 44.53 ? 129 ALA A C   1 
ATOM   923  O  O   . ALA A 1 129 ? -10.768 2.701   -3.303  1.00 44.48 ? 129 ALA A O   1 
ATOM   924  C  CB  . ALA A 1 129 ? -9.661  4.202   -5.673  1.00 45.28 ? 129 ALA A CB  1 
ATOM   925  N  N   . GLU A 1 130 ? -9.212  1.231   -4.054  1.00 43.83 ? 130 GLU A N   1 
ATOM   926  C  CA  . GLU A 1 130 ? -9.853  0.042   -3.491  1.00 43.15 ? 130 GLU A CA  1 
ATOM   927  C  C   . GLU A 1 130 ? -9.778  0.135   -1.973  1.00 42.52 ? 130 GLU A C   1 
ATOM   928  O  O   . GLU A 1 130 ? -10.804 0.291   -1.302  1.00 42.65 ? 130 GLU A O   1 
ATOM   929  C  CB  . GLU A 1 130 ? -9.178  -1.245  -4.003  1.00 42.95 ? 130 GLU A CB  1 
ATOM   930  N  N   . THR A 1 131 ? -8.555  0.068   -1.454  1.00 41.48 ? 131 THR A N   1 
ATOM   931  C  CA  . THR A 1 131 ? -8.260  0.326   -0.051  1.00 40.78 ? 131 THR A CA  1 
ATOM   932  C  C   . THR A 1 131 ? -9.015  1.572   0.484   1.00 40.12 ? 131 THR A C   1 
ATOM   933  O  O   . THR A 1 131 ? -9.650  1.515   1.544   1.00 40.29 ? 131 THR A O   1 
ATOM   934  C  CB  . THR A 1 131 ? -6.718  0.469   0.158   1.00 40.90 ? 131 THR A CB  1 
ATOM   935  O  OG1 . THR A 1 131 ? -6.042  -0.681  -0.378  1.00 41.32 ? 131 THR A OG1 1 
ATOM   936  C  CG2 . THR A 1 131 ? -6.362  0.608   1.624   1.00 40.30 ? 131 THR A CG2 1 
HETATM 937  N  N   . MSE A 1 132 ? -8.972  2.674   -0.264  1.00 38.87 ? 132 MSE A N   1 
HETATM 938  C  CA  . MSE A 1 132 ? -9.580  3.931   0.184   1.00 37.68 ? 132 MSE A CA  1 
HETATM 939  C  C   . MSE A 1 132 ? -11.110 3.978   0.198   1.00 35.77 ? 132 MSE A C   1 
HETATM 940  O  O   . MSE A 1 132 ? -11.696 4.709   0.989   1.00 35.46 ? 132 MSE A O   1 
HETATM 941  C  CB  . MSE A 1 132 ? -8.984  5.111   -0.579  1.00 38.53 ? 132 MSE A CB  1 
HETATM 942  C  CG  . MSE A 1 132 ? -7.841  5.769   0.199   1.00 41.42 ? 132 MSE A CG  1 
HETATM 943  SE SE  . MSE A 1 132 ? -8.513  7.222   1.342   1.00 49.92 ? 132 MSE A SE  1 
HETATM 944  C  CE  . MSE A 1 132 ? -8.651  8.567   -0.054  1.00 48.19 ? 132 MSE A CE  1 
ATOM   945  N  N   . ALA A 1 133 ? -11.754 3.193   -0.654  1.00 33.69 ? 133 ALA A N   1 
ATOM   946  C  CA  . ALA A 1 133 ? -13.205 3.059   -0.597  1.00 31.74 ? 133 ALA A CA  1 
ATOM   947  C  C   . ALA A 1 133 ? -13.676 2.557   0.784   1.00 30.30 ? 133 ALA A C   1 
ATOM   948  O  O   . ALA A 1 133 ? -14.670 3.051   1.325   1.00 29.74 ? 133 ALA A O   1 
ATOM   949  C  CB  . ALA A 1 133 ? -13.693 2.141   -1.712  1.00 31.90 ? 133 ALA A CB  1 
ATOM   950  N  N   . VAL A 1 134 ? -12.940 1.599   1.350   1.00 28.58 ? 134 VAL A N   1 
ATOM   951  C  CA  . VAL A 1 134 ? -13.288 0.992   2.633   1.00 26.98 ? 134 VAL A CA  1 
ATOM   952  C  C   . VAL A 1 134 ? -13.259 2.023   3.751   1.00 26.25 ? 134 VAL A C   1 
ATOM   953  O  O   . VAL A 1 134 ? -14.196 2.101   4.534   1.00 26.66 ? 134 VAL A O   1 
ATOM   954  C  CB  . VAL A 1 134 ? -12.360 -0.196  3.003   1.00 26.91 ? 134 VAL A CB  1 
ATOM   955  C  CG1 . VAL A 1 134 ? -12.768 -0.801  4.332   1.00 26.20 ? 134 VAL A CG1 1 
ATOM   956  C  CG2 . VAL A 1 134 ? -12.385 -1.267  1.923   1.00 26.51 ? 134 VAL A CG2 1 
ATOM   957  N  N   . ILE A 1 135 ? -12.193 2.813   3.820   1.00 25.00 ? 135 ILE A N   1 
ATOM   958  C  CA  . ILE A 1 135 ? -12.063 3.853   4.852   1.00 24.18 ? 135 ILE A CA  1 
ATOM   959  C  C   . ILE A 1 135 ? -13.224 4.839   4.784   1.00 24.17 ? 135 ILE A C   1 
ATOM   960  O  O   . ILE A 1 135 ? -13.820 5.219   5.809   1.00 23.80 ? 135 ILE A O   1 
ATOM   961  C  CB  . ILE A 1 135 ? -10.733 4.674   4.714   1.00 23.87 ? 135 ILE A CB  1 
ATOM   962  C  CG1 . ILE A 1 135 ? -9.496  3.770   4.667   1.00 23.18 ? 135 ILE A CG1 1 
ATOM   963  C  CG2 . ILE A 1 135 ? -10.633 5.754   5.803   1.00 22.05 ? 135 ILE A CG2 1 
ATOM   964  C  CD1 . ILE A 1 135 ? -9.469  2.703   5.744   1.00 23.04 ? 135 ILE A CD1 1 
ATOM   965  N  N   . VAL A 1 136 ? -13.512 5.275   3.561   1.00 24.18 ? 136 VAL A N   1 
ATOM   966  C  CA  . VAL A 1 136 ? -14.623 6.177   3.316   1.00 24.19 ? 136 VAL A CA  1 
ATOM   967  C  C   . VAL A 1 136 ? -15.881 5.529   3.880   1.00 24.42 ? 136 VAL A C   1 
ATOM   968  O  O   . VAL A 1 136 ? -16.603 6.158   4.673   1.00 24.65 ? 136 VAL A O   1 
ATOM   969  C  CB  . VAL A 1 136 ? -14.781 6.501   1.813   1.00 24.08 ? 136 VAL A CB  1 
ATOM   970  C  CG1 . VAL A 1 136 ? -16.040 7.300   1.577   1.00 23.38 ? 136 VAL A CG1 1 
ATOM   971  C  CG2 . VAL A 1 136 ? -13.558 7.267   1.296   1.00 23.43 ? 136 VAL A CG2 1 
ATOM   972  N  N   . ASP A 1 137 ? -16.111 4.265   3.503   1.00 24.22 ? 137 ASP A N   1 
ATOM   973  C  CA  . ASP A 1 137 ? -17.253 3.502   3.996   1.00 24.10 ? 137 ASP A CA  1 
ATOM   974  C  C   . ASP A 1 137 ? -17.422 3.708   5.492   1.00 24.70 ? 137 ASP A C   1 
ATOM   975  O  O   . ASP A 1 137 ? -18.472 4.171   5.934   1.00 24.53 ? 137 ASP A O   1 
ATOM   976  C  CB  . ASP A 1 137 ? -17.117 2.010   3.665   1.00 23.69 ? 137 ASP A CB  1 
ATOM   977  C  CG  . ASP A 1 137 ? -17.339 1.707   2.192   1.00 21.89 ? 137 ASP A CG  1 
ATOM   978  O  OD1 . ASP A 1 137 ? -17.705 2.626   1.420   1.00 19.05 ? 137 ASP A OD1 1 
ATOM   979  O  OD2 . ASP A 1 137 ? -17.140 0.534   1.803   1.00 19.83 ? 137 ASP A OD2 1 
ATOM   980  N  N   . ALA A 1 138 ? -16.368 3.417   6.260   1.00 25.55 ? 138 ALA A N   1 
ATOM   981  C  CA  . ALA A 1 138 ? -16.412 3.571   7.718   1.00 26.39 ? 138 ALA A CA  1 
ATOM   982  C  C   . ALA A 1 138 ? -16.751 5.002   8.157   1.00 27.14 ? 138 ALA A C   1 
ATOM   983  O  O   . ALA A 1 138 ? -17.659 5.201   8.984   1.00 27.63 ? 138 ALA A O   1 
ATOM   984  C  CB  . ALA A 1 138 ? -15.132 3.084   8.367   1.00 25.85 ? 138 ALA A CB  1 
ATOM   985  N  N   . CYS A 1 139 ? -16.070 5.990   7.572   1.00 27.58 ? 139 CYS A N   1 
ATOM   986  C  CA  . CYS A 1 139 ? -16.288 7.400   7.931   1.00 28.10 ? 139 CYS A CA  1 
ATOM   987  C  C   . CYS A 1 139 ? -17.727 7.911   7.750   1.00 28.47 ? 139 CYS A C   1 
ATOM   988  O  O   . CYS A 1 139 ? -18.021 9.050   8.121   1.00 28.40 ? 139 CYS A O   1 
ATOM   989  C  CB  . CYS A 1 139 ? -15.295 8.307   7.206   1.00 28.13 ? 139 CYS A CB  1 
ATOM   990  S  SG  . CYS A 1 139 ? -13.593 8.154   7.819   1.00 28.51 ? 139 CYS A SG  1 
ATOM   991  N  N   . ALA A 1 140 ? -18.594 7.079   7.164   1.00 28.72 ? 140 ALA A N   1 
ATOM   992  C  CA  . ALA A 1 140 ? -20.044 7.246   7.271   1.00 29.32 ? 140 ALA A CA  1 
ATOM   993  C  C   . ALA A 1 140 ? -20.509 6.534   8.563   1.00 29.63 ? 140 ALA A C   1 
ATOM   994  O  O   . ALA A 1 140 ? -21.129 5.442   8.522   1.00 29.20 ? 140 ALA A O   1 
ATOM   995  C  CB  . ALA A 1 140 ? -20.752 6.695   6.033   1.00 29.15 ? 140 ALA A CB  1 
ATOM   996  N  N   . ALA A 1 141 ? -20.189 7.171   9.705   1.00 30.05 ? 141 ALA A N   1 
ATOM   997  C  CA  . ALA A 1 141 ? -20.257 6.548   11.032  1.00 30.14 ? 141 ALA A CA  1 
ATOM   998  C  C   . ALA A 1 141 ? -21.246 7.264   11.933  1.00 30.25 ? 141 ALA A C   1 
ATOM   999  O  O   . ALA A 1 141 ? -21.309 8.494   11.944  1.00 30.56 ? 141 ALA A O   1 
ATOM   1000 C  CB  . ALA A 1 141 ? -18.867 6.543   11.681  1.00 30.18 ? 141 ALA A CB  1 
ATOM   1001 N  N   . GLY A 1 147 ? -23.778 18.137  4.832   1.00 47.35 ? 147 GLY A N   1 
ATOM   1002 C  CA  . GLY A 1 147 ? -22.301 18.132  5.023   1.00 47.59 ? 147 GLY A CA  1 
ATOM   1003 C  C   . GLY A 1 147 ? -21.890 18.879  6.285   1.00 47.57 ? 147 GLY A C   1 
ATOM   1004 O  O   . GLY A 1 147 ? -22.705 19.616  6.867   1.00 47.53 ? 147 GLY A O   1 
ATOM   1005 N  N   . THR A 1 148 ? -20.635 18.685  6.712   1.00 47.43 ? 148 THR A N   1 
ATOM   1006 C  CA  . THR A 1 148 ? -20.087 19.420  7.872   1.00 47.32 ? 148 THR A CA  1 
ATOM   1007 C  C   . THR A 1 148 ? -19.104 20.520  7.465   1.00 46.74 ? 148 THR A C   1 
ATOM   1008 O  O   . THR A 1 148 ? -18.243 20.312  6.608   1.00 46.68 ? 148 THR A O   1 
ATOM   1009 C  CB  . THR A 1 148 ? -19.409 18.504  8.931   1.00 47.46 ? 148 THR A CB  1 
ATOM   1010 O  OG1 . THR A 1 148 ? -19.877 17.156  8.788   1.00 47.85 ? 148 THR A OG1 1 
ATOM   1011 C  CG2 . THR A 1 148 ? -19.718 19.014  10.358  1.00 47.90 ? 148 THR A CG2 1 
ATOM   1012 N  N   . ASP A 1 149 ? -19.256 21.675  8.116   1.00 46.03 ? 149 ASP A N   1 
ATOM   1013 C  CA  . ASP A 1 149 ? -18.514 22.915  7.846   1.00 45.25 ? 149 ASP A CA  1 
ATOM   1014 C  C   . ASP A 1 149 ? -17.002 22.805  7.875   1.00 44.58 ? 149 ASP A C   1 
ATOM   1015 O  O   . ASP A 1 149 ? -16.454 21.881  8.486   1.00 44.90 ? 149 ASP A O   1 
ATOM   1016 C  CB  . ASP A 1 149 ? -18.947 23.999  8.838   1.00 45.59 ? 149 ASP A CB  1 
ATOM   1017 C  CG  . ASP A 1 149 ? -19.368 23.431  10.200  1.00 45.61 ? 149 ASP A CG  1 
ATOM   1018 O  OD1 . ASP A 1 149 ? -18.863 22.360  10.623  1.00 45.08 ? 149 ASP A OD1 1 
ATOM   1019 O  OD2 . ASP A 1 149 ? -20.216 24.078  10.848  1.00 45.53 ? 149 ASP A OD2 1 
ATOM   1020 N  N   . GLY A 1 150 ? -16.333 23.758  7.221   1.00 43.53 ? 150 GLY A N   1 
ATOM   1021 C  CA  . GLY A 1 150 ? -14.871 23.760  7.114   1.00 41.81 ? 150 GLY A CA  1 
ATOM   1022 C  C   . GLY A 1 150 ? -14.398 23.891  5.679   1.00 40.87 ? 150 GLY A C   1 
ATOM   1023 O  O   . GLY A 1 150 ? -14.976 23.295  4.762   1.00 40.52 ? 150 GLY A O   1 
ATOM   1024 N  N   . ALA A 1 151 ? -13.322 24.647  5.491   1.00 40.28 ? 151 ALA A N   1 
ATOM   1025 C  CA  . ALA A 1 151 ? -12.820 24.988  4.160   1.00 39.98 ? 151 ALA A CA  1 
ATOM   1026 C  C   . ALA A 1 151 ? -12.374 23.827  3.234   1.00 39.49 ? 151 ALA A C   1 
ATOM   1027 O  O   . ALA A 1 151 ? -12.550 23.919  2.009   1.00 39.73 ? 151 ALA A O   1 
ATOM   1028 C  CB  . ALA A 1 151 ? -11.707 26.029  4.280   1.00 40.46 ? 151 ALA A CB  1 
ATOM   1029 N  N   . PHE A 1 152 ? -11.803 22.756  3.788   1.00 38.33 ? 152 PHE A N   1 
ATOM   1030 C  CA  . PHE A 1 152 ? -11.368 21.637  2.946   1.00 37.52 ? 152 PHE A CA  1 
ATOM   1031 C  C   . PHE A 1 152 ? -12.528 20.809  2.406   1.00 37.09 ? 152 PHE A C   1 
ATOM   1032 O  O   . PHE A 1 152 ? -12.517 20.426  1.219   1.00 36.88 ? 152 PHE A O   1 
ATOM   1033 C  CB  . PHE A 1 152 ? -10.351 20.757  3.667   1.00 37.84 ? 152 PHE A CB  1 
ATOM   1034 C  CG  . PHE A 1 152 ? -9.713  19.703  2.787   1.00 38.62 ? 152 PHE A CG  1 
ATOM   1035 C  CD1 . PHE A 1 152 ? -9.175  20.037  1.532   1.00 38.94 ? 152 PHE A CD1 1 
ATOM   1036 C  CD2 . PHE A 1 152 ? -9.617  18.371  3.227   1.00 38.72 ? 152 PHE A CD2 1 
ATOM   1037 C  CE1 . PHE A 1 152 ? -8.567  19.051  0.722   1.00 37.76 ? 152 PHE A CE1 1 
ATOM   1038 C  CE2 . PHE A 1 152 ? -9.009  17.375  2.424   1.00 37.98 ? 152 PHE A CE2 1 
ATOM   1039 C  CZ  . PHE A 1 152 ? -8.486  17.721  1.175   1.00 38.16 ? 152 PHE A CZ  1 
ATOM   1040 N  N   . ASP A 1 153 ? -13.526 20.547  3.268   1.00 36.77 ? 153 ASP A N   1 
ATOM   1041 C  CA  . ASP A 1 153 ? -14.791 19.909  2.868   1.00 36.76 ? 153 ASP A CA  1 
ATOM   1042 C  C   . ASP A 1 153 ? -15.403 20.618  1.651   1.00 37.23 ? 153 ASP A C   1 
ATOM   1043 O  O   . ASP A 1 153 ? -15.782 19.969  0.673   1.00 37.66 ? 153 ASP A O   1 
ATOM   1044 C  CB  . ASP A 1 153 ? -15.820 19.884  4.018   1.00 36.10 ? 153 ASP A CB  1 
ATOM   1045 C  CG  . ASP A 1 153 ? -15.234 19.366  5.337   1.00 35.68 ? 153 ASP A CG  1 
ATOM   1046 O  OD1 . ASP A 1 153 ? -14.418 18.421  5.330   1.00 34.01 ? 153 ASP A OD1 1 
ATOM   1047 O  OD2 . ASP A 1 153 ? -15.608 19.909  6.399   1.00 34.39 ? 153 ASP A OD2 1 
ATOM   1048 N  N   . ALA A 1 154 ? -15.484 21.948  1.708   1.00 37.25 ? 154 ALA A N   1 
ATOM   1049 C  CA  . ALA A 1 154 ? -16.011 22.743  0.589   1.00 37.17 ? 154 ALA A CA  1 
ATOM   1050 C  C   . ALA A 1 154 ? -15.284 22.435  -0.719  1.00 36.99 ? 154 ALA A C   1 
ATOM   1051 O  O   . ALA A 1 154 ? -15.917 22.278  -1.771  1.00 36.96 ? 154 ALA A O   1 
ATOM   1052 C  CB  . ALA A 1 154 ? -15.913 24.229  0.897   1.00 37.35 ? 154 ALA A CB  1 
ATOM   1053 N  N   . HIS A 1 155 ? -13.958 22.360  -0.642  1.00 36.29 ? 155 HIS A N   1 
ATOM   1054 C  CA  . HIS A 1 155 ? -13.142 21.980  -1.780  1.00 36.05 ? 155 HIS A CA  1 
ATOM   1055 C  C   . HIS A 1 155 ? -13.500 20.583  -2.288  1.00 35.55 ? 155 HIS A C   1 
ATOM   1056 O  O   . HIS A 1 155 ? -13.607 20.360  -3.491  1.00 35.62 ? 155 HIS A O   1 
ATOM   1057 C  CB  . HIS A 1 155 ? -11.677 22.036  -1.373  1.00 36.00 ? 155 HIS A CB  1 
ATOM   1058 C  CG  . HIS A 1 155 ? -10.740 21.456  -2.382  1.00 37.06 ? 155 HIS A CG  1 
ATOM   1059 N  ND1 . HIS A 1 155 ? -10.392 22.116  -3.542  1.00 37.20 ? 155 HIS A ND1 1 
ATOM   1060 C  CD2 . HIS A 1 155 ? -10.055 20.284  -2.391  1.00 35.90 ? 155 HIS A CD2 1 
ATOM   1061 C  CE1 . HIS A 1 155 ? -9.530  21.376  -4.219  1.00 37.60 ? 155 HIS A CE1 1 
ATOM   1062 N  NE2 . HIS A 1 155 ? -9.316  20.258  -3.547  1.00 35.96 ? 155 HIS A NE2 1 
ATOM   1063 N  N   . LEU A 1 156 ? -13.698 19.657  -1.358  1.00 35.08 ? 156 LEU A N   1 
ATOM   1064 C  CA  . LEU A 1 156 ? -13.903 18.245  -1.680  1.00 34.29 ? 156 LEU A CA  1 
ATOM   1065 C  C   . LEU A 1 156 ? -15.208 17.949  -2.421  1.00 33.78 ? 156 LEU A C   1 
ATOM   1066 O  O   . LEU A 1 156 ? -15.335 16.897  -3.062  1.00 34.02 ? 156 LEU A O   1 
ATOM   1067 C  CB  . LEU A 1 156 ? -13.845 17.413  -0.399  1.00 34.32 ? 156 LEU A CB  1 
ATOM   1068 C  CG  . LEU A 1 156 ? -12.550 16.701  0.012   1.00 34.45 ? 156 LEU A CG  1 
ATOM   1069 C  CD1 . LEU A 1 156 ? -11.313 17.414  -0.481  1.00 35.20 ? 156 LEU A CD1 1 
ATOM   1070 C  CD2 . LEU A 1 156 ? -12.498 16.522  1.518   1.00 33.87 ? 156 LEU A CD2 1 
ATOM   1071 N  N   . ASP A 1 157 ? -16.169 18.865  -2.327  1.00 32.55 ? 157 ASP A N   1 
ATOM   1072 C  CA  . ASP A 1 157 ? -17.477 18.691  -2.969  1.00 31.72 ? 157 ASP A CA  1 
ATOM   1073 C  C   . ASP A 1 157 ? -17.353 18.754  -4.479  1.00 31.05 ? 157 ASP A C   1 
ATOM   1074 O  O   . ASP A 1 157 ? -18.087 18.083  -5.202  1.00 30.90 ? 157 ASP A O   1 
ATOM   1075 C  CB  . ASP A 1 157 ? -18.472 19.759  -2.496  1.00 31.70 ? 157 ASP A CB  1 
ATOM   1076 C  CG  . ASP A 1 157 ? -19.091 19.426  -1.154  1.00 31.75 ? 157 ASP A CG  1 
ATOM   1077 O  OD1 . ASP A 1 157 ? -20.335 19.246  -1.100  1.00 32.37 ? 157 ASP A OD1 1 
ATOM   1078 O  OD2 . ASP A 1 157 ? -18.340 19.333  -0.149  1.00 32.11 ? 157 ASP A OD2 1 
ATOM   1079 N  N   . THR A 1 158 ? -16.420 19.575  -4.944  1.00 30.24 ? 158 THR A N   1 
ATOM   1080 C  CA  . THR A 1 158 ? -16.113 19.680  -6.363  1.00 29.41 ? 158 THR A CA  1 
ATOM   1081 C  C   . THR A 1 158 ? -14.915 18.770  -6.755  1.00 28.64 ? 158 THR A C   1 
ATOM   1082 O  O   . THR A 1 158 ? -14.654 18.545  -7.941  1.00 28.33 ? 158 THR A O   1 
ATOM   1083 C  CB  . THR A 1 158 ? -15.963 21.190  -6.804  1.00 29.48 ? 158 THR A CB  1 
ATOM   1084 O  OG1 . THR A 1 158 ? -15.763 21.282  -8.219  1.00 29.18 ? 158 THR A OG1 1 
ATOM   1085 C  CG2 . THR A 1 158 ? -14.816 21.908  -6.062  1.00 29.75 ? 158 THR A CG2 1 
ATOM   1086 N  N   . HIS A 1 159 ? -14.231 18.214  -5.750  1.00 27.76 ? 159 HIS A N   1 
ATOM   1087 C  CA  . HIS A 1 159 ? -13.014 17.419  -5.967  1.00 26.84 ? 159 HIS A CA  1 
ATOM   1088 C  C   . HIS A 1 159 ? -13.045 16.038  -5.293  1.00 26.16 ? 159 HIS A C   1 
ATOM   1089 O  O   . HIS A 1 159 ? -12.419 15.826  -4.250  1.00 26.29 ? 159 HIS A O   1 
ATOM   1090 C  CB  . HIS A 1 159 ? -11.788 18.211  -5.505  1.00 26.75 ? 159 HIS A CB  1 
ATOM   1091 C  CG  . HIS A 1 159 ? -11.480 19.397  -6.362  1.00 26.99 ? 159 HIS A CG  1 
ATOM   1092 N  ND1 . HIS A 1 159 ? -11.878 20.676  -6.036  1.00 26.98 ? 159 HIS A ND1 1 
ATOM   1093 C  CD2 . HIS A 1 159 ? -10.823 19.497  -7.544  1.00 27.38 ? 159 HIS A CD2 1 
ATOM   1094 C  CE1 . HIS A 1 159 ? -11.478 21.515  -6.975  1.00 27.49 ? 159 HIS A CE1 1 
ATOM   1095 N  NE2 . HIS A 1 159 ? -10.838 20.825  -7.904  1.00 27.75 ? 159 HIS A NE2 1 
ATOM   1096 N  N   . ARG A 1 160 ? -13.755 15.091  -5.904  1.00 25.05 ? 160 ARG A N   1 
ATOM   1097 C  CA  . ARG A 1 160 ? -14.008 13.803  -5.249  1.00 23.89 ? 160 ARG A CA  1 
ATOM   1098 C  C   . ARG A 1 160 ? -14.110 12.609  -6.191  1.00 23.22 ? 160 ARG A C   1 
ATOM   1099 O  O   . ARG A 1 160 ? -14.429 11.498  -5.745  1.00 22.97 ? 160 ARG A O   1 
ATOM   1100 C  CB  . ARG A 1 160 ? -15.269 13.884  -4.395  1.00 23.86 ? 160 ARG A CB  1 
ATOM   1101 C  CG  . ARG A 1 160 ? -16.516 14.242  -5.186  1.00 23.30 ? 160 ARG A CG  1 
ATOM   1102 C  CD  . ARG A 1 160 ? -17.611 14.665  -4.250  1.00 22.10 ? 160 ARG A CD  1 
ATOM   1103 N  NE  . ARG A 1 160 ? -18.192 13.525  -3.543  1.00 21.34 ? 160 ARG A NE  1 
ATOM   1104 C  CZ  . ARG A 1 160 ? -18.686 13.581  -2.308  1.00 21.28 ? 160 ARG A CZ  1 
ATOM   1105 N  NH1 . ARG A 1 160 ? -18.651 14.715  -1.614  1.00 21.69 ? 160 ARG A NH1 1 
ATOM   1106 N  NH2 . ARG A 1 160 ? -19.206 12.494  -1.757  1.00 20.93 ? 160 ARG A NH2 1 
ATOM   1107 N  N   . GLN A 1 161 ? -13.837 12.847  -7.477  1.00 22.23 ? 161 GLN A N   1 
ATOM   1108 C  CA  . GLN A 1 161 ? -13.866 11.814  -8.521  1.00 21.39 ? 161 GLN A CA  1 
ATOM   1109 C  C   . GLN A 1 161 ? -13.250 10.475  -8.087  1.00 20.72 ? 161 GLN A C   1 
ATOM   1110 O  O   . GLN A 1 161 ? -13.423 9.459   -8.755  1.00 20.76 ? 161 GLN A O   1 
ATOM   1111 C  CB  . GLN A 1 161 ? -13.197 12.328  -9.802  1.00 21.39 ? 161 GLN A CB  1 
ATOM   1112 N  N   . TRP A 1 162 ? -12.544 10.488  -6.961  1.00 19.89 ? 162 TRP A N   1 
ATOM   1113 C  CA  . TRP A 1 162 ? -11.988 9.288   -6.347  1.00 19.24 ? 162 TRP A CA  1 
ATOM   1114 C  C   . TRP A 1 162 ? -12.938 8.638   -5.317  1.00 19.46 ? 162 TRP A C   1 
ATOM   1115 O  O   . TRP A 1 162 ? -12.476 8.133   -4.289  1.00 19.94 ? 162 TRP A O   1 
ATOM   1116 C  CB  . TRP A 1 162 ? -10.665 9.644   -5.658  1.00 18.43 ? 162 TRP A CB  1 
ATOM   1117 C  CG  . TRP A 1 162 ? -10.818 10.790  -4.698  1.00 17.30 ? 162 TRP A CG  1 
ATOM   1118 C  CD1 . TRP A 1 162 ? -10.822 12.110  -5.014  1.00 16.72 ? 162 TRP A CD1 1 
ATOM   1119 C  CD2 . TRP A 1 162 ? -11.029 10.714  -3.283  1.00 16.27 ? 162 TRP A CD2 1 
ATOM   1120 N  NE1 . TRP A 1 162 ? -11.012 12.873  -3.886  1.00 16.89 ? 162 TRP A NE1 1 
ATOM   1121 C  CE2 . TRP A 1 162 ? -11.145 12.042  -2.807  1.00 16.62 ? 162 TRP A CE2 1 
ATOM   1122 C  CE3 . TRP A 1 162 ? -11.136 9.661   -2.370  1.00 16.11 ? 162 TRP A CE3 1 
ATOM   1123 C  CZ2 . TRP A 1 162 ? -11.354 12.344  -1.456  1.00 16.73 ? 162 TRP A CZ2 1 
ATOM   1124 C  CZ3 . TRP A 1 162 ? -11.349 9.966   -1.020  1.00 16.41 ? 162 TRP A CZ3 1 
ATOM   1125 C  CH2 . TRP A 1 162 ? -11.447 11.292  -0.581  1.00 16.57 ? 162 TRP A CH2 1 
ATOM   1126 N  N   . ALA A 1 163 ? -14.250 8.645   -5.573  1.00 19.46 ? 163 ALA A N   1 
ATOM   1127 C  CA  . ALA A 1 163 ? -15.210 7.951   -4.689  1.00 19.26 ? 163 ALA A CA  1 
ATOM   1128 C  C   . ALA A 1 163 ? -16.616 7.846   -5.273  1.00 19.19 ? 163 ALA A C   1 
ATOM   1129 O  O   . ALA A 1 163 ? -16.794 7.773   -6.488  1.00 19.01 ? 163 ALA A O   1 
ATOM   1130 C  CB  . ALA A 1 163 ? -15.256 8.612   -3.313  1.00 19.28 ? 163 ALA A CB  1 
ATOM   1131 N  N   . ASP A 1 165 ? -20.105 7.772   -7.587  1.00 25.49 ? 165 ASP A N   1 
ATOM   1132 C  CA  . ASP A 1 165 ? -21.030 8.816   -7.153  1.00 25.55 ? 165 ASP A CA  1 
ATOM   1133 C  C   . ASP A 1 165 ? -21.763 8.377   -5.881  1.00 25.55 ? 165 ASP A C   1 
ATOM   1134 O  O   . ASP A 1 165 ? -23.014 8.334   -5.843  1.00 25.70 ? 165 ASP A O   1 
ATOM   1135 C  CB  . ASP A 1 165 ? -22.025 9.140   -8.280  1.00 25.38 ? 165 ASP A CB  1 
ATOM   1136 N  N   . ARG A 1 166 ? -20.983 8.073   -4.833  1.00 25.47 ? 166 ARG A N   1 
ATOM   1137 C  CA  . ARG A 1 166 ? -21.535 7.356   -3.684  1.00 25.55 ? 166 ARG A CA  1 
ATOM   1138 C  C   . ARG A 1 166 ? -21.211 7.949   -2.312  1.00 25.76 ? 166 ARG A C   1 
ATOM   1139 O  O   . ARG A 1 166 ? -20.048 7.934   -1.887  1.00 25.61 ? 166 ARG A O   1 
ATOM   1140 C  CB  . ARG A 1 166 ? -21.068 5.875   -3.712  1.00 25.48 ? 166 ARG A CB  1 
ATOM   1141 C  CG  . ARG A 1 166 ? -21.467 4.960   -2.497  1.00 25.05 ? 166 ARG A CG  1 
ATOM   1142 C  CD  . ARG A 1 166 ? -20.743 5.280   -1.137  1.00 23.42 ? 166 ARG A CD  1 
ATOM   1143 N  NE  . ARG A 1 166 ? -19.450 4.607   -0.916  1.00 22.25 ? 166 ARG A NE  1 
ATOM   1144 C  CZ  . ARG A 1 166 ? -18.254 5.207   -0.839  1.00 19.68 ? 166 ARG A CZ  1 
ATOM   1145 N  NH1 . ARG A 1 166 ? -18.127 6.524   -0.983  1.00 18.85 ? 166 ARG A NH1 1 
ATOM   1146 N  NH2 . ARG A 1 166 ? -17.169 4.474   -0.630  1.00 17.77 ? 166 ARG A NH2 1 
ATOM   1147 N  N   . PRO A 1 167 ? -22.196 8.585   -1.657  1.00 25.85 ? 167 PRO A N   1 
ATOM   1148 C  CA  . PRO A 1 167 ? -22.999 9.769   -1.860  1.00 25.90 ? 167 PRO A CA  1 
ATOM   1149 C  C   . PRO A 1 167 ? -22.619 10.639  -0.636  1.00 26.17 ? 167 PRO A C   1 
ATOM   1150 O  O   . PRO A 1 167 ? -23.185 11.731  -0.407  1.00 26.19 ? 167 PRO A O   1 
ATOM   1151 C  CB  . PRO A 1 167 ? -24.435 9.233   -1.729  1.00 25.58 ? 167 PRO A CB  1 
ATOM   1152 C  CG  . PRO A 1 167 ? -24.300 7.901   -0.978  1.00 25.47 ? 167 PRO A CG  1 
ATOM   1153 C  CD  . PRO A 1 167 ? -22.830 7.760   -0.616  1.00 25.99 ? 167 PRO A CD  1 
ATOM   1154 N  N   . ALA A 1 168 ? -21.629 10.110  0.115   1.00 26.57 ? 168 ALA A N   1 
ATOM   1155 C  CA  . ALA A 1 168 ? -21.200 10.560  1.452   1.00 26.95 ? 168 ALA A CA  1 
ATOM   1156 C  C   . ALA A 1 168 ? -20.774 12.020  1.545   1.00 27.11 ? 168 ALA A C   1 
ATOM   1157 O  O   . ALA A 1 168 ? -19.999 12.512  0.642   1.00 27.06 ? 168 ALA A O   1 
ATOM   1158 C  CB  . ALA A 1 168 ? -20.053 9.659   1.960   1.00 26.55 ? 168 ALA A CB  1 
ATOM   1159 N  N   . PRO A 1 169 ? -21.226 12.702  2.674   1.00 27.30 ? 169 PRO A N   1 
ATOM   1160 C  CA  . PRO A 1 169 ? -20.924 14.131  2.794   1.00 27.32 ? 169 PRO A CA  1 
ATOM   1161 C  C   . PRO A 1 169 ? -19.405 14.310  2.821   1.00 27.15 ? 169 PRO A C   1 
ATOM   1162 O  O   . PRO A 1 169 ? -18.685 13.481  3.398   1.00 27.01 ? 169 PRO A O   1 
ATOM   1163 C  CB  . PRO A 1 169 ? -21.565 14.518  4.145   1.00 27.24 ? 169 PRO A CB  1 
ATOM   1164 C  CG  . PRO A 1 169 ? -21.669 13.224  4.930   1.00 27.58 ? 169 PRO A CG  1 
ATOM   1165 C  CD  . PRO A 1 169 ? -21.952 12.175  3.902   1.00 27.41 ? 169 PRO A CD  1 
ATOM   1166 N  N   . SER A 1 170 ? -18.929 15.374  2.183   1.00 27.12 ? 170 SER A N   1 
ATOM   1167 C  CA  . SER A 1 170 ? -17.509 15.558  1.995   1.00 27.18 ? 170 SER A CA  1 
ATOM   1168 C  C   . SER A 1 170 ? -16.708 15.510  3.289   1.00 27.13 ? 170 SER A C   1 
ATOM   1169 O  O   . SER A 1 170 ? -15.507 15.242  3.251   1.00 27.67 ? 170 SER A O   1 
ATOM   1170 C  CB  . SER A 1 170 ? -17.233 16.852  1.240   1.00 27.48 ? 170 SER A CB  1 
ATOM   1171 O  OG  . SER A 1 170 ? -17.480 16.685  -0.151  1.00 28.36 ? 170 SER A OG  1 
ATOM   1172 N  N   . SER A 1 171 ? -17.355 15.747  4.432   1.00 27.01 ? 171 SER A N   1 
ATOM   1173 C  CA  . SER A 1 171 ? -16.670 15.646  5.736   1.00 26.84 ? 171 SER A CA  1 
ATOM   1174 C  C   . SER A 1 171 ? -16.186 14.229  6.026   1.00 26.61 ? 171 SER A C   1 
ATOM   1175 O  O   . SER A 1 171 ? -15.134 14.039  6.650   1.00 26.58 ? 171 SER A O   1 
ATOM   1176 C  CB  . SER A 1 171 ? -17.539 16.162  6.883   1.00 26.75 ? 171 SER A CB  1 
ATOM   1177 O  OG  . SER A 1 171 ? -18.854 15.662  6.802   1.00 27.26 ? 171 SER A OG  1 
ATOM   1178 N  N   . ALA A 1 172 ? -16.946 13.246  5.547   1.00 26.48 ? 172 ALA A N   1 
ATOM   1179 C  CA  . ALA A 1 172 ? -16.547 11.847  5.635   1.00 25.98 ? 172 ALA A CA  1 
ATOM   1180 C  C   . ALA A 1 172 ? -15.330 11.588  4.766   1.00 25.84 ? 172 ALA A C   1 
ATOM   1181 O  O   . ALA A 1 172 ? -14.447 10.830  5.155   1.00 26.17 ? 172 ALA A O   1 
ATOM   1182 C  CB  . ALA A 1 172 ? -17.699 10.933  5.240   1.00 25.95 ? 172 ALA A CB  1 
ATOM   1183 N  N   . LEU A 1 173 ? -15.264 12.219  3.593   1.00 25.62 ? 173 LEU A N   1 
ATOM   1184 C  CA  . LEU A 1 173 ? -14.084 12.057  2.730   1.00 25.37 ? 173 LEU A CA  1 
ATOM   1185 C  C   . LEU A 1 173 ? -12.873 12.731  3.369   1.00 25.42 ? 173 LEU A C   1 
ATOM   1186 O  O   . LEU A 1 173 ? -11.755 12.201  3.325   1.00 25.96 ? 173 LEU A O   1 
ATOM   1187 C  CB  . LEU A 1 173 ? -14.302 12.610  1.316   1.00 25.14 ? 173 LEU A CB  1 
ATOM   1188 C  CG  . LEU A 1 173 ? -15.442 12.151  0.398   1.00 25.12 ? 173 LEU A CG  1 
ATOM   1189 C  CD1 . LEU A 1 173 ? -15.156 12.564  -1.045  1.00 24.52 ? 173 LEU A CD1 1 
ATOM   1190 C  CD2 . LEU A 1 173 ? -15.682 10.660  0.479   1.00 24.61 ? 173 LEU A CD2 1 
ATOM   1191 N  N   . HIS A 1 174 ? -13.107 13.900  3.961   1.00 25.22 ? 174 HIS A N   1 
ATOM   1192 C  CA  . HIS A 1 174 ? -12.088 14.633  4.700   1.00 24.94 ? 174 HIS A CA  1 
ATOM   1193 C  C   . HIS A 1 174 ? -11.547 13.786  5.863   1.00 24.80 ? 174 HIS A C   1 
ATOM   1194 O  O   . HIS A 1 174 ? -10.324 13.623  6.024   1.00 24.26 ? 174 HIS A O   1 
ATOM   1195 C  CB  . HIS A 1 174 ? -12.681 15.936  5.226   1.00 25.05 ? 174 HIS A CB  1 
ATOM   1196 C  CG  . HIS A 1 174 ? -11.697 16.804  5.947   1.00 25.14 ? 174 HIS A CG  1 
ATOM   1197 N  ND1 . HIS A 1 174 ? -10.431 16.377  6.289   1.00 24.19 ? 174 HIS A ND1 1 
ATOM   1198 C  CD2 . HIS A 1 174 ? -11.812 18.062  6.434   1.00 24.25 ? 174 HIS A CD2 1 
ATOM   1199 C  CE1 . HIS A 1 174 ? -9.804  17.338  6.944   1.00 24.68 ? 174 HIS A CE1 1 
ATOM   1200 N  NE2 . HIS A 1 174 ? -10.624 18.370  7.046   1.00 25.05 ? 174 HIS A NE2 1 
ATOM   1201 N  N   . ARG A 1 175 ? -12.460 13.239  6.659   1.00 24.20 ? 175 ARG A N   1 
ATOM   1202 C  CA  . ARG A 1 175 ? -12.067 12.321  7.713   1.00 24.10 ? 175 ARG A CA  1 
ATOM   1203 C  C   . ARG A 1 175 ? -11.249 11.133  7.180   1.00 23.57 ? 175 ARG A C   1 
ATOM   1204 O  O   . ARG A 1 175 ? -10.215 10.793  7.749   1.00 23.75 ? 175 ARG A O   1 
ATOM   1205 C  CB  . ARG A 1 175 ? -13.292 11.832  8.463   1.00 24.49 ? 175 ARG A CB  1 
ATOM   1206 C  CG  . ARG A 1 175 ? -12.953 10.856  9.559   1.00 25.97 ? 175 ARG A CG  1 
ATOM   1207 C  CD  . ARG A 1 175 ? -14.190 10.523  10.329  1.00 28.60 ? 175 ARG A CD  1 
ATOM   1208 N  NE  . ARG A 1 175 ? -14.680 11.704  11.020  1.00 29.77 ? 175 ARG A NE  1 
ATOM   1209 C  CZ  . ARG A 1 175 ? -15.157 11.671  12.254  1.00 31.69 ? 175 ARG A CZ  1 
ATOM   1210 N  NH1 . ARG A 1 175 ? -15.194 10.508  12.906  1.00 32.92 ? 175 ARG A NH1 1 
ATOM   1211 N  NH2 . ARG A 1 175 ? -15.581 12.784  12.840  1.00 30.98 ? 175 ARG A NH2 1 
ATOM   1212 N  N   . ALA A 1 176 ? -11.699 10.506  6.091   1.00 22.93 ? 176 ALA A N   1 
ATOM   1213 C  CA  . ALA A 1 176 ? -10.954 9.385   5.477   1.00 22.00 ? 176 ALA A CA  1 
ATOM   1214 C  C   . ALA A 1 176 ? -9.506  9.740   5.087   1.00 21.40 ? 176 ALA A C   1 
ATOM   1215 O  O   . ALA A 1 176 ? -8.562  8.994   5.359   1.00 21.72 ? 176 ALA A O   1 
ATOM   1216 C  CB  . ALA A 1 176 ? -11.711 8.835   4.272   1.00 21.80 ? 176 ALA A CB  1 
ATOM   1217 N  N   . LEU A 1 177 ? -9.341  10.881  4.432   1.00 21.02 ? 177 LEU A N   1 
ATOM   1218 C  CA  . LEU A 1 177 ? -8.021  11.382  4.054   1.00 19.88 ? 177 LEU A CA  1 
ATOM   1219 C  C   . LEU A 1 177 ? -7.145  11.639  5.288   1.00 18.93 ? 177 LEU A C   1 
ATOM   1220 O  O   . LEU A 1 177 ? -5.982  11.305  5.275   1.00 19.32 ? 177 LEU A O   1 
ATOM   1221 C  CB  . LEU A 1 177 ? -8.173  12.650  3.197   1.00 20.15 ? 177 LEU A CB  1 
ATOM   1222 C  CG  . LEU A 1 177 ? -8.866  12.464  1.841   1.00 19.02 ? 177 LEU A CG  1 
ATOM   1223 C  CD1 . LEU A 1 177 ? -9.087  13.785  1.183   1.00 19.34 ? 177 LEU A CD1 1 
ATOM   1224 C  CD2 . LEU A 1 177 ? -8.046  11.571  0.936   1.00 18.24 ? 177 LEU A CD2 1 
ATOM   1225 N  N   . SER A 1 178 ? -7.730  12.193  6.352   1.00 18.10 ? 178 SER A N   1 
ATOM   1226 C  CA  . SER A 1 178 ? -7.055  12.413  7.646   1.00 17.26 ? 178 SER A CA  1 
ATOM   1227 C  C   . SER A 1 178 ? -6.614  11.140  8.365   1.00 16.53 ? 178 SER A C   1 
ATOM   1228 O  O   . SER A 1 178 ? -5.548  11.101  8.991   1.00 16.46 ? 178 SER A O   1 
ATOM   1229 C  CB  . SER A 1 178 ? -7.948  13.210  8.592   1.00 17.20 ? 178 SER A CB  1 
ATOM   1230 O  OG  . SER A 1 178 ? -7.812  14.594  8.356   1.00 17.87 ? 178 SER A OG  1 
ATOM   1231 N  N   . PHE A 1 179 ? -7.454  10.121  8.307   1.00 15.26 ? 179 PHE A N   1 
ATOM   1232 C  CA  . PHE A 1 179 ? -7.114  8.808   8.831   1.00 14.53 ? 179 PHE A CA  1 
ATOM   1233 C  C   . PHE A 1 179 ? -5.891  8.280   8.060   1.00 14.13 ? 179 PHE A C   1 
ATOM   1234 O  O   . PHE A 1 179 ? -4.892  7.863   8.640   1.00 13.66 ? 179 PHE A O   1 
ATOM   1235 C  CB  . PHE A 1 179 ? -8.365  7.925   8.674   1.00 14.18 ? 179 PHE A CB  1 
ATOM   1236 C  CG  . PHE A 1 179 ? -8.166  6.463   8.967   1.00 13.41 ? 179 PHE A CG  1 
ATOM   1237 C  CD1 . PHE A 1 179 ? -7.625  5.613   8.010   1.00 12.01 ? 179 PHE A CD1 1 
ATOM   1238 C  CD2 . PHE A 1 179 ? -8.603  5.921   10.174  1.00 13.59 ? 179 PHE A CD2 1 
ATOM   1239 C  CE1 . PHE A 1 179 ? -7.469  4.270   8.266   1.00 12.50 ? 179 PHE A CE1 1 
ATOM   1240 C  CE2 . PHE A 1 179 ? -8.459  4.566   10.436  1.00 12.79 ? 179 PHE A CE2 1 
ATOM   1241 C  CZ  . PHE A 1 179 ? -7.895  3.740   9.480   1.00 13.21 ? 179 PHE A CZ  1 
ATOM   1242 N  N   . TRP A 1 180 ? -5.986  8.316   6.738   1.00 13.87 ? 180 TRP A N   1 
ATOM   1243 C  CA  . TRP A 1 180 ? -4.925  7.855   5.864   1.00 13.65 ? 180 TRP A CA  1 
ATOM   1244 C  C   . TRP A 1 180 ? -3.592  8.548   6.199   1.00 13.15 ? 180 TRP A C   1 
ATOM   1245 O  O   . TRP A 1 180 ? -2.577  7.894   6.438   1.00 13.37 ? 180 TRP A O   1 
ATOM   1246 C  CB  . TRP A 1 180 ? -5.328  8.152   4.424   1.00 13.90 ? 180 TRP A CB  1 
ATOM   1247 C  CG  . TRP A 1 180 ? -4.622  7.379   3.379   1.00 14.09 ? 180 TRP A CG  1 
ATOM   1248 C  CD1 . TRP A 1 180 ? -3.949  7.884   2.308   1.00 14.32 ? 180 TRP A CD1 1 
ATOM   1249 C  CD2 . TRP A 1 180 ? -4.533  5.964   3.279   1.00 13.80 ? 180 TRP A CD2 1 
ATOM   1250 N  NE1 . TRP A 1 180 ? -3.438  6.871   1.550   1.00 13.46 ? 180 TRP A NE1 1 
ATOM   1251 C  CE2 . TRP A 1 180 ? -3.777  5.676   2.123   1.00 13.83 ? 180 TRP A CE2 1 
ATOM   1252 C  CE3 . TRP A 1 180 ? -5.016  4.902   4.054   1.00 15.82 ? 180 TRP A CE3 1 
ATOM   1253 C  CZ2 . TRP A 1 180 ? -3.498  4.362   1.706   1.00 14.66 ? 180 TRP A CZ2 1 
ATOM   1254 C  CZ3 . TRP A 1 180 ? -4.726  3.579   3.642   1.00 15.50 ? 180 TRP A CZ3 1 
ATOM   1255 C  CH2 . TRP A 1 180 ? -3.973  3.333   2.479   1.00 14.44 ? 180 TRP A CH2 1 
ATOM   1256 N  N   . SER A 1 181 ? -3.602  9.873   6.249   1.00 12.06 ? 181 SER A N   1 
ATOM   1257 C  CA  . SER A 1 181 ? -2.349  10.594  6.336   1.00 11.04 ? 181 SER A CA  1 
ATOM   1258 C  C   . SER A 1 181 ? -1.822  10.555  7.745   1.00 10.13 ? 181 SER A C   1 
ATOM   1259 O  O   . SER A 1 181 ? -0.647  10.331  7.936   1.00 10.76 ? 181 SER A O   1 
ATOM   1260 C  CB  . SER A 1 181 ? -2.522  12.023  5.863   1.00 10.30 ? 181 SER A CB  1 
ATOM   1261 O  OG  . SER A 1 181 ? -3.391  12.673  6.757   1.00 11.59 ? 181 SER A OG  1 
ATOM   1262 N  N   . ARG A 1 182 ? -2.681  10.757  8.733   1.00 9.32  ? 182 ARG A N   1 
ATOM   1263 C  CA  . ARG A 1 182 ? -2.258  10.692  10.134  1.00 8.93  ? 182 ARG A CA  1 
ATOM   1264 C  C   . ARG A 1 182 ? -1.582  9.360   10.551  1.00 8.75  ? 182 ARG A C   1 
ATOM   1265 O  O   . ARG A 1 182 ? -0.529  9.371   11.210  1.00 8.42  ? 182 ARG A O   1 
ATOM   1266 C  CB  . ARG A 1 182 ? -3.420  11.032  11.078  1.00 8.46  ? 182 ARG A CB  1 
ATOM   1267 C  CG  . ARG A 1 182 ? -3.767  12.493  11.046  1.00 8.67  ? 182 ARG A CG  1 
ATOM   1268 C  CD  . ARG A 1 182 ? -4.819  12.897  12.058  1.00 9.61  ? 182 ARG A CD  1 
ATOM   1269 N  NE  . ARG A 1 182 ? -5.368  14.218  11.727  1.00 10.60 ? 182 ARG A NE  1 
ATOM   1270 C  CZ  . ARG A 1 182 ? -6.384  14.807  12.365  1.00 10.16 ? 182 ARG A CZ  1 
ATOM   1271 N  NH1 . ARG A 1 182 ? -6.982  14.211  13.385  1.00 7.79  ? 182 ARG A NH1 1 
ATOM   1272 N  NH2 . ARG A 1 182 ? -6.807  16.001  11.977  1.00 9.12  ? 182 ARG A NH2 1 
ATOM   1273 N  N   . LEU A 1 183 ? -2.178  8.234   10.161  1.00 8.03  ? 183 LEU A N   1 
ATOM   1274 C  CA  . LEU A 1 183 ? -1.650  6.901   10.515  1.00 7.85  ? 183 LEU A CA  1 
ATOM   1275 C  C   . LEU A 1 183 ? -0.409  6.454   9.720   1.00 8.13  ? 183 LEU A C   1 
ATOM   1276 O  O   . LEU A 1 183 ? 0.440   5.684   10.222  1.00 7.94  ? 183 LEU A O   1 
ATOM   1277 C  CB  . LEU A 1 183 ? -2.773  5.858   10.400  1.00 7.50  ? 183 LEU A CB  1 
ATOM   1278 C  CG  . LEU A 1 183 ? -3.958  6.162   11.327  1.00 5.69  ? 183 LEU A CG  1 
ATOM   1279 C  CD1 . LEU A 1 183 ? -5.001  5.103   11.171  1.00 6.72  ? 183 LEU A CD1 1 
ATOM   1280 C  CD2 . LEU A 1 183 ? -3.545  6.296   12.791  1.00 2.50  ? 183 LEU A CD2 1 
ATOM   1281 N  N   . HIS A 1 184 ? -0.327  6.915   8.470   1.00 8.30  ? 184 HIS A N   1 
ATOM   1282 C  CA  . HIS A 1 184 ? 0.876   6.728   7.660   1.00 8.45  ? 184 HIS A CA  1 
ATOM   1283 C  C   . HIS A 1 184 ? 2.033   7.558   8.185   1.00 8.08  ? 184 HIS A C   1 
ATOM   1284 O  O   . HIS A 1 184 ? 3.182   7.116   8.125   1.00 8.09  ? 184 HIS A O   1 
ATOM   1285 C  CB  . HIS A 1 184 ? 0.602   7.009   6.196   1.00 8.22  ? 184 HIS A CB  1 
ATOM   1286 C  CG  . HIS A 1 184 ? -0.113  5.887   5.515   1.00 10.17 ? 184 HIS A CG  1 
ATOM   1287 N  ND1 . HIS A 1 184 ? 0.512   4.700   5.192   1.00 11.04 ? 184 HIS A ND1 1 
ATOM   1288 C  CD2 . HIS A 1 184 ? -1.403  5.755   5.122   1.00 12.11 ? 184 HIS A CD2 1 
ATOM   1289 C  CE1 . HIS A 1 184 ? -0.365  3.883   4.630   1.00 13.78 ? 184 HIS A CE1 1 
ATOM   1290 N  NE2 . HIS A 1 184 ? -1.531  4.504   4.563   1.00 14.48 ? 184 HIS A NE2 1 
ATOM   1291 N  N   . GLY A 1 185 ? 1.708   8.737   8.730   1.00 7.97  ? 185 GLY A N   1 
ATOM   1292 C  CA  . GLY A 1 185 ? 2.681   9.631   9.352   1.00 7.00  ? 185 GLY A CA  1 
ATOM   1293 C  C   . GLY A 1 185 ? 3.398   8.872   10.432  1.00 7.15  ? 185 GLY A C   1 
ATOM   1294 O  O   . GLY A 1 185 ? 4.617   8.842   10.455  1.00 6.85  ? 185 GLY A O   1 
ATOM   1295 N  N   . VAL A 1 186 ? 2.653   8.207   11.313  1.00 7.24  ? 186 VAL A N   1 
ATOM   1296 C  CA  . VAL A 1 186 ? 3.330   7.434   12.353  1.00 7.57  ? 186 VAL A CA  1 
ATOM   1297 C  C   . VAL A 1 186 ? 3.917   6.102   11.862  1.00 7.27  ? 186 VAL A C   1 
ATOM   1298 O  O   . VAL A 1 186 ? 5.027   5.767   12.220  1.00 7.86  ? 186 VAL A O   1 
ATOM   1299 C  CB  . VAL A 1 186 ? 2.541   7.345   13.678  1.00 7.67  ? 186 VAL A CB  1 
ATOM   1300 C  CG1 . VAL A 1 186 ? 1.206   8.021   13.569  1.00 7.55  ? 186 VAL A CG1 1 
ATOM   1301 C  CG2 . VAL A 1 186 ? 2.444   5.908   14.200  1.00 8.88  ? 186 VAL A CG2 1 
ATOM   1302 N  N   . LEU A 1 187 ? 3.224   5.395   10.985  1.00 6.92  ? 187 LEU A N   1 
ATOM   1303 C  CA  . LEU A 1 187 ? 3.766   4.149   10.473  1.00 6.90  ? 187 LEU A CA  1 
ATOM   1304 C  C   . LEU A 1 187 ? 5.080   4.327   9.738   1.00 6.66  ? 187 LEU A C   1 
ATOM   1305 O  O   . LEU A 1 187 ? 6.038   3.583   9.972   1.00 7.02  ? 187 LEU A O   1 
ATOM   1306 C  CB  . LEU A 1 187 ? 2.745   3.415   9.584   1.00 6.73  ? 187 LEU A CB  1 
ATOM   1307 C  CG  . LEU A 1 187 ? 1.561   2.832   10.351  1.00 6.24  ? 187 LEU A CG  1 
ATOM   1308 C  CD1 . LEU A 1 187 ? 0.555   2.231   9.382   1.00 4.49  ? 187 LEU A CD1 1 
ATOM   1309 C  CD2 . LEU A 1 187 ? 2.035   1.809   11.396  1.00 5.20  ? 187 LEU A CD2 1 
ATOM   1310 N  N   . SER A 1 188 ? 5.153   5.307   8.856   1.00 6.34  ? 188 SER A N   1 
ATOM   1311 C  CA  . SER A 1 188 ? 6.380   5.426   8.095   1.00 6.92  ? 188 SER A CA  1 
ATOM   1312 C  C   . SER A 1 188 ? 7.474   6.105   8.892   1.00 6.83  ? 188 SER A C   1 
ATOM   1313 O  O   . SER A 1 188 ? 8.649   5.825   8.694   1.00 6.91  ? 188 SER A O   1 
ATOM   1314 C  CB  . SER A 1 188 ? 6.128   6.103   6.769   1.00 6.73  ? 188 SER A CB  1 
ATOM   1315 O  OG  . SER A 1 188 ? 5.370   7.249   6.989   1.00 9.70  ? 188 SER A OG  1 
ATOM   1316 N  N   . LEU A 1 189 ? 7.107   6.956   9.841   1.00 7.48  ? 189 LEU A N   1 
ATOM   1317 C  CA  . LEU A 1 189 ? 8.126   7.498   10.748  1.00 7.31  ? 189 LEU A CA  1 
ATOM   1318 C  C   . LEU A 1 189 ? 8.716   6.422   11.588  1.00 7.74  ? 189 LEU A C   1 
ATOM   1319 O  O   . LEU A 1 189 ? 9.913   6.417   11.781  1.00 7.40  ? 189 LEU A O   1 
ATOM   1320 C  CB  . LEU A 1 189 ? 7.609   8.628   11.641  1.00 7.08  ? 189 LEU A CB  1 
ATOM   1321 C  CG  . LEU A 1 189 ? 7.416   9.986   10.960  1.00 6.21  ? 189 LEU A CG  1 
ATOM   1322 C  CD1 . LEU A 1 189 ? 6.868   10.951  11.989  1.00 7.68  ? 189 LEU A CD1 1 
ATOM   1323 C  CD2 . LEU A 1 189 ? 8.732   10.520  10.378  1.00 2.85  ? 189 LEU A CD2 1 
ATOM   1324 N  N   . GLU A 1 190 ? 7.903   5.490   12.084  1.00 9.04  ? 190 GLU A N   1 
ATOM   1325 C  CA  . GLU A 1 190 ? 8.488   4.380   12.846  1.00 10.43 ? 190 GLU A CA  1 
ATOM   1326 C  C   . GLU A 1 190 ? 9.285   3.414   11.984  1.00 9.86  ? 190 GLU A C   1 
ATOM   1327 O  O   . GLU A 1 190 ? 10.442  3.128   12.308  1.00 10.12 ? 190 GLU A O   1 
ATOM   1328 C  CB  . GLU A 1 190 ? 7.512   3.674   13.800  1.00 10.31 ? 190 GLU A CB  1 
ATOM   1329 C  CG  . GLU A 1 190 ? 6.237   3.110   13.249  1.00 13.13 ? 190 GLU A CG  1 
ATOM   1330 C  CD  . GLU A 1 190 ? 5.171   2.924   14.356  1.00 14.52 ? 190 GLU A CD  1 
ATOM   1331 O  OE1 . GLU A 1 190 ? 5.530   2.559   15.508  1.00 19.36 ? 190 GLU A OE1 1 
ATOM   1332 O  OE2 . GLU A 1 190 ? 3.964   3.141   14.076  1.00 18.39 ? 190 GLU A OE2 1 
ATOM   1333 N  N   . LEU A 1 191 ? 8.701   2.977   10.865  1.00 9.95  ? 191 LEU A N   1 
ATOM   1334 C  CA  . LEU A 1 191 ? 9.401   2.146   9.859   1.00 9.49  ? 191 LEU A CA  1 
ATOM   1335 C  C   . LEU A 1 191 ? 10.652  2.798   9.226   1.00 9.88  ? 191 LEU A C   1 
ATOM   1336 O  O   . LEU A 1 191 ? 11.566  2.098   8.788   1.00 10.24 ? 191 LEU A O   1 
ATOM   1337 C  CB  . LEU A 1 191 ? 8.424   1.726   8.758   1.00 9.05  ? 191 LEU A CB  1 
ATOM   1338 C  CG  . LEU A 1 191 ? 7.328   0.725   9.174   1.00 9.74  ? 191 LEU A CG  1 
ATOM   1339 C  CD1 . LEU A 1 191 ? 6.454   0.303   7.968   1.00 6.51  ? 191 LEU A CD1 1 
ATOM   1340 C  CD2 . LEU A 1 191 ? 7.973   -0.515  9.786   1.00 8.35  ? 191 LEU A CD2 1 
ATOM   1341 N  N   . ALA A 1 192 ? 10.680  4.130   9.155   1.00 9.66  ? 192 ALA A N   1 
ATOM   1342 C  CA  . ALA A 1 192 ? 11.832  4.860   8.638   1.00 9.43  ? 192 ALA A CA  1 
ATOM   1343 C  C   . ALA A 1 192 ? 12.910  5.041   9.704   1.00 9.73  ? 192 ALA A C   1 
ATOM   1344 O  O   . ALA A 1 192 ? 13.916  5.669   9.444   1.00 10.27 ? 192 ALA A O   1 
ATOM   1345 C  CB  . ALA A 1 192 ? 11.388  6.236   8.086   1.00 8.77  ? 192 ALA A CB  1 
ATOM   1346 N  N   . GLY A 1 193 ? 12.681  4.528   10.912  1.00 10.15 ? 193 GLY A N   1 
ATOM   1347 C  CA  . GLY A 1 193 ? 13.678  4.553   11.977  1.00 10.61 ? 193 GLY A CA  1 
ATOM   1348 C  C   . GLY A 1 193 ? 13.749  5.847   12.779  1.00 11.52 ? 193 GLY A C   1 
ATOM   1349 O  O   . GLY A 1 193 ? 14.742  6.079   13.483  1.00 11.28 ? 193 GLY A O   1 
ATOM   1350 N  N   . GLN A 1 194 ? 12.696  6.667   12.717  1.00 11.86 ? 194 GLN A N   1 
ATOM   1351 C  CA  . GLN A 1 194 ? 12.748  8.027   13.292  1.00 13.42 ? 194 GLN A CA  1 
ATOM   1352 C  C   . GLN A 1 194 ? 12.406  8.166   14.774  1.00 14.98 ? 194 GLN A C   1 
ATOM   1353 O  O   . GLN A 1 194 ? 12.560  9.250   15.332  1.00 15.80 ? 194 GLN A O   1 
ATOM   1354 C  CB  . GLN A 1 194 ? 11.906  9.014   12.473  1.00 12.31 ? 194 GLN A CB  1 
ATOM   1355 C  CG  . GLN A 1 194 ? 12.332  9.079   11.038  1.00 10.96 ? 194 GLN A CG  1 
ATOM   1356 C  CD  . GLN A 1 194 ? 13.768  9.568   10.893  1.00 11.61 ? 194 GLN A CD  1 
ATOM   1357 O  OE1 . GLN A 1 194 ? 14.109  10.660  11.366  1.00 13.07 ? 194 GLN A OE1 1 
ATOM   1358 N  NE2 . GLN A 1 194 ? 14.615  8.771   10.224  1.00 9.31  ? 194 GLN A NE2 1 
ATOM   1359 N  N   . PHE A 1 195 ? 11.949  7.087   15.400  1.00 16.68 ? 195 PHE A N   1 
ATOM   1360 C  CA  . PHE A 1 195 ? 11.629  7.084   16.828  1.00 18.53 ? 195 PHE A CA  1 
ATOM   1361 C  C   . PHE A 1 195 ? 12.610  6.181   17.594  1.00 20.44 ? 195 PHE A C   1 
ATOM   1362 O  O   . PHE A 1 195 ? 12.460  5.949   18.792  1.00 20.69 ? 195 PHE A O   1 
ATOM   1363 C  CB  . PHE A 1 195 ? 10.181  6.622   17.065  1.00 18.14 ? 195 PHE A CB  1 
ATOM   1364 C  CG  . PHE A 1 195 ? 9.118   7.485   16.397  1.00 16.33 ? 195 PHE A CG  1 
ATOM   1365 C  CD1 . PHE A 1 195 ? 9.159   8.878   16.475  1.00 15.86 ? 195 PHE A CD1 1 
ATOM   1366 C  CD2 . PHE A 1 195 ? 8.051   6.889   15.728  1.00 15.26 ? 195 PHE A CD2 1 
ATOM   1367 C  CE1 . PHE A 1 195 ? 8.163   9.677   15.869  1.00 14.10 ? 195 PHE A CE1 1 
ATOM   1368 C  CE2 . PHE A 1 195 ? 7.041   7.673   15.126  1.00 14.73 ? 195 PHE A CE2 1 
ATOM   1369 C  CZ  . PHE A 1 195 ? 7.103   9.075   15.207  1.00 15.07 ? 195 PHE A CZ  1 
ATOM   1370 N  N   . THR A 1 196 ? 13.595  5.652   16.866  1.00 23.11 ? 196 THR A N   1 
ATOM   1371 C  CA  . THR A 1 196 ? 14.803  5.056   17.444  1.00 25.06 ? 196 THR A CA  1 
ATOM   1372 C  C   . THR A 1 196 ? 15.485  6.099   18.322  1.00 26.23 ? 196 THR A C   1 
ATOM   1373 O  O   . THR A 1 196 ? 15.677  7.249   17.920  1.00 26.37 ? 196 THR A O   1 
ATOM   1374 C  CB  . THR A 1 196 ? 15.803  4.587   16.327  1.00 25.01 ? 196 THR A CB  1 
ATOM   1375 O  OG1 . THR A 1 196 ? 15.308  3.393   15.714  1.00 25.80 ? 196 THR A OG1 1 
ATOM   1376 C  CG2 . THR A 1 196 ? 17.218  4.307   16.883  1.00 25.34 ? 196 THR A CG2 1 
ATOM   1377 N  N   . GLY A 1 197 ? 15.844  5.699   19.526  1.00 27.82 ? 197 GLY A N   1 
ATOM   1378 C  CA  . GLY A 1 197 ? 16.484  6.622   20.439  1.00 29.97 ? 197 GLY A CA  1 
ATOM   1379 C  C   . GLY A 1 197 ? 15.577  7.775   20.831  1.00 31.21 ? 197 GLY A C   1 
ATOM   1380 O  O   . GLY A 1 197 ? 16.056  8.812   21.260  1.00 31.57 ? 197 GLY A O   1 
HETATM 1381 N  N   . MSE A 1 198 ? 14.269  7.616   20.678  1.00 32.20 ? 198 MSE A N   1 
HETATM 1382 C  CA  . MSE A 1 198 ? 13.364  8.554   21.319  1.00 34.16 ? 198 MSE A CA  1 
HETATM 1383 C  C   . MSE A 1 198 ? 12.661  7.930   22.513  1.00 32.79 ? 198 MSE A C   1 
HETATM 1384 O  O   . MSE A 1 198 ? 11.990  8.627   23.265  1.00 33.38 ? 198 MSE A O   1 
HETATM 1385 C  CB  . MSE A 1 198 ? 12.376  9.163   20.337  1.00 34.12 ? 198 MSE A CB  1 
HETATM 1386 C  CG  . MSE A 1 198 ? 12.940  10.349  19.579  1.00 35.45 ? 198 MSE A CG  1 
HETATM 1387 SE SE  . MSE A 1 198 ? 11.562  11.393  18.637  1.00 40.70 ? 198 MSE A SE  1 
HETATM 1388 C  CE  . MSE A 1 198 ? 12.723  12.228  17.245  1.00 37.41 ? 198 MSE A CE  1 
ATOM   1389 N  N   . GLY A 1 199 ? 12.813  6.618   22.682  1.00 31.83 ? 199 GLY A N   1 
ATOM   1390 C  CA  . GLY A 1 199 ? 12.534  5.963   23.968  1.00 30.04 ? 199 GLY A CA  1 
ATOM   1391 C  C   . GLY A 1 199 ? 11.099  5.932   24.470  1.00 28.86 ? 199 GLY A C   1 
ATOM   1392 O  O   . GLY A 1 199 ? 10.825  5.377   25.533  1.00 29.13 ? 199 GLY A O   1 
ATOM   1393 N  N   . PHE A 1 200 ? 10.181  6.539   23.730  1.00 27.44 ? 200 PHE A N   1 
ATOM   1394 C  CA  . PHE A 1 200 ? 8.765   6.355   24.013  1.00 25.90 ? 200 PHE A CA  1 
ATOM   1395 C  C   . PHE A 1 200 ? 8.227   5.203   23.162  1.00 24.84 ? 200 PHE A C   1 
ATOM   1396 O  O   . PHE A 1 200 ? 8.951   4.640   22.330  1.00 24.16 ? 200 PHE A O   1 
ATOM   1397 C  CB  . PHE A 1 200 ? 7.964   7.651   23.815  1.00 25.81 ? 200 PHE A CB  1 
ATOM   1398 C  CG  . PHE A 1 200 ? 7.857   8.104   22.380  1.00 26.04 ? 200 PHE A CG  1 
ATOM   1399 C  CD1 . PHE A 1 200 ? 6.856   7.605   21.544  1.00 26.92 ? 200 PHE A CD1 1 
ATOM   1400 C  CD2 . PHE A 1 200 ? 8.731   9.053   21.871  1.00 25.64 ? 200 PHE A CD2 1 
ATOM   1401 C  CE1 . PHE A 1 200 ? 6.757   8.029   20.223  1.00 26.72 ? 200 PHE A CE1 1 
ATOM   1402 C  CE2 . PHE A 1 200 ? 8.630   9.484   20.552  1.00 24.99 ? 200 PHE A CE2 1 
ATOM   1403 C  CZ  . PHE A 1 200 ? 7.648   8.974   19.733  1.00 25.96 ? 200 PHE A CZ  1 
ATOM   1404 N  N   . ASP A 1 201 ? 6.962   4.863   23.385  1.00 23.44 ? 201 ASP A N   1 
ATOM   1405 C  CA  . ASP A 1 201 ? 6.341   3.731   22.751  1.00 22.24 ? 201 ASP A CA  1 
ATOM   1406 C  C   . ASP A 1 201 ? 5.447   4.254   21.651  1.00 22.28 ? 201 ASP A C   1 
ATOM   1407 O  O   . ASP A 1 201 ? 4.290   4.627   21.881  1.00 22.09 ? 201 ASP A O   1 
ATOM   1408 C  CB  . ASP A 1 201 ? 5.552   2.943   23.784  1.00 22.19 ? 201 ASP A CB  1 
ATOM   1409 C  CG  . ASP A 1 201 ? 4.999   1.644   23.250  1.00 21.20 ? 201 ASP A CG  1 
ATOM   1410 O  OD1 . ASP A 1 201 ? 5.172   1.326   22.059  1.00 21.13 ? 201 ASP A OD1 1 
ATOM   1411 O  OD2 . ASP A 1 201 ? 4.365   0.928   24.043  1.00 20.37 ? 201 ASP A OD2 1 
ATOM   1412 N  N   . SER A 1 202 ? 6.011   4.288   20.442  1.00 22.09 ? 202 SER A N   1 
ATOM   1413 C  CA  . SER A 1 202 ? 5.326   4.770   19.243  1.00 21.51 ? 202 SER A CA  1 
ATOM   1414 C  C   . SER A 1 202 ? 3.979   4.077   18.987  1.00 20.85 ? 202 SER A C   1 
ATOM   1415 O  O   . SER A 1 202 ? 3.085   4.689   18.419  1.00 21.20 ? 202 SER A O   1 
ATOM   1416 C  CB  . SER A 1 202 ? 6.231   4.625   18.018  1.00 21.79 ? 202 SER A CB  1 
ATOM   1417 O  OG  . SER A 1 202 ? 6.362   3.263   17.639  1.00 22.26 ? 202 SER A OG  1 
ATOM   1418 N  N   . ALA A 1 203 ? 3.836   2.819   19.410  1.00 19.48 ? 203 ALA A N   1 
ATOM   1419 C  CA  . ALA A 1 203 ? 2.547   2.136   19.346  1.00 18.38 ? 203 ALA A CA  1 
ATOM   1420 C  C   . ALA A 1 203 ? 1.466   2.901   20.131  1.00 17.62 ? 203 ALA A C   1 
ATOM   1421 O  O   . ALA A 1 203 ? 0.290   2.898   19.752  1.00 17.47 ? 203 ALA A O   1 
ATOM   1422 C  CB  . ALA A 1 203 ? 2.674   0.714   19.859  1.00 18.43 ? 203 ALA A CB  1 
ATOM   1423 N  N   . LEU A 1 204 ? 1.873   3.558   21.215  1.00 16.71 ? 204 LEU A N   1 
ATOM   1424 C  CA  . LEU A 1 204 ? 0.942   4.336   22.047  1.00 16.25 ? 204 LEU A CA  1 
ATOM   1425 C  C   . LEU A 1 204 ? 0.640   5.651   21.360  1.00 15.61 ? 204 LEU A C   1 
ATOM   1426 O  O   . LEU A 1 204 ? -0.519  6.070   21.324  1.00 15.10 ? 204 LEU A O   1 
ATOM   1427 C  CB  . LEU A 1 204 ? 1.486   4.568   23.463  1.00 15.91 ? 204 LEU A CB  1 
ATOM   1428 C  CG  . LEU A 1 204 ? 1.226   3.546   24.582  1.00 16.60 ? 204 LEU A CG  1 
ATOM   1429 C  CD1 . LEU A 1 204 ? 1.085   2.103   24.100  1.00 16.89 ? 204 LEU A CD1 1 
ATOM   1430 C  CD2 . LEU A 1 204 ? 2.304   3.644   25.675  1.00 16.51 ? 204 LEU A CD2 1 
ATOM   1431 N  N   . LEU A 1 205 ? 1.683   6.278   20.799  1.00 15.14 ? 205 LEU A N   1 
ATOM   1432 C  CA  . LEU A 1 205 ? 1.494   7.403   19.866  1.00 14.58 ? 205 LEU A CA  1 
ATOM   1433 C  C   . LEU A 1 205 ? 0.443   7.087   18.788  1.00 14.39 ? 205 LEU A C   1 
ATOM   1434 O  O   . LEU A 1 205 ? -0.483  7.873   18.569  1.00 14.36 ? 205 LEU A O   1 
ATOM   1435 C  CB  . LEU A 1 205 ? 2.814   7.858   19.227  1.00 13.96 ? 205 LEU A CB  1 
ATOM   1436 C  CG  . LEU A 1 205 ? 2.620   8.857   18.074  1.00 13.92 ? 205 LEU A CG  1 
ATOM   1437 C  CD1 . LEU A 1 205 ? 1.898   10.146  18.489  1.00 12.56 ? 205 LEU A CD1 1 
ATOM   1438 C  CD2 . LEU A 1 205 ? 3.930   9.173   17.363  1.00 14.13 ? 205 LEU A CD2 1 
ATOM   1439 N  N   . PHE A 1 206 ? 0.576   5.927   18.157  1.00 14.07 ? 206 PHE A N   1 
ATOM   1440 C  CA  . PHE A 1 206 ? -0.360  5.475   17.143  1.00 14.47 ? 206 PHE A CA  1 
ATOM   1441 C  C   . PHE A 1 206 ? -1.765  5.384   17.720  1.00 15.22 ? 206 PHE A C   1 
ATOM   1442 O  O   . PHE A 1 206 ? -2.713  5.883   17.100  1.00 15.40 ? 206 PHE A O   1 
ATOM   1443 C  CB  . PHE A 1 206 ? 0.092   4.116   16.578  1.00 14.07 ? 206 PHE A CB  1 
ATOM   1444 C  CG  . PHE A 1 206 ? -0.791  3.582   15.478  1.00 13.58 ? 206 PHE A CG  1 
ATOM   1445 C  CD1 . PHE A 1 206 ? -2.003  2.946   15.774  1.00 11.76 ? 206 PHE A CD1 1 
ATOM   1446 C  CD2 . PHE A 1 206 ? -0.403  3.692   14.147  1.00 11.92 ? 206 PHE A CD2 1 
ATOM   1447 C  CE1 . PHE A 1 206 ? -2.819  2.432   14.742  1.00 11.25 ? 206 PHE A CE1 1 
ATOM   1448 C  CE2 . PHE A 1 206 ? -1.225  3.189   13.100  1.00 11.20 ? 206 PHE A CE2 1 
ATOM   1449 C  CZ  . PHE A 1 206 ? -2.428  2.554   13.404  1.00 11.28 ? 206 PHE A CZ  1 
ATOM   1450 N  N   . GLU A 1 207 ? -1.896  4.752   18.894  1.00 15.84 ? 207 GLU A N   1 
ATOM   1451 C  CA  . GLU A 1 207 ? -3.174  4.712   19.626  1.00 16.94 ? 207 GLU A CA  1 
ATOM   1452 C  C   . GLU A 1 207 ? -3.749  6.094   19.904  1.00 17.28 ? 207 GLU A C   1 
ATOM   1453 O  O   . GLU A 1 207 ? -4.968  6.294   19.775  1.00 17.41 ? 207 GLU A O   1 
ATOM   1454 C  CB  . GLU A 1 207 ? -3.069  3.977   20.975  1.00 16.96 ? 207 GLU A CB  1 
ATOM   1455 C  CG  . GLU A 1 207 ? -3.079  2.472   20.914  1.00 18.10 ? 207 GLU A CG  1 
ATOM   1456 C  CD  . GLU A 1 207 ? -4.127  1.928   19.977  1.00 20.07 ? 207 GLU A CD  1 
ATOM   1457 O  OE1 . GLU A 1 207 ? -5.335  1.940   20.321  1.00 21.10 ? 207 GLU A OE1 1 
ATOM   1458 O  OE2 . GLU A 1 207 ? -3.726  1.481   18.886  1.00 20.35 ? 207 GLU A OE2 1 
ATOM   1459 N  N   . ALA A 1 208 ? -2.885  7.018   20.332  1.00 17.21 ? 208 ALA A N   1 
ATOM   1460 C  CA  . ALA A 1 208 ? -3.314  8.376   20.621  1.00 17.81 ? 208 ALA A CA  1 
ATOM   1461 C  C   . ALA A 1 208 ? -3.866  9.030   19.351  1.00 18.71 ? 208 ALA A C   1 
ATOM   1462 O  O   . ALA A 1 208 ? -4.982  9.555   19.358  1.00 19.08 ? 208 ALA A O   1 
ATOM   1463 C  CB  . ALA A 1 208 ? -2.187  9.186   21.200  1.00 17.35 ? 208 ALA A CB  1 
ATOM   1464 N  N   . GLU A 1 209 ? -3.107  8.966   18.258  1.00 19.17 ? 209 GLU A N   1 
ATOM   1465 C  CA  . GLU A 1 209 ? -3.521  9.583   16.999  1.00 20.03 ? 209 GLU A CA  1 
ATOM   1466 C  C   . GLU A 1 209 ? -4.829  9.018   16.474  1.00 21.07 ? 209 GLU A C   1 
ATOM   1467 O  O   . GLU A 1 209 ? -5.653  9.754   15.950  1.00 20.61 ? 209 GLU A O   1 
ATOM   1468 C  CB  . GLU A 1 209 ? -2.420  9.465   15.947  1.00 19.36 ? 209 GLU A CB  1 
ATOM   1469 C  CG  . GLU A 1 209 ? -1.300  10.462  16.147  1.00 17.98 ? 209 GLU A CG  1 
ATOM   1470 C  CD  . GLU A 1 209 ? -1.764  11.886  15.948  1.00 18.63 ? 209 GLU A CD  1 
ATOM   1471 O  OE1 . GLU A 1 209 ? -1.908  12.307  14.788  1.00 19.29 ? 209 GLU A OE1 1 
ATOM   1472 O  OE2 . GLU A 1 209 ? -1.999  12.598  16.946  1.00 18.47 ? 209 GLU A OE2 1 
ATOM   1473 N  N   . LEU A 1 210 ? -5.006  7.709   16.632  1.00 22.92 ? 210 LEU A N   1 
ATOM   1474 C  CA  . LEU A 1 210 ? -6.239  7.041   16.266  1.00 24.57 ? 210 LEU A CA  1 
ATOM   1475 C  C   . LEU A 1 210 ? -7.385  7.581   17.112  1.00 26.61 ? 210 LEU A C   1 
ATOM   1476 O  O   . LEU A 1 210 ? -8.393  8.038   16.584  1.00 26.70 ? 210 LEU A O   1 
ATOM   1477 C  CB  . LEU A 1 210 ? -6.095  5.527   16.453  1.00 24.36 ? 210 LEU A CB  1 
ATOM   1478 C  CG  . LEU A 1 210 ? -7.349  4.634   16.456  1.00 23.94 ? 210 LEU A CG  1 
ATOM   1479 C  CD1 . LEU A 1 210 ? -8.128  4.699   15.134  1.00 22.34 ? 210 LEU A CD1 1 
ATOM   1480 C  CD2 . LEU A 1 210 ? -6.941  3.211   16.761  1.00 23.86 ? 210 LEU A CD2 1 
ATOM   1481 N  N   . LYS A 1 211 ? -7.216  7.538   18.427  1.00 29.18 ? 211 LYS A N   1 
ATOM   1482 C  CA  . LYS A 1 211 ? -8.251  7.975   19.350  1.00 32.09 ? 211 LYS A CA  1 
ATOM   1483 C  C   . LYS A 1 211 ? -8.685  9.404   18.984  1.00 33.83 ? 211 LYS A C   1 
ATOM   1484 O  O   . LYS A 1 211 ? -9.853  9.641   18.697  1.00 34.17 ? 211 LYS A O   1 
ATOM   1485 C  CB  . LYS A 1 211 ? -7.744  7.884   20.794  1.00 31.88 ? 211 LYS A CB  1 
ATOM   1486 C  CG  . LYS A 1 211 ? -8.661  7.125   21.735  1.00 32.66 ? 211 LYS A CG  1 
ATOM   1487 C  CD  . LYS A 1 211 ? -8.145  7.107   23.186  1.00 32.65 ? 211 LYS A CD  1 
ATOM   1488 C  CE  . LYS A 1 211 ? -7.272  5.873   23.487  1.00 32.87 ? 211 LYS A CE  1 
ATOM   1489 N  NZ  . LYS A 1 211 ? -5.841  6.018   23.066  1.00 32.71 ? 211 LYS A NZ  1 
ATOM   1490 N  N   . ASP A 1 212 ? -7.718  10.323  18.956  1.00 36.21 ? 212 ASP A N   1 
ATOM   1491 C  CA  . ASP A 1 212 ? -7.878  11.740  18.575  1.00 38.40 ? 212 ASP A CA  1 
ATOM   1492 C  C   . ASP A 1 212 ? -8.673  11.952  17.281  1.00 40.33 ? 212 ASP A C   1 
ATOM   1493 O  O   . ASP A 1 212 ? -9.264  13.009  17.048  1.00 40.39 ? 212 ASP A O   1 
ATOM   1494 C  CB  . ASP A 1 212 ? -6.476  12.324  18.384  1.00 38.16 ? 212 ASP A CB  1 
ATOM   1495 C  CG  . ASP A 1 212 ? -6.408  13.814  18.621  1.00 37.77 ? 212 ASP A CG  1 
ATOM   1496 O  OD1 . ASP A 1 212 ? -7.092  14.583  17.910  1.00 37.64 ? 212 ASP A OD1 1 
ATOM   1497 O  OD2 . ASP A 1 212 ? -5.619  14.216  19.497  1.00 36.15 ? 212 ASP A OD2 1 
ATOM   1498 N  N   . LEU A 1 213 ? -8.666  10.927  16.443  1.00 42.91 ? 213 LEU A N   1 
ATOM   1499 C  CA  . LEU A 1 213 ? -9.199  10.998  15.096  1.00 45.49 ? 213 LEU A CA  1 
ATOM   1500 C  C   . LEU A 1 213 ? -10.623 10.458  15.064  1.00 47.60 ? 213 LEU A C   1 
ATOM   1501 O  O   . LEU A 1 213 ? -11.467 10.935  14.303  1.00 47.53 ? 213 LEU A O   1 
ATOM   1502 C  CB  . LEU A 1 213 ? -8.280  10.180  14.193  1.00 45.07 ? 213 LEU A CB  1 
ATOM   1503 C  CG  . LEU A 1 213 ? -8.577  9.773   12.761  1.00 44.83 ? 213 LEU A CG  1 
ATOM   1504 C  CD1 . LEU A 1 213 ? -8.566  10.972  11.824  1.00 43.96 ? 213 LEU A CD1 1 
ATOM   1505 C  CD2 . LEU A 1 213 ? -7.502  8.772   12.387  1.00 44.25 ? 213 LEU A CD2 1 
ATOM   1506 N  N   . LEU A 1 214 ? -10.868 9.464   15.911  1.00 50.49 ? 214 LEU A N   1 
ATOM   1507 C  CA  . LEU A 1 214 ? -12.154 8.809   16.019  1.00 53.50 ? 214 LEU A CA  1 
ATOM   1508 C  C   . LEU A 1 214 ? -13.168 9.770   16.670  1.00 56.08 ? 214 LEU A C   1 
ATOM   1509 O  O   . LEU A 1 214 ? -13.062 10.080  17.864  1.00 55.99 ? 214 LEU A O   1 
ATOM   1510 C  CB  . LEU A 1 214 ? -11.986 7.525   16.836  1.00 53.15 ? 214 LEU A CB  1 
ATOM   1511 C  CG  . LEU A 1 214 ? -12.511 6.196   16.289  1.00 52.89 ? 214 LEU A CG  1 
ATOM   1512 C  CD1 . LEU A 1 214 ? -11.750 5.037   16.919  1.00 51.70 ? 214 LEU A CD1 1 
ATOM   1513 C  CD2 . LEU A 1 214 ? -14.023 6.052   16.517  1.00 53.42 ? 214 LEU A CD2 1 
ATOM   1514 N  N   . GLY A 1 215 ? -14.118 10.249  15.856  1.00 59.26 ? 215 GLY A N   1 
ATOM   1515 C  CA  . GLY A 1 215 ? -15.178 11.207  16.248  1.00 63.24 ? 215 GLY A CA  1 
ATOM   1516 C  C   . GLY A 1 215 ? -14.784 12.298  17.236  1.00 66.38 ? 215 GLY A C   1 
ATOM   1517 O  O   . GLY A 1 215 ? -15.356 12.358  18.331  1.00 66.10 ? 215 GLY A O   1 
ATOM   1518 N  N   . PRO A 1 216 ? -13.852 13.203  16.841  1.00 69.20 ? 216 PRO A N   1 
ATOM   1519 C  CA  . PRO A 1 216 ? -13.127 13.962  17.877  1.00 70.75 ? 216 PRO A CA  1 
ATOM   1520 C  C   . PRO A 1 216 ? -13.952 15.140  18.426  1.00 71.80 ? 216 PRO A C   1 
ATOM   1521 O  O   . PRO A 1 216 ? -14.420 16.007  17.658  1.00 72.22 ? 216 PRO A O   1 
ATOM   1522 C  CB  . PRO A 1 216 ? -11.865 14.461  17.141  1.00 71.11 ? 216 PRO A CB  1 
ATOM   1523 C  CG  . PRO A 1 216 ? -12.316 14.628  15.678  1.00 71.03 ? 216 PRO A CG  1 
ATOM   1524 C  CD  . PRO A 1 216 ? -13.490 13.644  15.469  1.00 69.59 ? 216 PRO A CD  1 
ATOM   1525 O  OXT . PRO A 1 216 ? -14.157 15.225  19.655  1.00 72.47 ? 216 PRO A OXT 1 
HETATM 1526 O  O   . HOH B 2 .   ? -12.797 21.319  6.277   1.00 38.97 ? 217 HOH A O   1 
HETATM 1527 O  O   . HOH B 2 .   ? -1.992  13.952  8.732   1.00 45.84 ? 218 HOH A O   1 
HETATM 1528 O  O   . HOH B 2 .   ? 3.455   -3.987  4.357   1.00 45.64 ? 219 HOH A O   1 
HETATM 1529 O  O   . HOH B 2 .   ? -3.439  -7.248  8.296   1.00 42.37 ? 220 HOH A O   1 
HETATM 1530 O  O   . HOH B 2 .   ? 11.052  -1.415  -0.168  1.00 39.16 ? 221 HOH A O   1 
HETATM 1531 O  O   . HOH B 2 .   ? 4.765   -1.490  -16.525 1.00 46.65 ? 222 HOH A O   1 
HETATM 1532 O  O   . HOH B 2 .   ? 8.530   -8.160  0.970   1.00 47.87 ? 223 HOH A O   1 
HETATM 1533 O  O   . HOH B 2 .   ? 18.391  -7.308  -16.371 1.00 49.79 ? 224 HOH A O   1 
HETATM 1534 O  O   . HOH B 2 .   ? -2.522  6.017   -1.094  1.00 42.84 ? 225 HOH A O   1 
HETATM 1535 O  O   . HOH B 2 .   ? 14.803  6.282   6.572   1.00 46.87 ? 226 HOH A O   1 
HETATM 1536 O  O   . HOH B 2 .   ? -0.888  -26.730 -20.712 1.00 48.71 ? 227 HOH A O   1 
HETATM 1537 O  O   . HOH B 2 .   ? 5.039   6.547   -11.007 1.00 55.26 ? 228 HOH A O   1 
HETATM 1538 O  O   . HOH B 2 .   ? -20.986 25.811  9.029   1.00 69.98 ? 229 HOH A O   1 
HETATM 1539 O  O   . HOH B 2 .   ? 7.941   4.592   -7.646  1.00 49.65 ? 230 HOH A O   1 
HETATM 1540 O  O   . HOH B 2 .   ? -5.045  -7.183  10.431  1.00 60.19 ? 231 HOH A O   1 
HETATM 1541 O  O   . HOH B 2 .   ? -5.486  12.008  15.010  1.00 55.79 ? 232 HOH A O   1 
HETATM 1542 O  O   . HOH B 2 .   ? 9.416   -22.328 -5.558  1.00 55.30 ? 233 HOH A O   1 
HETATM 1543 O  O   . HOH B 2 .   ? 3.509   -25.765 -19.825 1.00 56.39 ? 234 HOH A O   1 
HETATM 1544 O  O   . HOH B 2 .   ? 4.309   -15.183 -17.776 1.00 59.79 ? 235 HOH A O   1 
HETATM 1545 O  O   . HOH B 2 .   ? 19.224  -11.247 -2.885  1.00 65.84 ? 236 HOH A O   1 
HETATM 1546 O  O   . HOH B 2 .   ? -19.758 -6.514  14.113  1.00 57.40 ? 237 HOH A O   1 
HETATM 1547 O  O   . HOH B 2 .   ? 0.043   -19.740 -14.946 1.00 50.92 ? 238 HOH A O   1 
HETATM 1548 O  O   . HOH B 2 .   ? 3.415   -6.061  -15.490 1.00 61.08 ? 239 HOH A O   1 
HETATM 1549 O  O   . HOH B 2 .   ? -1.242  -9.583  -3.383  1.00 65.95 ? 240 HOH A O   1 
HETATM 1550 O  O   . HOH B 2 .   ? 14.194  4.515   -16.482 1.00 58.61 ? 241 HOH A O   1 
HETATM 1551 O  O   . HOH B 2 .   ? 3.004   -11.306 -11.626 1.00 52.46 ? 242 HOH A O   1 
HETATM 1552 O  O   . HOH B 2 .   ? -7.915  -6.996  8.863   1.00 58.93 ? 243 HOH A O   1 
HETATM 1553 O  O   . HOH B 2 .   ? -9.171  -10.206 2.765   1.00 58.12 ? 244 HOH A O   1 
HETATM 1554 O  O   . HOH B 2 .   ? 4.105   7.705   1.822   1.00 52.46 ? 245 HOH A O   1 
HETATM 1555 O  O   . HOH B 2 .   ? -11.551 8.758   21.313  1.00 63.15 ? 246 HOH A O   1 
HETATM 1556 O  O   . HOH B 2 .   ? 5.630   -20.267 -6.650  1.00 58.06 ? 247 HOH A O   1 
HETATM 1557 O  O   . HOH B 2 .   ? 5.175   -7.071  -22.701 1.00 65.45 ? 248 HOH A O   1 
HETATM 1558 O  O   . HOH B 2 .   ? -1.285  0.499   18.701  1.00 59.45 ? 249 HOH A O   1 
HETATM 1559 O  O   . HOH B 2 .   ? -3.853  -16.343 -20.038 1.00 64.34 ? 250 HOH A O   1 
HETATM 1560 O  O   . HOH B 2 .   ? -7.633  0.992   20.023  1.00 73.23 ? 251 HOH A O   1 
HETATM 1561 O  O   . HOH B 2 .   ? -3.157  -8.344  3.772   1.00 60.97 ? 252 HOH A O   1 
HETATM 1562 O  O   . HOH B 2 .   ? -8.465  6.476   -4.280  1.00 64.52 ? 253 HOH A O   1 
HETATM 1563 O  O   . HOH B 2 .   ? -4.487  -12.038 -4.143  1.00 69.98 ? 254 HOH A O   1 
HETATM 1564 O  O   . HOH B 2 .   ? -20.567 4.030   3.889   1.00 63.31 ? 255 HOH A O   1 
HETATM 1565 O  O   . HOH B 2 .   ? -22.043 13.191  -8.140  1.00 61.49 ? 256 HOH A O   1 
HETATM 1566 O  O   . HOH B 2 .   ? 7.177   0.360   20.101  1.00 76.84 ? 257 HOH A O   1 
HETATM 1567 O  O   . HOH B 2 .   ? -0.846  -21.636 -22.141 1.00 66.95 ? 258 HOH A O   1 
HETATM 1568 O  O   . HOH B 2 .   ? -21.562 16.163  12.369  1.00 71.93 ? 259 HOH A O   1 
# 
